data_1TCF
# 
_entry.id   1TCF 
# 
_audit_conform.dict_name       mmcif_pdbx.dic 
_audit_conform.dict_version    5.386 
_audit_conform.dict_location   http://mmcif.pdb.org/dictionaries/ascii/mmcif_pdbx.dic 
# 
loop_
_database_2.database_id 
_database_2.database_code 
_database_2.pdbx_database_accession 
_database_2.pdbx_DOI 
PDB   1TCF         pdb_00001tcf 10.2210/pdb1tcf/pdb 
WWPDB D_1000176612 ?            ?                   
# 
loop_
_pdbx_audit_revision_history.ordinal 
_pdbx_audit_revision_history.data_content_type 
_pdbx_audit_revision_history.major_revision 
_pdbx_audit_revision_history.minor_revision 
_pdbx_audit_revision_history.revision_date 
1 'Structure model' 1 0 1998-05-27 
2 'Structure model' 1 1 2008-03-03 
3 'Structure model' 1 2 2011-07-13 
4 'Structure model' 1 3 2021-11-03 
5 'Structure model' 1 4 2024-02-14 
# 
_pdbx_audit_revision_details.ordinal             1 
_pdbx_audit_revision_details.revision_ordinal    1 
_pdbx_audit_revision_details.data_content_type   'Structure model' 
_pdbx_audit_revision_details.provider            repository 
_pdbx_audit_revision_details.type                'Initial release' 
_pdbx_audit_revision_details.description         ? 
_pdbx_audit_revision_details.details             ? 
# 
loop_
_pdbx_audit_revision_group.ordinal 
_pdbx_audit_revision_group.revision_ordinal 
_pdbx_audit_revision_group.data_content_type 
_pdbx_audit_revision_group.group 
1 2 'Structure model' 'Version format compliance' 
2 3 'Structure model' 'Version format compliance' 
3 4 'Structure model' 'Database references'       
4 4 'Structure model' 'Derived calculations'      
5 4 'Structure model' Other                       
6 5 'Structure model' 'Data collection'           
# 
loop_
_pdbx_audit_revision_category.ordinal 
_pdbx_audit_revision_category.revision_ordinal 
_pdbx_audit_revision_category.data_content_type 
_pdbx_audit_revision_category.category 
1 4 'Structure model' database_2             
2 4 'Structure model' pdbx_database_status   
3 4 'Structure model' pdbx_struct_conn_angle 
4 4 'Structure model' struct_conn            
5 4 'Structure model' struct_ref_seq_dif     
6 4 'Structure model' struct_site            
7 5 'Structure model' chem_comp_atom         
8 5 'Structure model' chem_comp_bond         
# 
loop_
_pdbx_audit_revision_item.ordinal 
_pdbx_audit_revision_item.revision_ordinal 
_pdbx_audit_revision_item.data_content_type 
_pdbx_audit_revision_item.item 
1  4 'Structure model' '_database_2.pdbx_DOI'                        
2  4 'Structure model' '_database_2.pdbx_database_accession'         
3  4 'Structure model' '_pdbx_database_status.process_site'          
4  4 'Structure model' '_pdbx_struct_conn_angle.ptnr1_auth_comp_id'  
5  4 'Structure model' '_pdbx_struct_conn_angle.ptnr1_auth_seq_id'   
6  4 'Structure model' '_pdbx_struct_conn_angle.ptnr1_label_atom_id' 
7  4 'Structure model' '_pdbx_struct_conn_angle.ptnr1_label_comp_id' 
8  4 'Structure model' '_pdbx_struct_conn_angle.ptnr1_label_seq_id'  
9  4 'Structure model' '_pdbx_struct_conn_angle.ptnr3_auth_comp_id'  
10 4 'Structure model' '_pdbx_struct_conn_angle.ptnr3_auth_seq_id'   
11 4 'Structure model' '_pdbx_struct_conn_angle.ptnr3_label_atom_id' 
12 4 'Structure model' '_pdbx_struct_conn_angle.ptnr3_label_comp_id' 
13 4 'Structure model' '_pdbx_struct_conn_angle.ptnr3_label_seq_id'  
14 4 'Structure model' '_pdbx_struct_conn_angle.value'               
15 4 'Structure model' '_struct_conn.pdbx_dist_value'                
16 4 'Structure model' '_struct_conn.ptnr1_auth_comp_id'             
17 4 'Structure model' '_struct_conn.ptnr1_auth_seq_id'              
18 4 'Structure model' '_struct_conn.ptnr1_label_asym_id'            
19 4 'Structure model' '_struct_conn.ptnr1_label_atom_id'            
20 4 'Structure model' '_struct_conn.ptnr1_label_comp_id'            
21 4 'Structure model' '_struct_conn.ptnr1_label_seq_id'             
22 4 'Structure model' '_struct_conn.ptnr2_auth_comp_id'             
23 4 'Structure model' '_struct_conn.ptnr2_auth_seq_id'              
24 4 'Structure model' '_struct_conn.ptnr2_label_asym_id'            
25 4 'Structure model' '_struct_conn.ptnr2_label_atom_id'            
26 4 'Structure model' '_struct_conn.ptnr2_label_comp_id'            
27 4 'Structure model' '_struct_conn.ptnr2_label_seq_id'             
28 4 'Structure model' '_struct_ref_seq_dif.details'                 
29 4 'Structure model' '_struct_site.pdbx_auth_asym_id'              
30 4 'Structure model' '_struct_site.pdbx_auth_comp_id'              
31 4 'Structure model' '_struct_site.pdbx_auth_seq_id'               
# 
_pdbx_database_status.status_code                     REL 
_pdbx_database_status.entry_id                        1TCF 
_pdbx_database_status.recvd_initial_deposition_date   1998-03-04 
_pdbx_database_status.deposit_site                    ? 
_pdbx_database_status.process_site                    BNL 
_pdbx_database_status.status_code_sf                  REL 
_pdbx_database_status.status_code_mr                  ? 
_pdbx_database_status.SG_entry                        ? 
_pdbx_database_status.pdb_format_compatible           Y 
_pdbx_database_status.status_code_cs                  ? 
_pdbx_database_status.status_code_nmr_data            ? 
_pdbx_database_status.methods_development_category    ? 
# 
loop_
_audit_author.name 
_audit_author.pdbx_ordinal 
'Soman, J.'          1 
'Phillips Jr., G.N.' 2 
# 
_citation.id                        primary 
_citation.title                     'Conformational variation of calcium-bound troponin C.' 
_citation.journal_abbrev            Proteins 
_citation.journal_volume            37 
_citation.page_first                510 
_citation.page_last                 511 
_citation.year                      1999 
_citation.journal_id_ASTM           PSFGEY 
_citation.country                   US 
_citation.journal_id_ISSN           0887-3585 
_citation.journal_id_CSD            0867 
_citation.book_publisher            ? 
_citation.pdbx_database_id_PubMed   10651267 
_citation.pdbx_database_id_DOI      '10.1002/(SICI)1097-0134(19991201)37:4<510::AID-PROT2>3.3.CO;2-K' 
# 
loop_
_citation_author.citation_id 
_citation_author.name 
_citation_author.ordinal 
_citation_author.identifier_ORCID 
primary 'Soman, J.'         1 ? 
primary 'Tao, T.'           2 ? 
primary 'Phillips Jr, G.N.' 3 ? 
# 
loop_
_entity.id 
_entity.type 
_entity.src_method 
_entity.pdbx_description 
_entity.formula_weight 
_entity.pdbx_number_of_molecules 
_entity.pdbx_ec 
_entity.pdbx_mutation 
_entity.pdbx_fragment 
_entity.details 
1 polymer     man 'TROPONIN C'  17991.801 1   ? 'INITIATOR MET, C98L' ? ? 
2 non-polymer syn 'CALCIUM ION' 40.078    5   ? ?                     ? ? 
3 water       nat water         18.015    197 ? ?                     ? ? 
# 
_entity_poly.entity_id                      1 
_entity_poly.type                           'polypeptide(L)' 
_entity_poly.nstd_linkage                   no 
_entity_poly.nstd_monomer                   no 
_entity_poly.pdbx_seq_one_letter_code       
;TDQQAEARSYLSEEMIAEFKAAFDMFDADGGGDISVKELGTVMRMLGQTPTKEELDAIIEEVDEDGSGTIDFEEFLVMMV
RQMKEDAKGKSEEELAELFRIFDRNADGYIDAEELAEIFRASGEHVTDEEIESLMKDGDKNNDGRIDFDEFLKMMEGVQ
;
_entity_poly.pdbx_seq_one_letter_code_can   
;TDQQAEARSYLSEEMIAEFKAAFDMFDADGGGDISVKELGTVMRMLGQTPTKEELDAIIEEVDEDGSGTIDFEEFLVMMV
RQMKEDAKGKSEEELAELFRIFDRNADGYIDAEELAEIFRASGEHVTDEEIESLMKDGDKNNDGRIDFDEFLKMMEGVQ
;
_entity_poly.pdbx_strand_id                 A 
_entity_poly.pdbx_target_identifier         ? 
# 
loop_
_pdbx_entity_nonpoly.entity_id 
_pdbx_entity_nonpoly.name 
_pdbx_entity_nonpoly.comp_id 
2 'CALCIUM ION' CA  
3 water         HOH 
# 
loop_
_entity_poly_seq.entity_id 
_entity_poly_seq.num 
_entity_poly_seq.mon_id 
_entity_poly_seq.hetero 
1 1   THR n 
1 2   ASP n 
1 3   GLN n 
1 4   GLN n 
1 5   ALA n 
1 6   GLU n 
1 7   ALA n 
1 8   ARG n 
1 9   SER n 
1 10  TYR n 
1 11  LEU n 
1 12  SER n 
1 13  GLU n 
1 14  GLU n 
1 15  MET n 
1 16  ILE n 
1 17  ALA n 
1 18  GLU n 
1 19  PHE n 
1 20  LYS n 
1 21  ALA n 
1 22  ALA n 
1 23  PHE n 
1 24  ASP n 
1 25  MET n 
1 26  PHE n 
1 27  ASP n 
1 28  ALA n 
1 29  ASP n 
1 30  GLY n 
1 31  GLY n 
1 32  GLY n 
1 33  ASP n 
1 34  ILE n 
1 35  SER n 
1 36  VAL n 
1 37  LYS n 
1 38  GLU n 
1 39  LEU n 
1 40  GLY n 
1 41  THR n 
1 42  VAL n 
1 43  MET n 
1 44  ARG n 
1 45  MET n 
1 46  LEU n 
1 47  GLY n 
1 48  GLN n 
1 49  THR n 
1 50  PRO n 
1 51  THR n 
1 52  LYS n 
1 53  GLU n 
1 54  GLU n 
1 55  LEU n 
1 56  ASP n 
1 57  ALA n 
1 58  ILE n 
1 59  ILE n 
1 60  GLU n 
1 61  GLU n 
1 62  VAL n 
1 63  ASP n 
1 64  GLU n 
1 65  ASP n 
1 66  GLY n 
1 67  SER n 
1 68  GLY n 
1 69  THR n 
1 70  ILE n 
1 71  ASP n 
1 72  PHE n 
1 73  GLU n 
1 74  GLU n 
1 75  PHE n 
1 76  LEU n 
1 77  VAL n 
1 78  MET n 
1 79  MET n 
1 80  VAL n 
1 81  ARG n 
1 82  GLN n 
1 83  MET n 
1 84  LYS n 
1 85  GLU n 
1 86  ASP n 
1 87  ALA n 
1 88  LYS n 
1 89  GLY n 
1 90  LYS n 
1 91  SER n 
1 92  GLU n 
1 93  GLU n 
1 94  GLU n 
1 95  LEU n 
1 96  ALA n 
1 97  GLU n 
1 98  LEU n 
1 99  PHE n 
1 100 ARG n 
1 101 ILE n 
1 102 PHE n 
1 103 ASP n 
1 104 ARG n 
1 105 ASN n 
1 106 ALA n 
1 107 ASP n 
1 108 GLY n 
1 109 TYR n 
1 110 ILE n 
1 111 ASP n 
1 112 ALA n 
1 113 GLU n 
1 114 GLU n 
1 115 LEU n 
1 116 ALA n 
1 117 GLU n 
1 118 ILE n 
1 119 PHE n 
1 120 ARG n 
1 121 ALA n 
1 122 SER n 
1 123 GLY n 
1 124 GLU n 
1 125 HIS n 
1 126 VAL n 
1 127 THR n 
1 128 ASP n 
1 129 GLU n 
1 130 GLU n 
1 131 ILE n 
1 132 GLU n 
1 133 SER n 
1 134 LEU n 
1 135 MET n 
1 136 LYS n 
1 137 ASP n 
1 138 GLY n 
1 139 ASP n 
1 140 LYS n 
1 141 ASN n 
1 142 ASN n 
1 143 ASP n 
1 144 GLY n 
1 145 ARG n 
1 146 ILE n 
1 147 ASP n 
1 148 PHE n 
1 149 ASP n 
1 150 GLU n 
1 151 PHE n 
1 152 LEU n 
1 153 LYS n 
1 154 MET n 
1 155 MET n 
1 156 GLU n 
1 157 GLY n 
1 158 VAL n 
1 159 GLN n 
# 
_entity_src_gen.entity_id                          1 
_entity_src_gen.pdbx_src_id                        1 
_entity_src_gen.pdbx_alt_source_flag               sample 
_entity_src_gen.pdbx_seq_type                      ? 
_entity_src_gen.pdbx_beg_seq_num                   ? 
_entity_src_gen.pdbx_end_seq_num                   ? 
_entity_src_gen.gene_src_common_name               rabbit 
_entity_src_gen.gene_src_genus                     Oryctolagus 
_entity_src_gen.pdbx_gene_src_gene                 ? 
_entity_src_gen.gene_src_species                   ? 
_entity_src_gen.gene_src_strain                    ? 
_entity_src_gen.gene_src_tissue                    ? 
_entity_src_gen.gene_src_tissue_fraction           ? 
_entity_src_gen.gene_src_details                   ? 
_entity_src_gen.pdbx_gene_src_fragment             ? 
_entity_src_gen.pdbx_gene_src_scientific_name      'Oryctolagus cuniculus' 
_entity_src_gen.pdbx_gene_src_ncbi_taxonomy_id     9986 
_entity_src_gen.pdbx_gene_src_variant              ? 
_entity_src_gen.pdbx_gene_src_cell_line            ? 
_entity_src_gen.pdbx_gene_src_atcc                 ? 
_entity_src_gen.pdbx_gene_src_organ                ? 
_entity_src_gen.pdbx_gene_src_organelle            ? 
_entity_src_gen.pdbx_gene_src_cell                 ? 
_entity_src_gen.pdbx_gene_src_cellular_location    ? 
_entity_src_gen.host_org_common_name               ? 
_entity_src_gen.pdbx_host_org_scientific_name      'Escherichia coli' 
_entity_src_gen.pdbx_host_org_ncbi_taxonomy_id     562 
_entity_src_gen.host_org_genus                     Escherichia 
_entity_src_gen.pdbx_host_org_gene                 ? 
_entity_src_gen.pdbx_host_org_organ                ? 
_entity_src_gen.host_org_species                   ? 
_entity_src_gen.pdbx_host_org_tissue               ? 
_entity_src_gen.pdbx_host_org_tissue_fraction      ? 
_entity_src_gen.pdbx_host_org_strain               ? 
_entity_src_gen.pdbx_host_org_variant              ? 
_entity_src_gen.pdbx_host_org_cell_line            ? 
_entity_src_gen.pdbx_host_org_atcc                 ? 
_entity_src_gen.pdbx_host_org_culture_collection   ? 
_entity_src_gen.pdbx_host_org_cell                 ? 
_entity_src_gen.pdbx_host_org_organelle            ? 
_entity_src_gen.pdbx_host_org_cellular_location    ? 
_entity_src_gen.pdbx_host_org_vector_type          ? 
_entity_src_gen.pdbx_host_org_vector               ? 
_entity_src_gen.host_org_details                   ? 
_entity_src_gen.expression_system_id               ? 
_entity_src_gen.plasmid_name                       ? 
_entity_src_gen.plasmid_details                    ? 
_entity_src_gen.pdbx_description                   ? 
# 
loop_
_chem_comp.id 
_chem_comp.type 
_chem_comp.mon_nstd_flag 
_chem_comp.name 
_chem_comp.pdbx_synonyms 
_chem_comp.formula 
_chem_comp.formula_weight 
ALA 'L-peptide linking' y ALANINE         ? 'C3 H7 N O2'     89.093  
ARG 'L-peptide linking' y ARGININE        ? 'C6 H15 N4 O2 1' 175.209 
ASN 'L-peptide linking' y ASPARAGINE      ? 'C4 H8 N2 O3'    132.118 
ASP 'L-peptide linking' y 'ASPARTIC ACID' ? 'C4 H7 N O4'     133.103 
CA  non-polymer         . 'CALCIUM ION'   ? 'Ca 2'           40.078  
CYS 'L-peptide linking' y CYSTEINE        ? 'C3 H7 N O2 S'   121.158 
GLN 'L-peptide linking' y GLUTAMINE       ? 'C5 H10 N2 O3'   146.144 
GLU 'L-peptide linking' y 'GLUTAMIC ACID' ? 'C5 H9 N O4'     147.129 
GLY 'peptide linking'   y GLYCINE         ? 'C2 H5 N O2'     75.067  
HIS 'L-peptide linking' y HISTIDINE       ? 'C6 H10 N3 O2 1' 156.162 
HOH non-polymer         . WATER           ? 'H2 O'           18.015  
ILE 'L-peptide linking' y ISOLEUCINE      ? 'C6 H13 N O2'    131.173 
LEU 'L-peptide linking' y LEUCINE         ? 'C6 H13 N O2'    131.173 
LYS 'L-peptide linking' y LYSINE          ? 'C6 H15 N2 O2 1' 147.195 
MET 'L-peptide linking' y METHIONINE      ? 'C5 H11 N O2 S'  149.211 
PHE 'L-peptide linking' y PHENYLALANINE   ? 'C9 H11 N O2'    165.189 
PRO 'L-peptide linking' y PROLINE         ? 'C5 H9 N O2'     115.130 
SER 'L-peptide linking' y SERINE          ? 'C3 H7 N O3'     105.093 
THR 'L-peptide linking' y THREONINE       ? 'C4 H9 N O3'     119.119 
TYR 'L-peptide linking' y TYROSINE        ? 'C9 H11 N O3'    181.189 
VAL 'L-peptide linking' y VALINE          ? 'C5 H11 N O2'    117.146 
# 
loop_
_pdbx_poly_seq_scheme.asym_id 
_pdbx_poly_seq_scheme.entity_id 
_pdbx_poly_seq_scheme.seq_id 
_pdbx_poly_seq_scheme.mon_id 
_pdbx_poly_seq_scheme.ndb_seq_num 
_pdbx_poly_seq_scheme.pdb_seq_num 
_pdbx_poly_seq_scheme.auth_seq_num 
_pdbx_poly_seq_scheme.pdb_mon_id 
_pdbx_poly_seq_scheme.auth_mon_id 
_pdbx_poly_seq_scheme.pdb_strand_id 
_pdbx_poly_seq_scheme.pdb_ins_code 
_pdbx_poly_seq_scheme.hetero 
A 1 1   THR 1   1   ?   ?   ?   A . n 
A 1 2   ASP 2   2   2   ASP ASP A . n 
A 1 3   GLN 3   3   3   GLN GLN A . n 
A 1 4   GLN 4   4   4   GLN GLN A . n 
A 1 5   ALA 5   5   5   ALA ALA A . n 
A 1 6   GLU 6   6   6   GLU GLU A . n 
A 1 7   ALA 7   7   7   ALA ALA A . n 
A 1 8   ARG 8   8   8   ARG ARG A . n 
A 1 9   SER 9   9   9   SER SER A . n 
A 1 10  TYR 10  10  10  TYR TYR A . n 
A 1 11  LEU 11  11  11  LEU LEU A . n 
A 1 12  SER 12  12  12  SER SER A . n 
A 1 13  GLU 13  13  13  GLU GLU A . n 
A 1 14  GLU 14  14  14  GLU GLU A . n 
A 1 15  MET 15  15  15  MET MET A . n 
A 1 16  ILE 16  16  16  ILE ILE A . n 
A 1 17  ALA 17  17  17  ALA ALA A . n 
A 1 18  GLU 18  18  18  GLU GLU A . n 
A 1 19  PHE 19  19  19  PHE PHE A . n 
A 1 20  LYS 20  20  20  LYS LYS A . n 
A 1 21  ALA 21  21  21  ALA ALA A . n 
A 1 22  ALA 22  22  22  ALA ALA A . n 
A 1 23  PHE 23  23  23  PHE PHE A . n 
A 1 24  ASP 24  24  24  ASP ASP A . n 
A 1 25  MET 25  25  25  MET MET A . n 
A 1 26  PHE 26  26  26  PHE PHE A . n 
A 1 27  ASP 27  27  27  ASP ASP A . n 
A 1 28  ALA 28  28  28  ALA ALA A . n 
A 1 29  ASP 29  29  29  ASP ASP A . n 
A 1 30  GLY 30  30  30  GLY GLY A . n 
A 1 31  GLY 31  31  31  GLY GLY A . n 
A 1 32  GLY 32  32  32  GLY GLY A . n 
A 1 33  ASP 33  33  33  ASP ASP A . n 
A 1 34  ILE 34  34  34  ILE ILE A . n 
A 1 35  SER 35  35  35  SER SER A . n 
A 1 36  VAL 36  36  36  VAL VAL A . n 
A 1 37  LYS 37  37  37  LYS LYS A . n 
A 1 38  GLU 38  38  38  GLU GLU A . n 
A 1 39  LEU 39  39  39  LEU LEU A . n 
A 1 40  GLY 40  40  40  GLY GLY A . n 
A 1 41  THR 41  41  41  THR THR A . n 
A 1 42  VAL 42  42  42  VAL VAL A . n 
A 1 43  MET 43  43  43  MET MET A . n 
A 1 44  ARG 44  44  44  ARG ARG A . n 
A 1 45  MET 45  45  45  MET MET A . n 
A 1 46  LEU 46  46  46  LEU LEU A . n 
A 1 47  GLY 47  47  47  GLY GLY A . n 
A 1 48  GLN 48  48  48  GLN GLN A . n 
A 1 49  THR 49  49  49  THR THR A . n 
A 1 50  PRO 50  50  50  PRO PRO A . n 
A 1 51  THR 51  51  51  THR THR A . n 
A 1 52  LYS 52  52  52  LYS LYS A . n 
A 1 53  GLU 53  53  53  GLU GLU A . n 
A 1 54  GLU 54  54  54  GLU GLU A . n 
A 1 55  LEU 55  55  55  LEU LEU A . n 
A 1 56  ASP 56  56  56  ASP ASP A . n 
A 1 57  ALA 57  57  57  ALA ALA A . n 
A 1 58  ILE 58  58  58  ILE ILE A . n 
A 1 59  ILE 59  59  59  ILE ILE A . n 
A 1 60  GLU 60  60  60  GLU GLU A . n 
A 1 61  GLU 61  61  61  GLU GLU A . n 
A 1 62  VAL 62  62  62  VAL VAL A . n 
A 1 63  ASP 63  63  63  ASP ASP A . n 
A 1 64  GLU 64  64  64  GLU GLU A . n 
A 1 65  ASP 65  65  65  ASP ASP A . n 
A 1 66  GLY 66  66  66  GLY GLY A . n 
A 1 67  SER 67  67  67  SER SER A . n 
A 1 68  GLY 68  68  68  GLY GLY A . n 
A 1 69  THR 69  69  69  THR THR A . n 
A 1 70  ILE 70  70  70  ILE ILE A . n 
A 1 71  ASP 71  71  71  ASP ASP A . n 
A 1 72  PHE 72  72  72  PHE PHE A . n 
A 1 73  GLU 73  73  73  GLU GLU A . n 
A 1 74  GLU 74  74  74  GLU GLU A . n 
A 1 75  PHE 75  75  75  PHE PHE A . n 
A 1 76  LEU 76  76  76  LEU LEU A . n 
A 1 77  VAL 77  77  77  VAL VAL A . n 
A 1 78  MET 78  78  78  MET MET A . n 
A 1 79  MET 79  79  79  MET MET A . n 
A 1 80  VAL 80  80  80  VAL VAL A . n 
A 1 81  ARG 81  81  81  ARG ARG A . n 
A 1 82  GLN 82  82  82  GLN GLN A . n 
A 1 83  MET 83  83  83  MET MET A . n 
A 1 84  LYS 84  84  84  LYS LYS A . n 
A 1 85  GLU 85  85  85  GLU GLU A . n 
A 1 86  ASP 86  86  86  ASP ASP A . n 
A 1 87  ALA 87  87  87  ALA ALA A . n 
A 1 88  LYS 88  88  88  LYS LYS A . n 
A 1 89  GLY 89  89  89  GLY GLY A . n 
A 1 90  LYS 90  90  90  LYS LYS A . n 
A 1 91  SER 91  91  91  SER SER A . n 
A 1 92  GLU 92  92  92  GLU GLU A . n 
A 1 93  GLU 93  93  93  GLU GLU A . n 
A 1 94  GLU 94  94  94  GLU GLU A . n 
A 1 95  LEU 95  95  95  LEU LEU A . n 
A 1 96  ALA 96  96  96  ALA ALA A . n 
A 1 97  GLU 97  97  97  GLU GLU A . n 
A 1 98  LEU 98  98  98  LEU LEU A . n 
A 1 99  PHE 99  99  99  PHE PHE A . n 
A 1 100 ARG 100 100 100 ARG ARG A . n 
A 1 101 ILE 101 101 101 ILE ILE A . n 
A 1 102 PHE 102 102 102 PHE PHE A . n 
A 1 103 ASP 103 103 103 ASP ASP A . n 
A 1 104 ARG 104 104 104 ARG ARG A . n 
A 1 105 ASN 105 105 105 ASN ASN A . n 
A 1 106 ALA 106 106 106 ALA ALA A . n 
A 1 107 ASP 107 107 107 ASP ASP A . n 
A 1 108 GLY 108 108 108 GLY GLY A . n 
A 1 109 TYR 109 109 109 TYR TYR A . n 
A 1 110 ILE 110 110 110 ILE ILE A . n 
A 1 111 ASP 111 111 111 ASP ASP A . n 
A 1 112 ALA 112 112 112 ALA ALA A . n 
A 1 113 GLU 113 113 113 GLU GLU A . n 
A 1 114 GLU 114 114 114 GLU GLU A . n 
A 1 115 LEU 115 115 115 LEU LEU A . n 
A 1 116 ALA 116 116 116 ALA ALA A . n 
A 1 117 GLU 117 117 117 GLU GLU A . n 
A 1 118 ILE 118 118 118 ILE ILE A . n 
A 1 119 PHE 119 119 119 PHE PHE A . n 
A 1 120 ARG 120 120 120 ARG ARG A . n 
A 1 121 ALA 121 121 121 ALA ALA A . n 
A 1 122 SER 122 122 122 SER SER A . n 
A 1 123 GLY 123 123 123 GLY GLY A . n 
A 1 124 GLU 124 124 124 GLU GLU A . n 
A 1 125 HIS 125 125 125 HIS HIS A . n 
A 1 126 VAL 126 126 126 VAL VAL A . n 
A 1 127 THR 127 127 127 THR THR A . n 
A 1 128 ASP 128 128 128 ASP ASP A . n 
A 1 129 GLU 129 129 129 GLU GLU A . n 
A 1 130 GLU 130 130 130 GLU GLU A . n 
A 1 131 ILE 131 131 131 ILE ILE A . n 
A 1 132 GLU 132 132 132 GLU GLU A . n 
A 1 133 SER 133 133 133 SER SER A . n 
A 1 134 LEU 134 134 134 LEU LEU A . n 
A 1 135 MET 135 135 135 MET MET A . n 
A 1 136 LYS 136 136 136 LYS LYS A . n 
A 1 137 ASP 137 137 137 ASP ASP A . n 
A 1 138 GLY 138 138 138 GLY GLY A . n 
A 1 139 ASP 139 139 139 ASP ASP A . n 
A 1 140 LYS 140 140 140 LYS LYS A . n 
A 1 141 ASN 141 141 141 ASN ASN A . n 
A 1 142 ASN 142 142 142 ASN ASN A . n 
A 1 143 ASP 143 143 143 ASP ASP A . n 
A 1 144 GLY 144 144 144 GLY GLY A . n 
A 1 145 ARG 145 145 145 ARG ARG A . n 
A 1 146 ILE 146 146 146 ILE ILE A . n 
A 1 147 ASP 147 147 147 ASP ASP A . n 
A 1 148 PHE 148 148 148 PHE PHE A . n 
A 1 149 ASP 149 149 149 ASP ASP A . n 
A 1 150 GLU 150 150 150 GLU GLU A . n 
A 1 151 PHE 151 151 151 PHE PHE A . n 
A 1 152 LEU 152 152 152 LEU LEU A . n 
A 1 153 LYS 153 153 153 LYS LYS A . n 
A 1 154 MET 154 154 154 MET MET A . n 
A 1 155 MET 155 155 155 MET MET A . n 
A 1 156 GLU 156 156 156 GLU GLU A . n 
A 1 157 GLY 157 157 157 GLY GLY A . n 
A 1 158 VAL 158 158 ?   ?   ?   A . n 
A 1 159 GLN 159 159 ?   ?   ?   A . n 
# 
loop_
_pdbx_nonpoly_scheme.asym_id 
_pdbx_nonpoly_scheme.entity_id 
_pdbx_nonpoly_scheme.mon_id 
_pdbx_nonpoly_scheme.ndb_seq_num 
_pdbx_nonpoly_scheme.pdb_seq_num 
_pdbx_nonpoly_scheme.auth_seq_num 
_pdbx_nonpoly_scheme.pdb_mon_id 
_pdbx_nonpoly_scheme.auth_mon_id 
_pdbx_nonpoly_scheme.pdb_strand_id 
_pdbx_nonpoly_scheme.pdb_ins_code 
B 2 CA  1   160 160 CA  CA  A . 
C 2 CA  1   161 161 CA  CA  A . 
D 2 CA  1   162 162 CA  CA  A . 
E 2 CA  1   163 163 CA  CA  A . 
F 2 CA  1   164 164 CA  CA  A . 
G 3 HOH 1   165 1   HOH HOH A . 
G 3 HOH 2   166 2   HOH HOH A . 
G 3 HOH 3   167 3   HOH HOH A . 
G 3 HOH 4   168 4   HOH HOH A . 
G 3 HOH 5   169 5   HOH HOH A . 
G 3 HOH 6   170 6   HOH HOH A . 
G 3 HOH 7   171 7   HOH HOH A . 
G 3 HOH 8   172 8   HOH HOH A . 
G 3 HOH 9   173 9   HOH HOH A . 
G 3 HOH 10  174 10  HOH HOH A . 
G 3 HOH 11  175 11  HOH HOH A . 
G 3 HOH 12  176 12  HOH HOH A . 
G 3 HOH 13  177 13  HOH HOH A . 
G 3 HOH 14  178 14  HOH HOH A . 
G 3 HOH 15  179 15  HOH HOH A . 
G 3 HOH 16  180 16  HOH HOH A . 
G 3 HOH 17  181 17  HOH HOH A . 
G 3 HOH 18  182 18  HOH HOH A . 
G 3 HOH 19  183 19  HOH HOH A . 
G 3 HOH 20  184 20  HOH HOH A . 
G 3 HOH 21  185 21  HOH HOH A . 
G 3 HOH 22  186 22  HOH HOH A . 
G 3 HOH 23  187 23  HOH HOH A . 
G 3 HOH 24  188 24  HOH HOH A . 
G 3 HOH 25  189 25  HOH HOH A . 
G 3 HOH 26  190 26  HOH HOH A . 
G 3 HOH 27  191 27  HOH HOH A . 
G 3 HOH 28  192 28  HOH HOH A . 
G 3 HOH 29  193 29  HOH HOH A . 
G 3 HOH 30  194 30  HOH HOH A . 
G 3 HOH 31  195 31  HOH HOH A . 
G 3 HOH 32  196 32  HOH HOH A . 
G 3 HOH 33  197 33  HOH HOH A . 
G 3 HOH 34  198 34  HOH HOH A . 
G 3 HOH 35  199 35  HOH HOH A . 
G 3 HOH 36  200 36  HOH HOH A . 
G 3 HOH 37  201 37  HOH HOH A . 
G 3 HOH 38  202 38  HOH HOH A . 
G 3 HOH 39  203 39  HOH HOH A . 
G 3 HOH 40  204 40  HOH HOH A . 
G 3 HOH 41  205 41  HOH HOH A . 
G 3 HOH 42  206 42  HOH HOH A . 
G 3 HOH 43  207 43  HOH HOH A . 
G 3 HOH 44  208 44  HOH HOH A . 
G 3 HOH 45  209 45  HOH HOH A . 
G 3 HOH 46  210 46  HOH HOH A . 
G 3 HOH 47  211 47  HOH HOH A . 
G 3 HOH 48  212 48  HOH HOH A . 
G 3 HOH 49  213 49  HOH HOH A . 
G 3 HOH 50  214 50  HOH HOH A . 
G 3 HOH 51  215 51  HOH HOH A . 
G 3 HOH 52  216 52  HOH HOH A . 
G 3 HOH 53  217 53  HOH HOH A . 
G 3 HOH 54  218 54  HOH HOH A . 
G 3 HOH 55  219 55  HOH HOH A . 
G 3 HOH 56  220 56  HOH HOH A . 
G 3 HOH 57  221 57  HOH HOH A . 
G 3 HOH 58  222 58  HOH HOH A . 
G 3 HOH 59  223 59  HOH HOH A . 
G 3 HOH 60  224 60  HOH HOH A . 
G 3 HOH 61  225 61  HOH HOH A . 
G 3 HOH 62  226 62  HOH HOH A . 
G 3 HOH 63  227 63  HOH HOH A . 
G 3 HOH 64  228 64  HOH HOH A . 
G 3 HOH 65  229 65  HOH HOH A . 
G 3 HOH 66  230 66  HOH HOH A . 
G 3 HOH 67  231 67  HOH HOH A . 
G 3 HOH 68  232 68  HOH HOH A . 
G 3 HOH 69  233 69  HOH HOH A . 
G 3 HOH 70  234 70  HOH HOH A . 
G 3 HOH 71  235 71  HOH HOH A . 
G 3 HOH 72  236 72  HOH HOH A . 
G 3 HOH 73  237 73  HOH HOH A . 
G 3 HOH 74  238 74  HOH HOH A . 
G 3 HOH 75  239 75  HOH HOH A . 
G 3 HOH 76  240 76  HOH HOH A . 
G 3 HOH 77  241 77  HOH HOH A . 
G 3 HOH 78  242 78  HOH HOH A . 
G 3 HOH 79  243 79  HOH HOH A . 
G 3 HOH 80  244 80  HOH HOH A . 
G 3 HOH 81  245 81  HOH HOH A . 
G 3 HOH 82  246 82  HOH HOH A . 
G 3 HOH 83  247 83  HOH HOH A . 
G 3 HOH 84  248 84  HOH HOH A . 
G 3 HOH 85  249 85  HOH HOH A . 
G 3 HOH 86  250 86  HOH HOH A . 
G 3 HOH 87  251 87  HOH HOH A . 
G 3 HOH 88  252 88  HOH HOH A . 
G 3 HOH 89  253 89  HOH HOH A . 
G 3 HOH 90  254 90  HOH HOH A . 
G 3 HOH 91  255 91  HOH HOH A . 
G 3 HOH 92  256 92  HOH HOH A . 
G 3 HOH 93  257 93  HOH HOH A . 
G 3 HOH 94  258 94  HOH HOH A . 
G 3 HOH 95  259 95  HOH HOH A . 
G 3 HOH 96  260 96  HOH HOH A . 
G 3 HOH 97  261 97  HOH HOH A . 
G 3 HOH 98  262 98  HOH HOH A . 
G 3 HOH 99  263 99  HOH HOH A . 
G 3 HOH 100 264 100 HOH HOH A . 
G 3 HOH 101 265 101 HOH HOH A . 
G 3 HOH 102 266 102 HOH HOH A . 
G 3 HOH 103 267 103 HOH HOH A . 
G 3 HOH 104 268 104 HOH HOH A . 
G 3 HOH 105 269 105 HOH HOH A . 
G 3 HOH 106 270 106 HOH HOH A . 
G 3 HOH 107 271 107 HOH HOH A . 
G 3 HOH 108 272 108 HOH HOH A . 
G 3 HOH 109 273 109 HOH HOH A . 
G 3 HOH 110 274 110 HOH HOH A . 
G 3 HOH 111 275 111 HOH HOH A . 
G 3 HOH 112 276 112 HOH HOH A . 
G 3 HOH 113 277 113 HOH HOH A . 
G 3 HOH 114 278 114 HOH HOH A . 
G 3 HOH 115 279 115 HOH HOH A . 
G 3 HOH 116 280 116 HOH HOH A . 
G 3 HOH 117 281 117 HOH HOH A . 
G 3 HOH 118 282 118 HOH HOH A . 
G 3 HOH 119 283 119 HOH HOH A . 
G 3 HOH 120 284 120 HOH HOH A . 
G 3 HOH 121 285 121 HOH HOH A . 
G 3 HOH 122 286 122 HOH HOH A . 
G 3 HOH 123 287 123 HOH HOH A . 
G 3 HOH 124 288 124 HOH HOH A . 
G 3 HOH 125 289 125 HOH HOH A . 
G 3 HOH 126 290 126 HOH HOH A . 
G 3 HOH 127 291 127 HOH HOH A . 
G 3 HOH 128 292 128 HOH HOH A . 
G 3 HOH 129 293 129 HOH HOH A . 
G 3 HOH 130 294 130 HOH HOH A . 
G 3 HOH 131 295 131 HOH HOH A . 
G 3 HOH 132 296 132 HOH HOH A . 
G 3 HOH 133 297 133 HOH HOH A . 
G 3 HOH 134 298 134 HOH HOH A . 
G 3 HOH 135 299 135 HOH HOH A . 
G 3 HOH 136 300 136 HOH HOH A . 
G 3 HOH 137 301 137 HOH HOH A . 
G 3 HOH 138 302 138 HOH HOH A . 
G 3 HOH 139 303 139 HOH HOH A . 
G 3 HOH 140 304 140 HOH HOH A . 
G 3 HOH 141 305 141 HOH HOH A . 
G 3 HOH 142 306 142 HOH HOH A . 
G 3 HOH 143 307 143 HOH HOH A . 
G 3 HOH 144 308 144 HOH HOH A . 
G 3 HOH 145 309 145 HOH HOH A . 
G 3 HOH 146 310 146 HOH HOH A . 
G 3 HOH 147 311 147 HOH HOH A . 
G 3 HOH 148 312 148 HOH HOH A . 
G 3 HOH 149 313 149 HOH HOH A . 
G 3 HOH 150 314 150 HOH HOH A . 
G 3 HOH 151 315 151 HOH HOH A . 
G 3 HOH 152 316 152 HOH HOH A . 
G 3 HOH 153 317 153 HOH HOH A . 
G 3 HOH 154 318 154 HOH HOH A . 
G 3 HOH 155 319 155 HOH HOH A . 
G 3 HOH 156 320 156 HOH HOH A . 
G 3 HOH 157 321 157 HOH HOH A . 
G 3 HOH 158 322 158 HOH HOH A . 
G 3 HOH 159 323 159 HOH HOH A . 
G 3 HOH 160 324 160 HOH HOH A . 
G 3 HOH 161 325 161 HOH HOH A . 
G 3 HOH 162 326 162 HOH HOH A . 
G 3 HOH 163 327 163 HOH HOH A . 
G 3 HOH 164 328 164 HOH HOH A . 
G 3 HOH 165 329 165 HOH HOH A . 
G 3 HOH 166 330 166 HOH HOH A . 
G 3 HOH 167 331 167 HOH HOH A . 
G 3 HOH 168 332 168 HOH HOH A . 
G 3 HOH 169 333 169 HOH HOH A . 
G 3 HOH 170 334 170 HOH HOH A . 
G 3 HOH 171 335 171 HOH HOH A . 
G 3 HOH 172 336 172 HOH HOH A . 
G 3 HOH 173 337 173 HOH HOH A . 
G 3 HOH 174 338 174 HOH HOH A . 
G 3 HOH 175 339 175 HOH HOH A . 
G 3 HOH 176 340 176 HOH HOH A . 
G 3 HOH 177 341 177 HOH HOH A . 
G 3 HOH 178 342 178 HOH HOH A . 
G 3 HOH 179 343 179 HOH HOH A . 
G 3 HOH 180 344 180 HOH HOH A . 
G 3 HOH 181 345 181 HOH HOH A . 
G 3 HOH 182 346 182 HOH HOH A . 
G 3 HOH 183 347 183 HOH HOH A . 
G 3 HOH 184 348 184 HOH HOH A . 
G 3 HOH 185 349 185 HOH HOH A . 
G 3 HOH 186 350 186 HOH HOH A . 
G 3 HOH 187 351 187 HOH HOH A . 
G 3 HOH 188 352 188 HOH HOH A . 
G 3 HOH 189 353 189 HOH HOH A . 
G 3 HOH 190 354 190 HOH HOH A . 
G 3 HOH 191 355 191 HOH HOH A . 
G 3 HOH 192 356 192 HOH HOH A . 
G 3 HOH 193 357 193 HOH HOH A . 
G 3 HOH 194 358 194 HOH HOH A . 
G 3 HOH 195 359 195 HOH HOH A . 
G 3 HOH 196 360 196 HOH HOH A . 
G 3 HOH 197 361 197 HOH HOH A . 
# 
loop_
_software.name 
_software.classification 
_software.version 
_software.citation_id 
_software.pdbx_ordinal 
X-PLOR    'model building' 3.851 ? 1 
X-PLOR    refinement       3.851 ? 2 
DENZO     'data reduction' .     ? 3 
SCALEPACK 'data scaling'   .     ? 4 
X-PLOR    phasing          3.851 ? 5 
# 
_cell.entry_id           1TCF 
_cell.length_a           32.100 
_cell.length_b           59.600 
_cell.length_c           48.000 
_cell.angle_alpha        90.00 
_cell.angle_beta         101.10 
_cell.angle_gamma        90.00 
_cell.Z_PDB              2 
_cell.pdbx_unique_axis   ? 
# 
_symmetry.entry_id                         1TCF 
_symmetry.space_group_name_H-M             'P 1 21 1' 
_symmetry.pdbx_full_space_group_name_H-M   ? 
_symmetry.cell_setting                     ? 
_symmetry.Int_Tables_number                4 
# 
_exptl.entry_id          1TCF 
_exptl.method            'X-RAY DIFFRACTION' 
_exptl.crystals_number   2 
# 
_exptl_crystal.id                    1 
_exptl_crystal.density_meas          ? 
_exptl_crystal.density_Matthews      2.6 
_exptl_crystal.density_percent_sol   52.5 
_exptl_crystal.description           ? 
# 
_exptl_crystal_grow.crystal_id      1 
_exptl_crystal_grow.method          ? 
_exptl_crystal_grow.temp            ? 
_exptl_crystal_grow.temp_details    ? 
_exptl_crystal_grow.pH              5.6 
_exptl_crystal_grow.pdbx_pH_range   ? 
_exptl_crystal_grow.pdbx_details    '40-50% MPD, 50MM SODIUM ACETATE 5MM CACL2, PH 5.6.' 
# 
_diffrn.id                     1 
_diffrn.ambient_temp           100 
_diffrn.ambient_temp_details   ? 
_diffrn.crystal_id             1 
# 
_diffrn_detector.diffrn_id              1 
_diffrn_detector.detector               'IMAGE PLATE' 
_diffrn_detector.type                   RIGAKU 
_diffrn_detector.pdbx_collection_date   ? 
_diffrn_detector.details                ? 
# 
_diffrn_radiation.diffrn_id                        1 
_diffrn_radiation.wavelength_id                    1 
_diffrn_radiation.pdbx_monochromatic_or_laue_m_l   M 
_diffrn_radiation.monochromator                    ? 
_diffrn_radiation.pdbx_diffrn_protocol             ? 
_diffrn_radiation.pdbx_scattering_type             x-ray 
# 
_diffrn_radiation_wavelength.id           1 
_diffrn_radiation_wavelength.wavelength   1.5418 
_diffrn_radiation_wavelength.wt           1.0 
# 
_diffrn_source.diffrn_id                   1 
_diffrn_source.source                      'ROTATING ANODE' 
_diffrn_source.type                        SIEMENS 
_diffrn_source.pdbx_synchrotron_site       ? 
_diffrn_source.pdbx_synchrotron_beamline   ? 
_diffrn_source.pdbx_wavelength             1.5418 
_diffrn_source.pdbx_wavelength_list        ? 
# 
_reflns.entry_id                     1TCF 
_reflns.observed_criterion_sigma_I   4.0 
_reflns.observed_criterion_sigma_F   ? 
_reflns.d_resolution_low             50.0 
_reflns.d_resolution_high            1.90 
_reflns.number_obs                   10911 
_reflns.number_all                   ? 
_reflns.percent_possible_obs         77.5 
_reflns.pdbx_Rmerge_I_obs            0.0870000 
_reflns.pdbx_Rsym_value              ? 
_reflns.pdbx_netI_over_sigmaI        ? 
_reflns.B_iso_Wilson_estimate        12.6 
_reflns.pdbx_redundancy              4.0 
_reflns.pdbx_diffrn_id               1 
_reflns.pdbx_ordinal                 1 
# 
_refine.entry_id                                 1TCF 
_refine.ls_number_reflns_obs                     9587 
_refine.ls_number_reflns_all                     ? 
_refine.pdbx_ls_sigma_I                          ? 
_refine.pdbx_ls_sigma_F                          4.0 
_refine.pdbx_data_cutoff_high_absF               10000000.00 
_refine.pdbx_data_cutoff_low_absF                0.00100 
_refine.pdbx_data_cutoff_high_rms_absF           ? 
_refine.ls_d_res_low                             50.00 
_refine.ls_d_res_high                            1.90 
_refine.ls_percent_reflns_obs                    68.0 
_refine.ls_R_factor_obs                          0.2780000 
_refine.ls_R_factor_all                          ? 
_refine.ls_R_factor_R_work                       0.2780000 
_refine.ls_R_factor_R_free                       0.3580000 
_refine.ls_R_factor_R_free_error                 0.017 
_refine.ls_R_factor_R_free_error_details         ? 
_refine.ls_percent_reflns_R_free                 4.8 
_refine.ls_number_reflns_R_free                  463 
_refine.ls_number_parameters                     ? 
_refine.ls_number_restraints                     ? 
_refine.occupancy_min                            ? 
_refine.occupancy_max                            ? 
_refine.B_iso_mean                               22.0 
_refine.aniso_B[1][1]                            1.38 
_refine.aniso_B[2][2]                            -1.75 
_refine.aniso_B[3][3]                            0.37 
_refine.aniso_B[1][2]                            0.00 
_refine.aniso_B[1][3]                            -0.57 
_refine.aniso_B[2][3]                            0.00 
_refine.solvent_model_details                    ? 
_refine.solvent_model_param_ksol                 ? 
_refine.solvent_model_param_bsol                 ? 
_refine.pdbx_ls_cross_valid_method               THROUGHOUT 
_refine.details                                  ? 
_refine.pdbx_starting_model                      ? 
_refine.pdbx_method_to_determine_struct          ? 
_refine.pdbx_isotropic_thermal_model             RESTRAINED 
_refine.pdbx_stereochemistry_target_values       ? 
_refine.pdbx_stereochem_target_val_spec_case     ? 
_refine.pdbx_R_Free_selection_details            RANDOM 
_refine.pdbx_overall_ESU_R                       ? 
_refine.pdbx_overall_ESU_R_Free                  ? 
_refine.overall_SU_ML                            ? 
_refine.overall_SU_B                             ? 
_refine.pdbx_refine_id                           'X-RAY DIFFRACTION' 
_refine.pdbx_diffrn_id                           1 
_refine.pdbx_TLS_residual_ADP_flag               ? 
_refine.correlation_coeff_Fo_to_Fc               ? 
_refine.correlation_coeff_Fo_to_Fc_free          ? 
_refine.pdbx_solvent_vdw_probe_radii             ? 
_refine.pdbx_solvent_ion_probe_radii             ? 
_refine.pdbx_solvent_shrinkage_radii             ? 
_refine.pdbx_overall_phase_error                 ? 
_refine.overall_SU_R_Cruickshank_DPI             ? 
_refine.pdbx_overall_SU_R_free_Cruickshank_DPI   ? 
_refine.pdbx_overall_SU_R_Blow_DPI               ? 
_refine.pdbx_overall_SU_R_free_Blow_DPI          ? 
# 
_refine_analyze.entry_id                        1TCF 
_refine_analyze.Luzzati_coordinate_error_obs    0.30 
_refine_analyze.Luzzati_sigma_a_obs             0.26 
_refine_analyze.Luzzati_d_res_low_obs           5.00 
_refine_analyze.Luzzati_coordinate_error_free   0.42 
_refine_analyze.Luzzati_sigma_a_free            0.39 
_refine_analyze.Luzzati_d_res_low_free          ? 
_refine_analyze.number_disordered_residues      ? 
_refine_analyze.occupancy_sum_hydrogen          ? 
_refine_analyze.occupancy_sum_non_hydrogen      ? 
_refine_analyze.pdbx_refine_id                  'X-RAY DIFFRACTION' 
# 
_refine_hist.pdbx_refine_id                   'X-RAY DIFFRACTION' 
_refine_hist.cycle_id                         LAST 
_refine_hist.pdbx_number_atoms_protein        1234 
_refine_hist.pdbx_number_atoms_nucleic_acid   0 
_refine_hist.pdbx_number_atoms_ligand         5 
_refine_hist.number_atoms_solvent             197 
_refine_hist.number_atoms_total               1436 
_refine_hist.d_res_high                       1.90 
_refine_hist.d_res_low                        50.00 
# 
loop_
_refine_ls_restr.type 
_refine_ls_restr.dev_ideal 
_refine_ls_restr.dev_ideal_target 
_refine_ls_restr.weight 
_refine_ls_restr.number 
_refine_ls_restr.pdbx_refine_id 
_refine_ls_restr.pdbx_restraint_function 
x_bond_d                0.016 ?    ? ? 'X-RAY DIFFRACTION' ? 
x_bond_d_na             ?     ?    ? ? 'X-RAY DIFFRACTION' ? 
x_bond_d_prot           ?     ?    ? ? 'X-RAY DIFFRACTION' ? 
x_angle_d               ?     ?    ? ? 'X-RAY DIFFRACTION' ? 
x_angle_d_na            ?     ?    ? ? 'X-RAY DIFFRACTION' ? 
x_angle_d_prot          ?     ?    ? ? 'X-RAY DIFFRACTION' ? 
x_angle_deg             1.9   ?    ? ? 'X-RAY DIFFRACTION' ? 
x_angle_deg_na          ?     ?    ? ? 'X-RAY DIFFRACTION' ? 
x_angle_deg_prot        ?     ?    ? ? 'X-RAY DIFFRACTION' ? 
x_dihedral_angle_d      23.1  ?    ? ? 'X-RAY DIFFRACTION' ? 
x_dihedral_angle_d_na   ?     ?    ? ? 'X-RAY DIFFRACTION' ? 
x_dihedral_angle_d_prot ?     ?    ? ? 'X-RAY DIFFRACTION' ? 
x_improper_angle_d      1.06  ?    ? ? 'X-RAY DIFFRACTION' ? 
x_improper_angle_d_na   ?     ?    ? ? 'X-RAY DIFFRACTION' ? 
x_improper_angle_d_prot ?     ?    ? ? 'X-RAY DIFFRACTION' ? 
x_mcbond_it             2.31  1.50 ? ? 'X-RAY DIFFRACTION' ? 
x_mcangle_it            3.25  2.00 ? ? 'X-RAY DIFFRACTION' ? 
x_scbond_it             3.86  2.00 ? ? 'X-RAY DIFFRACTION' ? 
x_scangle_it            5.82  2.50 ? ? 'X-RAY DIFFRACTION' ? 
# 
_refine_ls_shell.pdbx_total_number_of_bins_used   6 
_refine_ls_shell.d_res_high                       1.90 
_refine_ls_shell.d_res_low                        2.02 
_refine_ls_shell.number_reflns_R_work             1286 
_refine_ls_shell.R_factor_R_work                  0.3530000 
_refine_ls_shell.percent_reflns_obs               57.7 
_refine_ls_shell.R_factor_R_free                  0.4380000 
_refine_ls_shell.R_factor_R_free_error            0.053 
_refine_ls_shell.percent_reflns_R_free            5.1 
_refine_ls_shell.number_reflns_R_free             69 
_refine_ls_shell.pdbx_refine_id                   'X-RAY DIFFRACTION' 
_refine_ls_shell.number_reflns_all                ? 
_refine_ls_shell.R_factor_all                     ? 
# 
loop_
_pdbx_xplor_file.serial_no 
_pdbx_xplor_file.param_file 
_pdbx_xplor_file.topol_file 
_pdbx_xplor_file.pdbx_refine_id 
1 PARHCSDX.PRO TOPHCSDX.PRO 'X-RAY DIFFRACTION' 
2 ?            ?            'X-RAY DIFFRACTION' 
# 
_struct.entry_id                  1TCF 
_struct.title                     'CRYSTAL STRUCTURE OF CALCIUM-SATURATED RABBIT SKELETAL TROPONIN C' 
_struct.pdbx_model_details        ? 
_struct.pdbx_CASP_flag            ? 
_struct.pdbx_model_type_details   ? 
# 
_struct_keywords.entry_id        1TCF 
_struct_keywords.pdbx_keywords   'CALCIUM-REGULATED MUSCLE CONTRACTION' 
_struct_keywords.text            
'MUSCLE CONTRACTION, CALCIUM-BINDING, TROPONIN, E-F HAND, OPEN CONFORMATION REGULATORY DOMAIN, CALCIUM-REGULATED MUSCLE CONTRACTION' 
# 
loop_
_struct_asym.id 
_struct_asym.pdbx_blank_PDB_chainid_flag 
_struct_asym.pdbx_modified 
_struct_asym.entity_id 
_struct_asym.details 
A N N 1 ? 
B N N 2 ? 
C N N 2 ? 
D N N 2 ? 
E N N 2 ? 
F N N 2 ? 
G N N 3 ? 
# 
_struct_ref.id                         1 
_struct_ref.db_name                    UNP 
_struct_ref.db_code                    TNNC2_RABIT 
_struct_ref.entity_id                  1 
_struct_ref.pdbx_db_accession          P02586 
_struct_ref.pdbx_align_begin           1 
_struct_ref.pdbx_seq_one_letter_code   
;TDQQAEARSYLSEEMIAEFKAAFDMFDADGGGDISVKELGTVMRMLGQTPTKEELDAIIEEVDEDGSGTIDFEEFLVMMV
RQMKEDAKGKSEEELAECFRIFDRNADGYIDAEELAEIFRASGEHVTDEEIESLMKDGDKNNDGRIDFDEFLKMMEGVQ
;
_struct_ref.pdbx_db_isoform            ? 
# 
_struct_ref_seq.align_id                      1 
_struct_ref_seq.ref_id                        1 
_struct_ref_seq.pdbx_PDB_id_code              1TCF 
_struct_ref_seq.pdbx_strand_id                A 
_struct_ref_seq.seq_align_beg                 1 
_struct_ref_seq.pdbx_seq_align_beg_ins_code   ? 
_struct_ref_seq.seq_align_end                 159 
_struct_ref_seq.pdbx_seq_align_end_ins_code   ? 
_struct_ref_seq.pdbx_db_accession             P02586 
_struct_ref_seq.db_align_beg                  1 
_struct_ref_seq.pdbx_db_align_beg_ins_code    ? 
_struct_ref_seq.db_align_end                  159 
_struct_ref_seq.pdbx_db_align_end_ins_code    ? 
_struct_ref_seq.pdbx_auth_seq_align_beg       1 
_struct_ref_seq.pdbx_auth_seq_align_end       159 
# 
_struct_ref_seq_dif.align_id                     1 
_struct_ref_seq_dif.pdbx_pdb_id_code             1TCF 
_struct_ref_seq_dif.mon_id                       LEU 
_struct_ref_seq_dif.pdbx_pdb_strand_id           A 
_struct_ref_seq_dif.seq_num                      98 
_struct_ref_seq_dif.pdbx_pdb_ins_code            ? 
_struct_ref_seq_dif.pdbx_seq_db_name             UNP 
_struct_ref_seq_dif.pdbx_seq_db_accession_code   P02586 
_struct_ref_seq_dif.db_mon_id                    CYS 
_struct_ref_seq_dif.pdbx_seq_db_seq_num          98 
_struct_ref_seq_dif.details                      'engineered mutation' 
_struct_ref_seq_dif.pdbx_auth_seq_num            98 
_struct_ref_seq_dif.pdbx_ordinal                 1 
# 
_pdbx_struct_assembly.id                   1 
_pdbx_struct_assembly.details              author_defined_assembly 
_pdbx_struct_assembly.method_details       ? 
_pdbx_struct_assembly.oligomeric_details   monomeric 
_pdbx_struct_assembly.oligomeric_count     1 
# 
_pdbx_struct_assembly_gen.assembly_id       1 
_pdbx_struct_assembly_gen.oper_expression   1 
_pdbx_struct_assembly_gen.asym_id_list      A,B,C,D,E,F,G 
# 
_pdbx_struct_oper_list.id                   1 
_pdbx_struct_oper_list.type                 'identity operation' 
_pdbx_struct_oper_list.name                 1_555 
_pdbx_struct_oper_list.symmetry_operation   x,y,z 
_pdbx_struct_oper_list.matrix[1][1]         1.0000000000 
_pdbx_struct_oper_list.matrix[1][2]         0.0000000000 
_pdbx_struct_oper_list.matrix[1][3]         0.0000000000 
_pdbx_struct_oper_list.vector[1]            0.0000000000 
_pdbx_struct_oper_list.matrix[2][1]         0.0000000000 
_pdbx_struct_oper_list.matrix[2][2]         1.0000000000 
_pdbx_struct_oper_list.matrix[2][3]         0.0000000000 
_pdbx_struct_oper_list.vector[2]            0.0000000000 
_pdbx_struct_oper_list.matrix[3][1]         0.0000000000 
_pdbx_struct_oper_list.matrix[3][2]         0.0000000000 
_pdbx_struct_oper_list.matrix[3][3]         1.0000000000 
_pdbx_struct_oper_list.vector[3]            0.0000000000 
# 
_struct_biol.id   1 
# 
loop_
_struct_conf.conf_type_id 
_struct_conf.id 
_struct_conf.pdbx_PDB_helix_id 
_struct_conf.beg_label_comp_id 
_struct_conf.beg_label_asym_id 
_struct_conf.beg_label_seq_id 
_struct_conf.pdbx_beg_PDB_ins_code 
_struct_conf.end_label_comp_id 
_struct_conf.end_label_asym_id 
_struct_conf.end_label_seq_id 
_struct_conf.pdbx_end_PDB_ins_code 
_struct_conf.beg_auth_comp_id 
_struct_conf.beg_auth_asym_id 
_struct_conf.beg_auth_seq_id 
_struct_conf.end_auth_comp_id 
_struct_conf.end_auth_asym_id 
_struct_conf.end_auth_seq_id 
_struct_conf.pdbx_PDB_helix_class 
_struct_conf.details 
_struct_conf.pdbx_PDB_helix_length 
HELX_P HELX_P1 1 ALA A 5   ? TYR A 10  ? ALA A 5   TYR A 10  1 ? 6  
HELX_P HELX_P2 2 GLU A 13  ? PHE A 26  ? GLU A 13  PHE A 26  1 ? 14 
HELX_P HELX_P3 3 VAL A 36  ? MET A 45  ? VAL A 36  MET A 45  1 ? 10 
HELX_P HELX_P4 4 LYS A 52  ? VAL A 62  ? LYS A 52  VAL A 62  1 ? 11 
HELX_P HELX_P5 5 PHE A 72  ? MET A 83  ? PHE A 72  MET A 83  1 ? 12 
HELX_P HELX_P6 6 GLU A 93  ? PHE A 102 ? GLU A 93  PHE A 102 1 ? 10 
HELX_P HELX_P7 7 ALA A 112 ? SER A 122 ? ALA A 112 SER A 122 1 ? 11 
HELX_P HELX_P8 8 ASP A 128 ? GLY A 138 ? ASP A 128 GLY A 138 1 ? 11 
HELX_P HELX_P9 9 PHE A 148 ? GLU A 156 ? PHE A 148 GLU A 156 1 ? 9  
# 
_struct_conf_type.id          HELX_P 
_struct_conf_type.criteria    ? 
_struct_conf_type.reference   ? 
# 
loop_
_struct_conn.id 
_struct_conn.conn_type_id 
_struct_conn.pdbx_leaving_atom_flag 
_struct_conn.pdbx_PDB_id 
_struct_conn.ptnr1_label_asym_id 
_struct_conn.ptnr1_label_comp_id 
_struct_conn.ptnr1_label_seq_id 
_struct_conn.ptnr1_label_atom_id 
_struct_conn.pdbx_ptnr1_label_alt_id 
_struct_conn.pdbx_ptnr1_PDB_ins_code 
_struct_conn.pdbx_ptnr1_standard_comp_id 
_struct_conn.ptnr1_symmetry 
_struct_conn.ptnr2_label_asym_id 
_struct_conn.ptnr2_label_comp_id 
_struct_conn.ptnr2_label_seq_id 
_struct_conn.ptnr2_label_atom_id 
_struct_conn.pdbx_ptnr2_label_alt_id 
_struct_conn.pdbx_ptnr2_PDB_ins_code 
_struct_conn.ptnr1_auth_asym_id 
_struct_conn.ptnr1_auth_comp_id 
_struct_conn.ptnr1_auth_seq_id 
_struct_conn.ptnr2_auth_asym_id 
_struct_conn.ptnr2_auth_comp_id 
_struct_conn.ptnr2_auth_seq_id 
_struct_conn.ptnr2_symmetry 
_struct_conn.pdbx_ptnr3_label_atom_id 
_struct_conn.pdbx_ptnr3_label_seq_id 
_struct_conn.pdbx_ptnr3_label_comp_id 
_struct_conn.pdbx_ptnr3_label_asym_id 
_struct_conn.pdbx_ptnr3_label_alt_id 
_struct_conn.pdbx_ptnr3_PDB_ins_code 
_struct_conn.details 
_struct_conn.pdbx_dist_value 
_struct_conn.pdbx_value_order 
_struct_conn.pdbx_role 
metalc1  metalc ? ? A GLU 14  OE1 ? ? ? 1_555 F CA  . CA ? ? A GLU 14  A CA  164 1_555 ? ? ? ? ? ? ? 2.490 ? ? 
metalc2  metalc ? ? A GLU 14  OE2 ? ? ? 1_555 F CA  . CA ? ? A GLU 14  A CA  164 1_555 ? ? ? ? ? ? ? 2.360 ? ? 
metalc3  metalc ? ? A ASP 27  OD1 ? ? ? 1_555 B CA  . CA ? ? A ASP 27  A CA  160 1_555 ? ? ? ? ? ? ? 2.323 ? ? 
metalc4  metalc ? ? A ASP 29  OD1 ? ? ? 1_555 B CA  . CA ? ? A ASP 29  A CA  160 1_555 ? ? ? ? ? ? ? 2.295 ? ? 
metalc5  metalc ? ? A ASP 33  O   ? ? ? 1_555 B CA  . CA ? ? A ASP 33  A CA  160 1_555 ? ? ? ? ? ? ? 2.484 ? ? 
metalc6  metalc ? ? A GLU 38  OE1 ? ? ? 1_555 B CA  . CA ? ? A GLU 38  A CA  160 1_555 ? ? ? ? ? ? ? 2.539 ? ? 
metalc7  metalc ? ? A GLU 38  OE2 ? ? ? 1_555 B CA  . CA ? ? A GLU 38  A CA  160 1_555 ? ? ? ? ? ? ? 2.520 ? ? 
metalc8  metalc ? ? A ASP 63  OD1 ? ? ? 1_555 C CA  . CA ? ? A ASP 63  A CA  161 1_555 ? ? ? ? ? ? ? 2.359 ? ? 
metalc9  metalc ? ? A ASP 65  OD1 ? ? ? 1_555 C CA  . CA ? ? A ASP 65  A CA  161 1_555 ? ? ? ? ? ? ? 2.398 ? ? 
metalc10 metalc ? ? A SER 67  OG  ? ? ? 1_555 C CA  . CA ? ? A SER 67  A CA  161 1_555 ? ? ? ? ? ? ? 2.238 ? ? 
metalc11 metalc ? ? A THR 69  O   ? ? ? 1_555 C CA  . CA ? ? A THR 69  A CA  161 1_555 ? ? ? ? ? ? ? 2.461 ? ? 
metalc12 metalc ? ? A GLU 74  OE1 ? ? ? 1_555 C CA  . CA ? ? A GLU 74  A CA  161 1_555 ? ? ? ? ? ? ? 2.683 ? ? 
metalc13 metalc ? ? A GLU 74  OE2 ? ? ? 1_555 C CA  . CA ? ? A GLU 74  A CA  161 1_555 ? ? ? ? ? ? ? 2.539 ? ? 
metalc14 metalc ? ? A ASP 103 OD1 ? ? ? 1_555 D CA  . CA ? ? A ASP 103 A CA  162 1_555 ? ? ? ? ? ? ? 2.488 ? ? 
metalc15 metalc ? ? A ASN 105 OD1 ? ? ? 1_555 D CA  . CA ? ? A ASN 105 A CA  162 1_555 ? ? ? ? ? ? ? 2.427 ? ? 
metalc16 metalc ? ? A ASN 105 ND2 ? ? ? 1_555 D CA  . CA ? ? A ASN 105 A CA  162 1_555 ? ? ? ? ? ? ? 3.366 ? ? 
metalc17 metalc ? ? A ASP 107 OD1 ? ? ? 1_555 D CA  . CA ? ? A ASP 107 A CA  162 1_555 ? ? ? ? ? ? ? 2.446 ? ? 
metalc18 metalc ? ? A TYR 109 O   ? ? ? 1_555 D CA  . CA ? ? A TYR 109 A CA  162 1_555 ? ? ? ? ? ? ? 2.246 ? ? 
metalc19 metalc ? ? A GLU 114 OE1 ? ? ? 1_555 D CA  . CA ? ? A GLU 114 A CA  162 1_555 ? ? ? ? ? ? ? 2.421 ? ? 
metalc20 metalc ? ? A GLU 114 OE2 ? ? ? 1_555 D CA  . CA ? ? A GLU 114 A CA  162 1_555 ? ? ? ? ? ? ? 2.542 ? ? 
metalc21 metalc ? ? A ASP 139 OD1 ? ? ? 1_555 E CA  . CA ? ? A ASP 139 A CA  163 1_555 ? ? ? ? ? ? ? 2.607 ? ? 
metalc22 metalc ? ? A ASN 141 OD1 ? ? ? 1_555 E CA  . CA ? ? A ASN 141 A CA  163 1_555 ? ? ? ? ? ? ? 2.444 ? ? 
metalc23 metalc ? ? A ASP 143 OD1 ? ? ? 1_555 E CA  . CA ? ? A ASP 143 A CA  163 1_555 ? ? ? ? ? ? ? 2.397 ? ? 
metalc24 metalc ? ? A ARG 145 O   ? ? ? 1_555 E CA  . CA ? ? A ARG 145 A CA  163 1_555 ? ? ? ? ? ? ? 2.608 ? ? 
metalc25 metalc ? ? A GLU 150 OE1 ? ? ? 1_555 E CA  . CA ? ? A GLU 150 A CA  163 1_555 ? ? ? ? ? ? ? 2.554 ? ? 
metalc26 metalc ? ? A GLU 150 OE2 ? ? ? 1_555 E CA  . CA ? ? A GLU 150 A CA  163 1_555 ? ? ? ? ? ? ? 2.307 ? ? 
metalc27 metalc ? ? B CA  .   CA  ? ? ? 1_555 G HOH . O  ? ? A CA  160 A HOH 182 1_555 ? ? ? ? ? ? ? 2.655 ? ? 
metalc28 metalc ? ? B CA  .   CA  ? ? ? 1_555 G HOH . O  ? ? A CA  160 A HOH 215 1_555 ? ? ? ? ? ? ? 2.488 ? ? 
metalc29 metalc ? ? C CA  .   CA  ? ? ? 1_555 G HOH . O  ? ? A CA  161 A HOH 175 1_555 ? ? ? ? ? ? ? 2.219 ? ? 
metalc30 metalc ? ? E CA  .   CA  ? ? ? 1_555 G HOH . O  ? ? A CA  163 A HOH 229 1_555 ? ? ? ? ? ? ? 2.447 ? ? 
metalc31 metalc ? ? F CA  .   CA  ? ? ? 1_555 G HOH . O  ? ? A CA  164 A HOH 176 1_555 ? ? ? ? ? ? ? 2.479 ? ? 
metalc32 metalc ? ? F CA  .   CA  ? ? ? 1_555 G HOH . O  ? ? A CA  164 A HOH 219 1_555 ? ? ? ? ? ? ? 2.462 ? ? 
# 
_struct_conn_type.id          metalc 
_struct_conn_type.criteria    ? 
_struct_conn_type.reference   ? 
# 
loop_
_pdbx_struct_conn_angle.id 
_pdbx_struct_conn_angle.ptnr1_label_atom_id 
_pdbx_struct_conn_angle.ptnr1_label_alt_id 
_pdbx_struct_conn_angle.ptnr1_label_asym_id 
_pdbx_struct_conn_angle.ptnr1_label_comp_id 
_pdbx_struct_conn_angle.ptnr1_label_seq_id 
_pdbx_struct_conn_angle.ptnr1_auth_atom_id 
_pdbx_struct_conn_angle.ptnr1_auth_asym_id 
_pdbx_struct_conn_angle.ptnr1_auth_comp_id 
_pdbx_struct_conn_angle.ptnr1_auth_seq_id 
_pdbx_struct_conn_angle.ptnr1_PDB_ins_code 
_pdbx_struct_conn_angle.ptnr1_symmetry 
_pdbx_struct_conn_angle.ptnr2_label_atom_id 
_pdbx_struct_conn_angle.ptnr2_label_alt_id 
_pdbx_struct_conn_angle.ptnr2_label_asym_id 
_pdbx_struct_conn_angle.ptnr2_label_comp_id 
_pdbx_struct_conn_angle.ptnr2_label_seq_id 
_pdbx_struct_conn_angle.ptnr2_auth_atom_id 
_pdbx_struct_conn_angle.ptnr2_auth_asym_id 
_pdbx_struct_conn_angle.ptnr2_auth_comp_id 
_pdbx_struct_conn_angle.ptnr2_auth_seq_id 
_pdbx_struct_conn_angle.ptnr2_PDB_ins_code 
_pdbx_struct_conn_angle.ptnr2_symmetry 
_pdbx_struct_conn_angle.ptnr3_label_atom_id 
_pdbx_struct_conn_angle.ptnr3_label_alt_id 
_pdbx_struct_conn_angle.ptnr3_label_asym_id 
_pdbx_struct_conn_angle.ptnr3_label_comp_id 
_pdbx_struct_conn_angle.ptnr3_label_seq_id 
_pdbx_struct_conn_angle.ptnr3_auth_atom_id 
_pdbx_struct_conn_angle.ptnr3_auth_asym_id 
_pdbx_struct_conn_angle.ptnr3_auth_comp_id 
_pdbx_struct_conn_angle.ptnr3_auth_seq_id 
_pdbx_struct_conn_angle.ptnr3_PDB_ins_code 
_pdbx_struct_conn_angle.ptnr3_symmetry 
_pdbx_struct_conn_angle.value 
_pdbx_struct_conn_angle.value_esd 
1  OE1 ? A GLU 14  ? A GLU 14  ? 1_555 CA ? F CA . ? A CA 164 ? 1_555 OE2 ? A GLU 14  ? A GLU 14  ? 1_555 51.0  ? 
2  OE1 ? A GLU 14  ? A GLU 14  ? 1_555 CA ? F CA . ? A CA 164 ? 1_555 O   ? G HOH .   ? A HOH 176 ? 1_555 89.4  ? 
3  OE2 ? A GLU 14  ? A GLU 14  ? 1_555 CA ? F CA . ? A CA 164 ? 1_555 O   ? G HOH .   ? A HOH 176 ? 1_555 128.4 ? 
4  OE1 ? A GLU 14  ? A GLU 14  ? 1_555 CA ? F CA . ? A CA 164 ? 1_555 O   ? G HOH .   ? A HOH 219 ? 1_555 85.6  ? 
5  OE2 ? A GLU 14  ? A GLU 14  ? 1_555 CA ? F CA . ? A CA 164 ? 1_555 O   ? G HOH .   ? A HOH 219 ? 1_555 75.3  ? 
6  O   ? G HOH .   ? A HOH 176 ? 1_555 CA ? F CA . ? A CA 164 ? 1_555 O   ? G HOH .   ? A HOH 219 ? 1_555 69.3  ? 
7  OD1 ? A ASP 27  ? A ASP 27  ? 1_555 CA ? B CA . ? A CA 160 ? 1_555 OD1 ? A ASP 29  ? A ASP 29  ? 1_555 81.8  ? 
8  OD1 ? A ASP 27  ? A ASP 27  ? 1_555 CA ? B CA . ? A CA 160 ? 1_555 O   ? A ASP 33  ? A ASP 33  ? 1_555 90.5  ? 
9  OD1 ? A ASP 29  ? A ASP 29  ? 1_555 CA ? B CA . ? A CA 160 ? 1_555 O   ? A ASP 33  ? A ASP 33  ? 1_555 149.3 ? 
10 OD1 ? A ASP 27  ? A ASP 27  ? 1_555 CA ? B CA . ? A CA 160 ? 1_555 OE1 ? A GLU 38  ? A GLU 38  ? 1_555 100.5 ? 
11 OD1 ? A ASP 29  ? A ASP 29  ? 1_555 CA ? B CA . ? A CA 160 ? 1_555 OE1 ? A GLU 38  ? A GLU 38  ? 1_555 131.4 ? 
12 O   ? A ASP 33  ? A ASP 33  ? 1_555 CA ? B CA . ? A CA 160 ? 1_555 OE1 ? A GLU 38  ? A GLU 38  ? 1_555 79.1  ? 
13 OD1 ? A ASP 27  ? A ASP 27  ? 1_555 CA ? B CA . ? A CA 160 ? 1_555 OE2 ? A GLU 38  ? A GLU 38  ? 1_555 101.0 ? 
14 OD1 ? A ASP 29  ? A ASP 29  ? 1_555 CA ? B CA . ? A CA 160 ? 1_555 OE2 ? A GLU 38  ? A GLU 38  ? 1_555 81.2  ? 
15 O   ? A ASP 33  ? A ASP 33  ? 1_555 CA ? B CA . ? A CA 160 ? 1_555 OE2 ? A GLU 38  ? A GLU 38  ? 1_555 129.5 ? 
16 OE1 ? A GLU 38  ? A GLU 38  ? 1_555 CA ? B CA . ? A CA 160 ? 1_555 OE2 ? A GLU 38  ? A GLU 38  ? 1_555 50.5  ? 
17 OD1 ? A ASP 27  ? A ASP 27  ? 1_555 CA ? B CA . ? A CA 160 ? 1_555 O   ? G HOH .   ? A HOH 182 ? 1_555 99.6  ? 
18 OD1 ? A ASP 29  ? A ASP 29  ? 1_555 CA ? B CA . ? A CA 160 ? 1_555 O   ? G HOH .   ? A HOH 182 ? 1_555 81.1  ? 
19 O   ? A ASP 33  ? A ASP 33  ? 1_555 CA ? B CA . ? A CA 160 ? 1_555 O   ? G HOH .   ? A HOH 182 ? 1_555 70.9  ? 
20 OE1 ? A GLU 38  ? A GLU 38  ? 1_555 CA ? B CA . ? A CA 160 ? 1_555 O   ? G HOH .   ? A HOH 182 ? 1_555 143.8 ? 
21 OE2 ? A GLU 38  ? A GLU 38  ? 1_555 CA ? B CA . ? A CA 160 ? 1_555 O   ? G HOH .   ? A HOH 182 ? 1_555 150.5 ? 
22 OD1 ? A ASP 27  ? A ASP 27  ? 1_555 CA ? B CA . ? A CA 160 ? 1_555 O   ? G HOH .   ? A HOH 215 ? 1_555 166.2 ? 
23 OD1 ? A ASP 29  ? A ASP 29  ? 1_555 CA ? B CA . ? A CA 160 ? 1_555 O   ? G HOH .   ? A HOH 215 ? 1_555 99.3  ? 
24 O   ? A ASP 33  ? A ASP 33  ? 1_555 CA ? B CA . ? A CA 160 ? 1_555 O   ? G HOH .   ? A HOH 215 ? 1_555 95.1  ? 
25 OE1 ? A GLU 38  ? A GLU 38  ? 1_555 CA ? B CA . ? A CA 160 ? 1_555 O   ? G HOH .   ? A HOH 215 ? 1_555 68.3  ? 
26 OE2 ? A GLU 38  ? A GLU 38  ? 1_555 CA ? B CA . ? A CA 160 ? 1_555 O   ? G HOH .   ? A HOH 215 ? 1_555 65.8  ? 
27 O   ? G HOH .   ? A HOH 182 ? 1_555 CA ? B CA . ? A CA 160 ? 1_555 O   ? G HOH .   ? A HOH 215 ? 1_555 94.2  ? 
28 OD1 ? A ASP 63  ? A ASP 63  ? 1_555 CA ? C CA . ? A CA 161 ? 1_555 OD1 ? A ASP 65  ? A ASP 65  ? 1_555 89.2  ? 
29 OD1 ? A ASP 63  ? A ASP 63  ? 1_555 CA ? C CA . ? A CA 161 ? 1_555 OG  ? A SER 67  ? A SER 67  ? 1_555 99.2  ? 
30 OD1 ? A ASP 65  ? A ASP 65  ? 1_555 CA ? C CA . ? A CA 161 ? 1_555 OG  ? A SER 67  ? A SER 67  ? 1_555 68.9  ? 
31 OD1 ? A ASP 63  ? A ASP 63  ? 1_555 CA ? C CA . ? A CA 161 ? 1_555 O   ? A THR 69  ? A THR 69  ? 1_555 78.4  ? 
32 OD1 ? A ASP 65  ? A ASP 65  ? 1_555 CA ? C CA . ? A CA 161 ? 1_555 O   ? A THR 69  ? A THR 69  ? 1_555 153.0 ? 
33 OG  ? A SER 67  ? A SER 67  ? 1_555 CA ? C CA . ? A CA 161 ? 1_555 O   ? A THR 69  ? A THR 69  ? 1_555 89.3  ? 
34 OD1 ? A ASP 63  ? A ASP 63  ? 1_555 CA ? C CA . ? A CA 161 ? 1_555 OE1 ? A GLU 74  ? A GLU 74  ? 1_555 100.6 ? 
35 OD1 ? A ASP 65  ? A ASP 65  ? 1_555 CA ? C CA . ? A CA 161 ? 1_555 OE1 ? A GLU 74  ? A GLU 74  ? 1_555 131.0 ? 
36 OG  ? A SER 67  ? A SER 67  ? 1_555 CA ? C CA . ? A CA 161 ? 1_555 OE1 ? A GLU 74  ? A GLU 74  ? 1_555 151.8 ? 
37 O   ? A THR 69  ? A THR 69  ? 1_555 CA ? C CA . ? A CA 161 ? 1_555 OE1 ? A GLU 74  ? A GLU 74  ? 1_555 75.3  ? 
38 OD1 ? A ASP 63  ? A ASP 63  ? 1_555 CA ? C CA . ? A CA 161 ? 1_555 OE2 ? A GLU 74  ? A GLU 74  ? 1_555 88.5  ? 
39 OD1 ? A ASP 65  ? A ASP 65  ? 1_555 CA ? C CA . ? A CA 161 ? 1_555 OE2 ? A GLU 74  ? A GLU 74  ? 1_555 83.6  ? 
40 OG  ? A SER 67  ? A SER 67  ? 1_555 CA ? C CA . ? A CA 161 ? 1_555 OE2 ? A GLU 74  ? A GLU 74  ? 1_555 151.1 ? 
41 O   ? A THR 69  ? A THR 69  ? 1_555 CA ? C CA . ? A CA 161 ? 1_555 OE2 ? A GLU 74  ? A GLU 74  ? 1_555 119.5 ? 
42 OE1 ? A GLU 74  ? A GLU 74  ? 1_555 CA ? C CA . ? A CA 161 ? 1_555 OE2 ? A GLU 74  ? A GLU 74  ? 1_555 49.4  ? 
43 OD1 ? A ASP 63  ? A ASP 63  ? 1_555 CA ? C CA . ? A CA 161 ? 1_555 O   ? G HOH .   ? A HOH 175 ? 1_555 170.1 ? 
44 OD1 ? A ASP 65  ? A ASP 65  ? 1_555 CA ? C CA . ? A CA 161 ? 1_555 O   ? G HOH .   ? A HOH 175 ? 1_555 81.2  ? 
45 OG  ? A SER 67  ? A SER 67  ? 1_555 CA ? C CA . ? A CA 161 ? 1_555 O   ? G HOH .   ? A HOH 175 ? 1_555 75.3  ? 
46 O   ? A THR 69  ? A THR 69  ? 1_555 CA ? C CA . ? A CA 161 ? 1_555 O   ? G HOH .   ? A HOH 175 ? 1_555 109.4 ? 
47 OE1 ? A GLU 74  ? A GLU 74  ? 1_555 CA ? C CA . ? A CA 161 ? 1_555 O   ? G HOH .   ? A HOH 175 ? 1_555 87.5  ? 
48 OE2 ? A GLU 74  ? A GLU 74  ? 1_555 CA ? C CA . ? A CA 161 ? 1_555 O   ? G HOH .   ? A HOH 175 ? 1_555 92.6  ? 
49 OD1 ? A ASP 103 ? A ASP 103 ? 1_555 CA ? D CA . ? A CA 162 ? 1_555 OD1 ? A ASN 105 ? A ASN 105 ? 1_555 74.3  ? 
50 OD1 ? A ASP 103 ? A ASP 103 ? 1_555 CA ? D CA . ? A CA 162 ? 1_555 ND2 ? A ASN 105 ? A ASN 105 ? 1_555 112.3 ? 
51 OD1 ? A ASN 105 ? A ASN 105 ? 1_555 CA ? D CA . ? A CA 162 ? 1_555 ND2 ? A ASN 105 ? A ASN 105 ? 1_555 41.5  ? 
52 OD1 ? A ASP 103 ? A ASP 103 ? 1_555 CA ? D CA . ? A CA 162 ? 1_555 OD1 ? A ASP 107 ? A ASP 107 ? 1_555 84.0  ? 
53 OD1 ? A ASN 105 ? A ASN 105 ? 1_555 CA ? D CA . ? A CA 162 ? 1_555 OD1 ? A ASP 107 ? A ASP 107 ? 1_555 70.1  ? 
54 ND2 ? A ASN 105 ? A ASN 105 ? 1_555 CA ? D CA . ? A CA 162 ? 1_555 OD1 ? A ASP 107 ? A ASP 107 ? 1_555 90.4  ? 
55 OD1 ? A ASP 103 ? A ASP 103 ? 1_555 CA ? D CA . ? A CA 162 ? 1_555 O   ? A TYR 109 ? A TYR 109 ? 1_555 100.7 ? 
56 OD1 ? A ASN 105 ? A ASN 105 ? 1_555 CA ? D CA . ? A CA 162 ? 1_555 O   ? A TYR 109 ? A TYR 109 ? 1_555 150.4 ? 
57 ND2 ? A ASN 105 ? A ASN 105 ? 1_555 CA ? D CA . ? A CA 162 ? 1_555 O   ? A TYR 109 ? A TYR 109 ? 1_555 144.6 ? 
58 OD1 ? A ASP 107 ? A ASP 107 ? 1_555 CA ? D CA . ? A CA 162 ? 1_555 O   ? A TYR 109 ? A TYR 109 ? 1_555 80.5  ? 
59 OD1 ? A ASP 103 ? A ASP 103 ? 1_555 CA ? D CA . ? A CA 162 ? 1_555 OE1 ? A GLU 114 ? A GLU 114 ? 1_555 114.0 ? 
60 OD1 ? A ASN 105 ? A ASN 105 ? 1_555 CA ? D CA . ? A CA 162 ? 1_555 OE1 ? A GLU 114 ? A GLU 114 ? 1_555 131.0 ? 
61 ND2 ? A ASN 105 ? A ASN 105 ? 1_555 CA ? D CA . ? A CA 162 ? 1_555 OE1 ? A GLU 114 ? A GLU 114 ? 1_555 98.9  ? 
62 OD1 ? A ASP 107 ? A ASP 107 ? 1_555 CA ? D CA . ? A CA 162 ? 1_555 OE1 ? A GLU 114 ? A GLU 114 ? 1_555 154.1 ? 
63 O   ? A TYR 109 ? A TYR 109 ? 1_555 CA ? D CA . ? A CA 162 ? 1_555 OE1 ? A GLU 114 ? A GLU 114 ? 1_555 78.0  ? 
64 OD1 ? A ASP 103 ? A ASP 103 ? 1_555 CA ? D CA . ? A CA 162 ? 1_555 OE2 ? A GLU 114 ? A GLU 114 ? 1_555 92.7  ? 
65 OD1 ? A ASN 105 ? A ASN 105 ? 1_555 CA ? D CA . ? A CA 162 ? 1_555 OE2 ? A GLU 114 ? A GLU 114 ? 1_555 79.3  ? 
66 ND2 ? A ASN 105 ? A ASN 105 ? 1_555 CA ? D CA . ? A CA 162 ? 1_555 OE2 ? A GLU 114 ? A GLU 114 ? 1_555 62.3  ? 
67 OD1 ? A ASP 107 ? A ASP 107 ? 1_555 CA ? D CA . ? A CA 162 ? 1_555 OE2 ? A GLU 114 ? A GLU 114 ? 1_555 149.0 ? 
68 O   ? A TYR 109 ? A TYR 109 ? 1_555 CA ? D CA . ? A CA 162 ? 1_555 OE2 ? A GLU 114 ? A GLU 114 ? 1_555 130.2 ? 
69 OE1 ? A GLU 114 ? A GLU 114 ? 1_555 CA ? D CA . ? A CA 162 ? 1_555 OE2 ? A GLU 114 ? A GLU 114 ? 1_555 52.9  ? 
70 OD1 ? A ASP 139 ? A ASP 139 ? 1_555 CA ? E CA . ? A CA 163 ? 1_555 OD1 ? A ASN 141 ? A ASN 141 ? 1_555 77.1  ? 
71 OD1 ? A ASP 139 ? A ASP 139 ? 1_555 CA ? E CA . ? A CA 163 ? 1_555 OD1 ? A ASP 143 ? A ASP 143 ? 1_555 69.9  ? 
72 OD1 ? A ASN 141 ? A ASN 141 ? 1_555 CA ? E CA . ? A CA 163 ? 1_555 OD1 ? A ASP 143 ? A ASP 143 ? 1_555 67.5  ? 
73 OD1 ? A ASP 139 ? A ASP 139 ? 1_555 CA ? E CA . ? A CA 163 ? 1_555 O   ? A ARG 145 ? A ARG 145 ? 1_555 77.2  ? 
74 OD1 ? A ASN 141 ? A ASN 141 ? 1_555 CA ? E CA . ? A CA 163 ? 1_555 O   ? A ARG 145 ? A ARG 145 ? 1_555 142.3 ? 
75 OD1 ? A ASP 143 ? A ASP 143 ? 1_555 CA ? E CA . ? A CA 163 ? 1_555 O   ? A ARG 145 ? A ARG 145 ? 1_555 77.9  ? 
76 OD1 ? A ASP 139 ? A ASP 139 ? 1_555 CA ? E CA . ? A CA 163 ? 1_555 OE1 ? A GLU 150 ? A GLU 150 ? 1_555 121.2 ? 
77 OD1 ? A ASN 141 ? A ASN 141 ? 1_555 CA ? E CA . ? A CA 163 ? 1_555 OE1 ? A GLU 150 ? A GLU 150 ? 1_555 133.1 ? 
78 OD1 ? A ASP 143 ? A ASP 143 ? 1_555 CA ? E CA . ? A CA 163 ? 1_555 OE1 ? A GLU 150 ? A GLU 150 ? 1_555 156.3 ? 
79 O   ? A ARG 145 ? A ARG 145 ? 1_555 CA ? E CA . ? A CA 163 ? 1_555 OE1 ? A GLU 150 ? A GLU 150 ? 1_555 84.2  ? 
80 OD1 ? A ASP 139 ? A ASP 139 ? 1_555 CA ? E CA . ? A CA 163 ? 1_555 OE2 ? A GLU 150 ? A GLU 150 ? 1_555 90.8  ? 
81 OD1 ? A ASN 141 ? A ASN 141 ? 1_555 CA ? E CA . ? A CA 163 ? 1_555 OE2 ? A GLU 150 ? A GLU 150 ? 1_555 87.5  ? 
82 OD1 ? A ASP 143 ? A ASP 143 ? 1_555 CA ? E CA . ? A CA 163 ? 1_555 OE2 ? A GLU 150 ? A GLU 150 ? 1_555 150.9 ? 
83 O   ? A ARG 145 ? A ARG 145 ? 1_555 CA ? E CA . ? A CA 163 ? 1_555 OE2 ? A GLU 150 ? A GLU 150 ? 1_555 120.0 ? 
84 OE1 ? A GLU 150 ? A GLU 150 ? 1_555 CA ? E CA . ? A CA 163 ? 1_555 OE2 ? A GLU 150 ? A GLU 150 ? 1_555 52.8  ? 
85 OD1 ? A ASP 139 ? A ASP 139 ? 1_555 CA ? E CA . ? A CA 163 ? 1_555 O   ? G HOH .   ? A HOH 229 ? 1_555 162.9 ? 
86 OD1 ? A ASN 141 ? A ASN 141 ? 1_555 CA ? E CA . ? A CA 163 ? 1_555 O   ? G HOH .   ? A HOH 229 ? 1_555 99.9  ? 
87 OD1 ? A ASP 143 ? A ASP 143 ? 1_555 CA ? E CA . ? A CA 163 ? 1_555 O   ? G HOH .   ? A HOH 229 ? 1_555 93.4  ? 
88 O   ? A ARG 145 ? A ARG 145 ? 1_555 CA ? E CA . ? A CA 163 ? 1_555 O   ? G HOH .   ? A HOH 229 ? 1_555 96.6  ? 
89 OE1 ? A GLU 150 ? A GLU 150 ? 1_555 CA ? E CA . ? A CA 163 ? 1_555 O   ? G HOH .   ? A HOH 229 ? 1_555 73.2  ? 
90 OE2 ? A GLU 150 ? A GLU 150 ? 1_555 CA ? E CA . ? A CA 163 ? 1_555 O   ? G HOH .   ? A HOH 229 ? 1_555 105.9 ? 
# 
_struct_sheet.id               A 
_struct_sheet.type             ? 
_struct_sheet.number_strands   2 
_struct_sheet.details          ? 
# 
_struct_sheet_order.sheet_id     A 
_struct_sheet_order.range_id_1   1 
_struct_sheet_order.range_id_2   2 
_struct_sheet_order.offset       ? 
_struct_sheet_order.sense        anti-parallel 
# 
loop_
_struct_sheet_range.sheet_id 
_struct_sheet_range.id 
_struct_sheet_range.beg_label_comp_id 
_struct_sheet_range.beg_label_asym_id 
_struct_sheet_range.beg_label_seq_id 
_struct_sheet_range.pdbx_beg_PDB_ins_code 
_struct_sheet_range.end_label_comp_id 
_struct_sheet_range.end_label_asym_id 
_struct_sheet_range.end_label_seq_id 
_struct_sheet_range.pdbx_end_PDB_ins_code 
_struct_sheet_range.beg_auth_comp_id 
_struct_sheet_range.beg_auth_asym_id 
_struct_sheet_range.beg_auth_seq_id 
_struct_sheet_range.end_auth_comp_id 
_struct_sheet_range.end_auth_asym_id 
_struct_sheet_range.end_auth_seq_id 
A 1 ASP A 33 ? ILE A 34 ? ASP A 33 ILE A 34 
A 2 ILE A 70 ? ASP A 71 ? ILE A 70 ASP A 71 
# 
_pdbx_struct_sheet_hbond.sheet_id                A 
_pdbx_struct_sheet_hbond.range_id_1              1 
_pdbx_struct_sheet_hbond.range_id_2              2 
_pdbx_struct_sheet_hbond.range_1_label_atom_id   N 
_pdbx_struct_sheet_hbond.range_1_label_comp_id   ILE 
_pdbx_struct_sheet_hbond.range_1_label_asym_id   A 
_pdbx_struct_sheet_hbond.range_1_label_seq_id    34 
_pdbx_struct_sheet_hbond.range_1_PDB_ins_code    ? 
_pdbx_struct_sheet_hbond.range_1_auth_atom_id    N 
_pdbx_struct_sheet_hbond.range_1_auth_comp_id    ILE 
_pdbx_struct_sheet_hbond.range_1_auth_asym_id    A 
_pdbx_struct_sheet_hbond.range_1_auth_seq_id     34 
_pdbx_struct_sheet_hbond.range_2_label_atom_id   O 
_pdbx_struct_sheet_hbond.range_2_label_comp_id   ILE 
_pdbx_struct_sheet_hbond.range_2_label_asym_id   A 
_pdbx_struct_sheet_hbond.range_2_label_seq_id    70 
_pdbx_struct_sheet_hbond.range_2_PDB_ins_code    ? 
_pdbx_struct_sheet_hbond.range_2_auth_atom_id    O 
_pdbx_struct_sheet_hbond.range_2_auth_comp_id    ILE 
_pdbx_struct_sheet_hbond.range_2_auth_asym_id    A 
_pdbx_struct_sheet_hbond.range_2_auth_seq_id     70 
# 
loop_
_struct_site.id 
_struct_site.pdbx_evidence_code 
_struct_site.pdbx_auth_asym_id 
_struct_site.pdbx_auth_comp_id 
_struct_site.pdbx_auth_seq_id 
_struct_site.pdbx_auth_ins_code 
_struct_site.pdbx_num_residues 
_struct_site.details 
AC1 Software A CA 160 ? 6 'BINDING SITE FOR RESIDUE CA A 160' 
AC2 Software A CA 161 ? 6 'BINDING SITE FOR RESIDUE CA A 161' 
AC3 Software A CA 162 ? 5 'BINDING SITE FOR RESIDUE CA A 162' 
AC4 Software A CA 163 ? 6 'BINDING SITE FOR RESIDUE CA A 163' 
AC5 Software A CA 164 ? 3 'BINDING SITE FOR RESIDUE CA A 164' 
# 
loop_
_struct_site_gen.id 
_struct_site_gen.site_id 
_struct_site_gen.pdbx_num_res 
_struct_site_gen.label_comp_id 
_struct_site_gen.label_asym_id 
_struct_site_gen.label_seq_id 
_struct_site_gen.pdbx_auth_ins_code 
_struct_site_gen.auth_comp_id 
_struct_site_gen.auth_asym_id 
_struct_site_gen.auth_seq_id 
_struct_site_gen.label_atom_id 
_struct_site_gen.label_alt_id 
_struct_site_gen.symmetry 
_struct_site_gen.details 
1  AC1 6 ASP A 27  ? ASP A 27  . ? 1_555 ? 
2  AC1 6 ASP A 29  ? ASP A 29  . ? 1_555 ? 
3  AC1 6 ASP A 33  ? ASP A 33  . ? 1_555 ? 
4  AC1 6 GLU A 38  ? GLU A 38  . ? 1_555 ? 
5  AC1 6 HOH G .   ? HOH A 182 . ? 1_555 ? 
6  AC1 6 HOH G .   ? HOH A 215 . ? 1_555 ? 
7  AC2 6 ASP A 63  ? ASP A 63  . ? 1_555 ? 
8  AC2 6 ASP A 65  ? ASP A 65  . ? 1_555 ? 
9  AC2 6 SER A 67  ? SER A 67  . ? 1_555 ? 
10 AC2 6 THR A 69  ? THR A 69  . ? 1_555 ? 
11 AC2 6 GLU A 74  ? GLU A 74  . ? 1_555 ? 
12 AC2 6 HOH G .   ? HOH A 175 . ? 1_555 ? 
13 AC3 5 ASP A 103 ? ASP A 103 . ? 1_555 ? 
14 AC3 5 ASN A 105 ? ASN A 105 . ? 1_555 ? 
15 AC3 5 ASP A 107 ? ASP A 107 . ? 1_555 ? 
16 AC3 5 TYR A 109 ? TYR A 109 . ? 1_555 ? 
17 AC3 5 GLU A 114 ? GLU A 114 . ? 1_555 ? 
18 AC4 6 ASP A 139 ? ASP A 139 . ? 1_555 ? 
19 AC4 6 ASN A 141 ? ASN A 141 . ? 1_555 ? 
20 AC4 6 ASP A 143 ? ASP A 143 . ? 1_555 ? 
21 AC4 6 ARG A 145 ? ARG A 145 . ? 1_555 ? 
22 AC4 6 GLU A 150 ? GLU A 150 . ? 1_555 ? 
23 AC4 6 HOH G .   ? HOH A 229 . ? 1_555 ? 
24 AC5 3 GLU A 14  ? GLU A 14  . ? 1_555 ? 
25 AC5 3 HOH G .   ? HOH A 176 . ? 1_555 ? 
26 AC5 3 HOH G .   ? HOH A 219 . ? 1_555 ? 
# 
_pdbx_validate_close_contact.id               1 
_pdbx_validate_close_contact.PDB_model_num    1 
_pdbx_validate_close_contact.auth_atom_id_1   O 
_pdbx_validate_close_contact.auth_asym_id_1   A 
_pdbx_validate_close_contact.auth_comp_id_1   HOH 
_pdbx_validate_close_contact.auth_seq_id_1    287 
_pdbx_validate_close_contact.PDB_ins_code_1   ? 
_pdbx_validate_close_contact.label_alt_id_1   ? 
_pdbx_validate_close_contact.auth_atom_id_2   O 
_pdbx_validate_close_contact.auth_asym_id_2   A 
_pdbx_validate_close_contact.auth_comp_id_2   HOH 
_pdbx_validate_close_contact.auth_seq_id_2    344 
_pdbx_validate_close_contact.PDB_ins_code_2   ? 
_pdbx_validate_close_contact.label_alt_id_2   ? 
_pdbx_validate_close_contact.dist             2.05 
# 
_pdbx_validate_symm_contact.id                1 
_pdbx_validate_symm_contact.PDB_model_num     1 
_pdbx_validate_symm_contact.auth_atom_id_1    O 
_pdbx_validate_symm_contact.auth_asym_id_1    A 
_pdbx_validate_symm_contact.auth_comp_id_1    ASP 
_pdbx_validate_symm_contact.auth_seq_id_1     24 
_pdbx_validate_symm_contact.PDB_ins_code_1    ? 
_pdbx_validate_symm_contact.label_alt_id_1    ? 
_pdbx_validate_symm_contact.site_symmetry_1   1_555 
_pdbx_validate_symm_contact.auth_atom_id_2    NH2 
_pdbx_validate_symm_contact.auth_asym_id_2    A 
_pdbx_validate_symm_contact.auth_comp_id_2    ARG 
_pdbx_validate_symm_contact.auth_seq_id_2     100 
_pdbx_validate_symm_contact.PDB_ins_code_2    ? 
_pdbx_validate_symm_contact.label_alt_id_2    ? 
_pdbx_validate_symm_contact.site_symmetry_2   2_646 
_pdbx_validate_symm_contact.dist              2.05 
# 
_pdbx_validate_rmsd_bond.id                        1 
_pdbx_validate_rmsd_bond.PDB_model_num             1 
_pdbx_validate_rmsd_bond.auth_atom_id_1            CG 
_pdbx_validate_rmsd_bond.auth_asym_id_1            A 
_pdbx_validate_rmsd_bond.auth_comp_id_1            GLU 
_pdbx_validate_rmsd_bond.auth_seq_id_1             13 
_pdbx_validate_rmsd_bond.PDB_ins_code_1            ? 
_pdbx_validate_rmsd_bond.label_alt_id_1            ? 
_pdbx_validate_rmsd_bond.auth_atom_id_2            CD 
_pdbx_validate_rmsd_bond.auth_asym_id_2            A 
_pdbx_validate_rmsd_bond.auth_comp_id_2            GLU 
_pdbx_validate_rmsd_bond.auth_seq_id_2             13 
_pdbx_validate_rmsd_bond.PDB_ins_code_2            ? 
_pdbx_validate_rmsd_bond.label_alt_id_2            ? 
_pdbx_validate_rmsd_bond.bond_value                1.611 
_pdbx_validate_rmsd_bond.bond_target_value         1.515 
_pdbx_validate_rmsd_bond.bond_deviation            0.096 
_pdbx_validate_rmsd_bond.bond_standard_deviation   0.015 
_pdbx_validate_rmsd_bond.linker_flag               N 
# 
_pdbx_validate_rmsd_angle.id                         1 
_pdbx_validate_rmsd_angle.PDB_model_num              1 
_pdbx_validate_rmsd_angle.auth_atom_id_1             OE1 
_pdbx_validate_rmsd_angle.auth_asym_id_1             A 
_pdbx_validate_rmsd_angle.auth_comp_id_1             GLU 
_pdbx_validate_rmsd_angle.auth_seq_id_1              13 
_pdbx_validate_rmsd_angle.PDB_ins_code_1             ? 
_pdbx_validate_rmsd_angle.label_alt_id_1             ? 
_pdbx_validate_rmsd_angle.auth_atom_id_2             CD 
_pdbx_validate_rmsd_angle.auth_asym_id_2             A 
_pdbx_validate_rmsd_angle.auth_comp_id_2             GLU 
_pdbx_validate_rmsd_angle.auth_seq_id_2              13 
_pdbx_validate_rmsd_angle.PDB_ins_code_2             ? 
_pdbx_validate_rmsd_angle.label_alt_id_2             ? 
_pdbx_validate_rmsd_angle.auth_atom_id_3             OE2 
_pdbx_validate_rmsd_angle.auth_asym_id_3             A 
_pdbx_validate_rmsd_angle.auth_comp_id_3             GLU 
_pdbx_validate_rmsd_angle.auth_seq_id_3              13 
_pdbx_validate_rmsd_angle.PDB_ins_code_3             ? 
_pdbx_validate_rmsd_angle.label_alt_id_3             ? 
_pdbx_validate_rmsd_angle.angle_value                113.29 
_pdbx_validate_rmsd_angle.angle_target_value         123.30 
_pdbx_validate_rmsd_angle.angle_deviation            -10.01 
_pdbx_validate_rmsd_angle.angle_standard_deviation   1.20 
_pdbx_validate_rmsd_angle.linker_flag                N 
# 
loop_
_pdbx_validate_torsion.id 
_pdbx_validate_torsion.PDB_model_num 
_pdbx_validate_torsion.auth_comp_id 
_pdbx_validate_torsion.auth_asym_id 
_pdbx_validate_torsion.auth_seq_id 
_pdbx_validate_torsion.PDB_ins_code 
_pdbx_validate_torsion.label_alt_id 
_pdbx_validate_torsion.phi 
_pdbx_validate_torsion.psi 
1 1 ASP A 27  ? ? -69.82 70.57  
2 1 ASP A 63  ? ? -48.90 77.56  
3 1 ALA A 106 ? ? 26.45  65.30  
4 1 HIS A 125 ? ? -40.25 -83.07 
5 1 VAL A 126 ? ? 54.50  113.34 
# 
loop_
_pdbx_unobs_or_zero_occ_residues.id 
_pdbx_unobs_or_zero_occ_residues.PDB_model_num 
_pdbx_unobs_or_zero_occ_residues.polymer_flag 
_pdbx_unobs_or_zero_occ_residues.occupancy_flag 
_pdbx_unobs_or_zero_occ_residues.auth_asym_id 
_pdbx_unobs_or_zero_occ_residues.auth_comp_id 
_pdbx_unobs_or_zero_occ_residues.auth_seq_id 
_pdbx_unobs_or_zero_occ_residues.PDB_ins_code 
_pdbx_unobs_or_zero_occ_residues.label_asym_id 
_pdbx_unobs_or_zero_occ_residues.label_comp_id 
_pdbx_unobs_or_zero_occ_residues.label_seq_id 
1 1 Y 1 A THR 1   ? A THR 1   
2 1 Y 1 A VAL 158 ? A VAL 158 
3 1 Y 1 A GLN 159 ? A GLN 159 
# 
loop_
_chem_comp_atom.comp_id 
_chem_comp_atom.atom_id 
_chem_comp_atom.type_symbol 
_chem_comp_atom.pdbx_aromatic_flag 
_chem_comp_atom.pdbx_stereo_config 
_chem_comp_atom.pdbx_ordinal 
ALA N    N  N N 1   
ALA CA   C  N S 2   
ALA C    C  N N 3   
ALA O    O  N N 4   
ALA CB   C  N N 5   
ALA OXT  O  N N 6   
ALA H    H  N N 7   
ALA H2   H  N N 8   
ALA HA   H  N N 9   
ALA HB1  H  N N 10  
ALA HB2  H  N N 11  
ALA HB3  H  N N 12  
ALA HXT  H  N N 13  
ARG N    N  N N 14  
ARG CA   C  N S 15  
ARG C    C  N N 16  
ARG O    O  N N 17  
ARG CB   C  N N 18  
ARG CG   C  N N 19  
ARG CD   C  N N 20  
ARG NE   N  N N 21  
ARG CZ   C  N N 22  
ARG NH1  N  N N 23  
ARG NH2  N  N N 24  
ARG OXT  O  N N 25  
ARG H    H  N N 26  
ARG H2   H  N N 27  
ARG HA   H  N N 28  
ARG HB2  H  N N 29  
ARG HB3  H  N N 30  
ARG HG2  H  N N 31  
ARG HG3  H  N N 32  
ARG HD2  H  N N 33  
ARG HD3  H  N N 34  
ARG HE   H  N N 35  
ARG HH11 H  N N 36  
ARG HH12 H  N N 37  
ARG HH21 H  N N 38  
ARG HH22 H  N N 39  
ARG HXT  H  N N 40  
ASN N    N  N N 41  
ASN CA   C  N S 42  
ASN C    C  N N 43  
ASN O    O  N N 44  
ASN CB   C  N N 45  
ASN CG   C  N N 46  
ASN OD1  O  N N 47  
ASN ND2  N  N N 48  
ASN OXT  O  N N 49  
ASN H    H  N N 50  
ASN H2   H  N N 51  
ASN HA   H  N N 52  
ASN HB2  H  N N 53  
ASN HB3  H  N N 54  
ASN HD21 H  N N 55  
ASN HD22 H  N N 56  
ASN HXT  H  N N 57  
ASP N    N  N N 58  
ASP CA   C  N S 59  
ASP C    C  N N 60  
ASP O    O  N N 61  
ASP CB   C  N N 62  
ASP CG   C  N N 63  
ASP OD1  O  N N 64  
ASP OD2  O  N N 65  
ASP OXT  O  N N 66  
ASP H    H  N N 67  
ASP H2   H  N N 68  
ASP HA   H  N N 69  
ASP HB2  H  N N 70  
ASP HB3  H  N N 71  
ASP HD2  H  N N 72  
ASP HXT  H  N N 73  
CA  CA   CA N N 74  
CYS N    N  N N 75  
CYS CA   C  N R 76  
CYS C    C  N N 77  
CYS O    O  N N 78  
CYS CB   C  N N 79  
CYS SG   S  N N 80  
CYS OXT  O  N N 81  
CYS H    H  N N 82  
CYS H2   H  N N 83  
CYS HA   H  N N 84  
CYS HB2  H  N N 85  
CYS HB3  H  N N 86  
CYS HG   H  N N 87  
CYS HXT  H  N N 88  
GLN N    N  N N 89  
GLN CA   C  N S 90  
GLN C    C  N N 91  
GLN O    O  N N 92  
GLN CB   C  N N 93  
GLN CG   C  N N 94  
GLN CD   C  N N 95  
GLN OE1  O  N N 96  
GLN NE2  N  N N 97  
GLN OXT  O  N N 98  
GLN H    H  N N 99  
GLN H2   H  N N 100 
GLN HA   H  N N 101 
GLN HB2  H  N N 102 
GLN HB3  H  N N 103 
GLN HG2  H  N N 104 
GLN HG3  H  N N 105 
GLN HE21 H  N N 106 
GLN HE22 H  N N 107 
GLN HXT  H  N N 108 
GLU N    N  N N 109 
GLU CA   C  N S 110 
GLU C    C  N N 111 
GLU O    O  N N 112 
GLU CB   C  N N 113 
GLU CG   C  N N 114 
GLU CD   C  N N 115 
GLU OE1  O  N N 116 
GLU OE2  O  N N 117 
GLU OXT  O  N N 118 
GLU H    H  N N 119 
GLU H2   H  N N 120 
GLU HA   H  N N 121 
GLU HB2  H  N N 122 
GLU HB3  H  N N 123 
GLU HG2  H  N N 124 
GLU HG3  H  N N 125 
GLU HE2  H  N N 126 
GLU HXT  H  N N 127 
GLY N    N  N N 128 
GLY CA   C  N N 129 
GLY C    C  N N 130 
GLY O    O  N N 131 
GLY OXT  O  N N 132 
GLY H    H  N N 133 
GLY H2   H  N N 134 
GLY HA2  H  N N 135 
GLY HA3  H  N N 136 
GLY HXT  H  N N 137 
HIS N    N  N N 138 
HIS CA   C  N S 139 
HIS C    C  N N 140 
HIS O    O  N N 141 
HIS CB   C  N N 142 
HIS CG   C  Y N 143 
HIS ND1  N  Y N 144 
HIS CD2  C  Y N 145 
HIS CE1  C  Y N 146 
HIS NE2  N  Y N 147 
HIS OXT  O  N N 148 
HIS H    H  N N 149 
HIS H2   H  N N 150 
HIS HA   H  N N 151 
HIS HB2  H  N N 152 
HIS HB3  H  N N 153 
HIS HD1  H  N N 154 
HIS HD2  H  N N 155 
HIS HE1  H  N N 156 
HIS HE2  H  N N 157 
HIS HXT  H  N N 158 
HOH O    O  N N 159 
HOH H1   H  N N 160 
HOH H2   H  N N 161 
ILE N    N  N N 162 
ILE CA   C  N S 163 
ILE C    C  N N 164 
ILE O    O  N N 165 
ILE CB   C  N S 166 
ILE CG1  C  N N 167 
ILE CG2  C  N N 168 
ILE CD1  C  N N 169 
ILE OXT  O  N N 170 
ILE H    H  N N 171 
ILE H2   H  N N 172 
ILE HA   H  N N 173 
ILE HB   H  N N 174 
ILE HG12 H  N N 175 
ILE HG13 H  N N 176 
ILE HG21 H  N N 177 
ILE HG22 H  N N 178 
ILE HG23 H  N N 179 
ILE HD11 H  N N 180 
ILE HD12 H  N N 181 
ILE HD13 H  N N 182 
ILE HXT  H  N N 183 
LEU N    N  N N 184 
LEU CA   C  N S 185 
LEU C    C  N N 186 
LEU O    O  N N 187 
LEU CB   C  N N 188 
LEU CG   C  N N 189 
LEU CD1  C  N N 190 
LEU CD2  C  N N 191 
LEU OXT  O  N N 192 
LEU H    H  N N 193 
LEU H2   H  N N 194 
LEU HA   H  N N 195 
LEU HB2  H  N N 196 
LEU HB3  H  N N 197 
LEU HG   H  N N 198 
LEU HD11 H  N N 199 
LEU HD12 H  N N 200 
LEU HD13 H  N N 201 
LEU HD21 H  N N 202 
LEU HD22 H  N N 203 
LEU HD23 H  N N 204 
LEU HXT  H  N N 205 
LYS N    N  N N 206 
LYS CA   C  N S 207 
LYS C    C  N N 208 
LYS O    O  N N 209 
LYS CB   C  N N 210 
LYS CG   C  N N 211 
LYS CD   C  N N 212 
LYS CE   C  N N 213 
LYS NZ   N  N N 214 
LYS OXT  O  N N 215 
LYS H    H  N N 216 
LYS H2   H  N N 217 
LYS HA   H  N N 218 
LYS HB2  H  N N 219 
LYS HB3  H  N N 220 
LYS HG2  H  N N 221 
LYS HG3  H  N N 222 
LYS HD2  H  N N 223 
LYS HD3  H  N N 224 
LYS HE2  H  N N 225 
LYS HE3  H  N N 226 
LYS HZ1  H  N N 227 
LYS HZ2  H  N N 228 
LYS HZ3  H  N N 229 
LYS HXT  H  N N 230 
MET N    N  N N 231 
MET CA   C  N S 232 
MET C    C  N N 233 
MET O    O  N N 234 
MET CB   C  N N 235 
MET CG   C  N N 236 
MET SD   S  N N 237 
MET CE   C  N N 238 
MET OXT  O  N N 239 
MET H    H  N N 240 
MET H2   H  N N 241 
MET HA   H  N N 242 
MET HB2  H  N N 243 
MET HB3  H  N N 244 
MET HG2  H  N N 245 
MET HG3  H  N N 246 
MET HE1  H  N N 247 
MET HE2  H  N N 248 
MET HE3  H  N N 249 
MET HXT  H  N N 250 
PHE N    N  N N 251 
PHE CA   C  N S 252 
PHE C    C  N N 253 
PHE O    O  N N 254 
PHE CB   C  N N 255 
PHE CG   C  Y N 256 
PHE CD1  C  Y N 257 
PHE CD2  C  Y N 258 
PHE CE1  C  Y N 259 
PHE CE2  C  Y N 260 
PHE CZ   C  Y N 261 
PHE OXT  O  N N 262 
PHE H    H  N N 263 
PHE H2   H  N N 264 
PHE HA   H  N N 265 
PHE HB2  H  N N 266 
PHE HB3  H  N N 267 
PHE HD1  H  N N 268 
PHE HD2  H  N N 269 
PHE HE1  H  N N 270 
PHE HE2  H  N N 271 
PHE HZ   H  N N 272 
PHE HXT  H  N N 273 
PRO N    N  N N 274 
PRO CA   C  N S 275 
PRO C    C  N N 276 
PRO O    O  N N 277 
PRO CB   C  N N 278 
PRO CG   C  N N 279 
PRO CD   C  N N 280 
PRO OXT  O  N N 281 
PRO H    H  N N 282 
PRO HA   H  N N 283 
PRO HB2  H  N N 284 
PRO HB3  H  N N 285 
PRO HG2  H  N N 286 
PRO HG3  H  N N 287 
PRO HD2  H  N N 288 
PRO HD3  H  N N 289 
PRO HXT  H  N N 290 
SER N    N  N N 291 
SER CA   C  N S 292 
SER C    C  N N 293 
SER O    O  N N 294 
SER CB   C  N N 295 
SER OG   O  N N 296 
SER OXT  O  N N 297 
SER H    H  N N 298 
SER H2   H  N N 299 
SER HA   H  N N 300 
SER HB2  H  N N 301 
SER HB3  H  N N 302 
SER HG   H  N N 303 
SER HXT  H  N N 304 
THR N    N  N N 305 
THR CA   C  N S 306 
THR C    C  N N 307 
THR O    O  N N 308 
THR CB   C  N R 309 
THR OG1  O  N N 310 
THR CG2  C  N N 311 
THR OXT  O  N N 312 
THR H    H  N N 313 
THR H2   H  N N 314 
THR HA   H  N N 315 
THR HB   H  N N 316 
THR HG1  H  N N 317 
THR HG21 H  N N 318 
THR HG22 H  N N 319 
THR HG23 H  N N 320 
THR HXT  H  N N 321 
TYR N    N  N N 322 
TYR CA   C  N S 323 
TYR C    C  N N 324 
TYR O    O  N N 325 
TYR CB   C  N N 326 
TYR CG   C  Y N 327 
TYR CD1  C  Y N 328 
TYR CD2  C  Y N 329 
TYR CE1  C  Y N 330 
TYR CE2  C  Y N 331 
TYR CZ   C  Y N 332 
TYR OH   O  N N 333 
TYR OXT  O  N N 334 
TYR H    H  N N 335 
TYR H2   H  N N 336 
TYR HA   H  N N 337 
TYR HB2  H  N N 338 
TYR HB3  H  N N 339 
TYR HD1  H  N N 340 
TYR HD2  H  N N 341 
TYR HE1  H  N N 342 
TYR HE2  H  N N 343 
TYR HH   H  N N 344 
TYR HXT  H  N N 345 
VAL N    N  N N 346 
VAL CA   C  N S 347 
VAL C    C  N N 348 
VAL O    O  N N 349 
VAL CB   C  N N 350 
VAL CG1  C  N N 351 
VAL CG2  C  N N 352 
VAL OXT  O  N N 353 
VAL H    H  N N 354 
VAL H2   H  N N 355 
VAL HA   H  N N 356 
VAL HB   H  N N 357 
VAL HG11 H  N N 358 
VAL HG12 H  N N 359 
VAL HG13 H  N N 360 
VAL HG21 H  N N 361 
VAL HG22 H  N N 362 
VAL HG23 H  N N 363 
VAL HXT  H  N N 364 
# 
loop_
_chem_comp_bond.comp_id 
_chem_comp_bond.atom_id_1 
_chem_comp_bond.atom_id_2 
_chem_comp_bond.value_order 
_chem_comp_bond.pdbx_aromatic_flag 
_chem_comp_bond.pdbx_stereo_config 
_chem_comp_bond.pdbx_ordinal 
ALA N   CA   sing N N 1   
ALA N   H    sing N N 2   
ALA N   H2   sing N N 3   
ALA CA  C    sing N N 4   
ALA CA  CB   sing N N 5   
ALA CA  HA   sing N N 6   
ALA C   O    doub N N 7   
ALA C   OXT  sing N N 8   
ALA CB  HB1  sing N N 9   
ALA CB  HB2  sing N N 10  
ALA CB  HB3  sing N N 11  
ALA OXT HXT  sing N N 12  
ARG N   CA   sing N N 13  
ARG N   H    sing N N 14  
ARG N   H2   sing N N 15  
ARG CA  C    sing N N 16  
ARG CA  CB   sing N N 17  
ARG CA  HA   sing N N 18  
ARG C   O    doub N N 19  
ARG C   OXT  sing N N 20  
ARG CB  CG   sing N N 21  
ARG CB  HB2  sing N N 22  
ARG CB  HB3  sing N N 23  
ARG CG  CD   sing N N 24  
ARG CG  HG2  sing N N 25  
ARG CG  HG3  sing N N 26  
ARG CD  NE   sing N N 27  
ARG CD  HD2  sing N N 28  
ARG CD  HD3  sing N N 29  
ARG NE  CZ   sing N N 30  
ARG NE  HE   sing N N 31  
ARG CZ  NH1  sing N N 32  
ARG CZ  NH2  doub N N 33  
ARG NH1 HH11 sing N N 34  
ARG NH1 HH12 sing N N 35  
ARG NH2 HH21 sing N N 36  
ARG NH2 HH22 sing N N 37  
ARG OXT HXT  sing N N 38  
ASN N   CA   sing N N 39  
ASN N   H    sing N N 40  
ASN N   H2   sing N N 41  
ASN CA  C    sing N N 42  
ASN CA  CB   sing N N 43  
ASN CA  HA   sing N N 44  
ASN C   O    doub N N 45  
ASN C   OXT  sing N N 46  
ASN CB  CG   sing N N 47  
ASN CB  HB2  sing N N 48  
ASN CB  HB3  sing N N 49  
ASN CG  OD1  doub N N 50  
ASN CG  ND2  sing N N 51  
ASN ND2 HD21 sing N N 52  
ASN ND2 HD22 sing N N 53  
ASN OXT HXT  sing N N 54  
ASP N   CA   sing N N 55  
ASP N   H    sing N N 56  
ASP N   H2   sing N N 57  
ASP CA  C    sing N N 58  
ASP CA  CB   sing N N 59  
ASP CA  HA   sing N N 60  
ASP C   O    doub N N 61  
ASP C   OXT  sing N N 62  
ASP CB  CG   sing N N 63  
ASP CB  HB2  sing N N 64  
ASP CB  HB3  sing N N 65  
ASP CG  OD1  doub N N 66  
ASP CG  OD2  sing N N 67  
ASP OD2 HD2  sing N N 68  
ASP OXT HXT  sing N N 69  
CYS N   CA   sing N N 70  
CYS N   H    sing N N 71  
CYS N   H2   sing N N 72  
CYS CA  C    sing N N 73  
CYS CA  CB   sing N N 74  
CYS CA  HA   sing N N 75  
CYS C   O    doub N N 76  
CYS C   OXT  sing N N 77  
CYS CB  SG   sing N N 78  
CYS CB  HB2  sing N N 79  
CYS CB  HB3  sing N N 80  
CYS SG  HG   sing N N 81  
CYS OXT HXT  sing N N 82  
GLN N   CA   sing N N 83  
GLN N   H    sing N N 84  
GLN N   H2   sing N N 85  
GLN CA  C    sing N N 86  
GLN CA  CB   sing N N 87  
GLN CA  HA   sing N N 88  
GLN C   O    doub N N 89  
GLN C   OXT  sing N N 90  
GLN CB  CG   sing N N 91  
GLN CB  HB2  sing N N 92  
GLN CB  HB3  sing N N 93  
GLN CG  CD   sing N N 94  
GLN CG  HG2  sing N N 95  
GLN CG  HG3  sing N N 96  
GLN CD  OE1  doub N N 97  
GLN CD  NE2  sing N N 98  
GLN NE2 HE21 sing N N 99  
GLN NE2 HE22 sing N N 100 
GLN OXT HXT  sing N N 101 
GLU N   CA   sing N N 102 
GLU N   H    sing N N 103 
GLU N   H2   sing N N 104 
GLU CA  C    sing N N 105 
GLU CA  CB   sing N N 106 
GLU CA  HA   sing N N 107 
GLU C   O    doub N N 108 
GLU C   OXT  sing N N 109 
GLU CB  CG   sing N N 110 
GLU CB  HB2  sing N N 111 
GLU CB  HB3  sing N N 112 
GLU CG  CD   sing N N 113 
GLU CG  HG2  sing N N 114 
GLU CG  HG3  sing N N 115 
GLU CD  OE1  doub N N 116 
GLU CD  OE2  sing N N 117 
GLU OE2 HE2  sing N N 118 
GLU OXT HXT  sing N N 119 
GLY N   CA   sing N N 120 
GLY N   H    sing N N 121 
GLY N   H2   sing N N 122 
GLY CA  C    sing N N 123 
GLY CA  HA2  sing N N 124 
GLY CA  HA3  sing N N 125 
GLY C   O    doub N N 126 
GLY C   OXT  sing N N 127 
GLY OXT HXT  sing N N 128 
HIS N   CA   sing N N 129 
HIS N   H    sing N N 130 
HIS N   H2   sing N N 131 
HIS CA  C    sing N N 132 
HIS CA  CB   sing N N 133 
HIS CA  HA   sing N N 134 
HIS C   O    doub N N 135 
HIS C   OXT  sing N N 136 
HIS CB  CG   sing N N 137 
HIS CB  HB2  sing N N 138 
HIS CB  HB3  sing N N 139 
HIS CG  ND1  sing Y N 140 
HIS CG  CD2  doub Y N 141 
HIS ND1 CE1  doub Y N 142 
HIS ND1 HD1  sing N N 143 
HIS CD2 NE2  sing Y N 144 
HIS CD2 HD2  sing N N 145 
HIS CE1 NE2  sing Y N 146 
HIS CE1 HE1  sing N N 147 
HIS NE2 HE2  sing N N 148 
HIS OXT HXT  sing N N 149 
HOH O   H1   sing N N 150 
HOH O   H2   sing N N 151 
ILE N   CA   sing N N 152 
ILE N   H    sing N N 153 
ILE N   H2   sing N N 154 
ILE CA  C    sing N N 155 
ILE CA  CB   sing N N 156 
ILE CA  HA   sing N N 157 
ILE C   O    doub N N 158 
ILE C   OXT  sing N N 159 
ILE CB  CG1  sing N N 160 
ILE CB  CG2  sing N N 161 
ILE CB  HB   sing N N 162 
ILE CG1 CD1  sing N N 163 
ILE CG1 HG12 sing N N 164 
ILE CG1 HG13 sing N N 165 
ILE CG2 HG21 sing N N 166 
ILE CG2 HG22 sing N N 167 
ILE CG2 HG23 sing N N 168 
ILE CD1 HD11 sing N N 169 
ILE CD1 HD12 sing N N 170 
ILE CD1 HD13 sing N N 171 
ILE OXT HXT  sing N N 172 
LEU N   CA   sing N N 173 
LEU N   H    sing N N 174 
LEU N   H2   sing N N 175 
LEU CA  C    sing N N 176 
LEU CA  CB   sing N N 177 
LEU CA  HA   sing N N 178 
LEU C   O    doub N N 179 
LEU C   OXT  sing N N 180 
LEU CB  CG   sing N N 181 
LEU CB  HB2  sing N N 182 
LEU CB  HB3  sing N N 183 
LEU CG  CD1  sing N N 184 
LEU CG  CD2  sing N N 185 
LEU CG  HG   sing N N 186 
LEU CD1 HD11 sing N N 187 
LEU CD1 HD12 sing N N 188 
LEU CD1 HD13 sing N N 189 
LEU CD2 HD21 sing N N 190 
LEU CD2 HD22 sing N N 191 
LEU CD2 HD23 sing N N 192 
LEU OXT HXT  sing N N 193 
LYS N   CA   sing N N 194 
LYS N   H    sing N N 195 
LYS N   H2   sing N N 196 
LYS CA  C    sing N N 197 
LYS CA  CB   sing N N 198 
LYS CA  HA   sing N N 199 
LYS C   O    doub N N 200 
LYS C   OXT  sing N N 201 
LYS CB  CG   sing N N 202 
LYS CB  HB2  sing N N 203 
LYS CB  HB3  sing N N 204 
LYS CG  CD   sing N N 205 
LYS CG  HG2  sing N N 206 
LYS CG  HG3  sing N N 207 
LYS CD  CE   sing N N 208 
LYS CD  HD2  sing N N 209 
LYS CD  HD3  sing N N 210 
LYS CE  NZ   sing N N 211 
LYS CE  HE2  sing N N 212 
LYS CE  HE3  sing N N 213 
LYS NZ  HZ1  sing N N 214 
LYS NZ  HZ2  sing N N 215 
LYS NZ  HZ3  sing N N 216 
LYS OXT HXT  sing N N 217 
MET N   CA   sing N N 218 
MET N   H    sing N N 219 
MET N   H2   sing N N 220 
MET CA  C    sing N N 221 
MET CA  CB   sing N N 222 
MET CA  HA   sing N N 223 
MET C   O    doub N N 224 
MET C   OXT  sing N N 225 
MET CB  CG   sing N N 226 
MET CB  HB2  sing N N 227 
MET CB  HB3  sing N N 228 
MET CG  SD   sing N N 229 
MET CG  HG2  sing N N 230 
MET CG  HG3  sing N N 231 
MET SD  CE   sing N N 232 
MET CE  HE1  sing N N 233 
MET CE  HE2  sing N N 234 
MET CE  HE3  sing N N 235 
MET OXT HXT  sing N N 236 
PHE N   CA   sing N N 237 
PHE N   H    sing N N 238 
PHE N   H2   sing N N 239 
PHE CA  C    sing N N 240 
PHE CA  CB   sing N N 241 
PHE CA  HA   sing N N 242 
PHE C   O    doub N N 243 
PHE C   OXT  sing N N 244 
PHE CB  CG   sing N N 245 
PHE CB  HB2  sing N N 246 
PHE CB  HB3  sing N N 247 
PHE CG  CD1  doub Y N 248 
PHE CG  CD2  sing Y N 249 
PHE CD1 CE1  sing Y N 250 
PHE CD1 HD1  sing N N 251 
PHE CD2 CE2  doub Y N 252 
PHE CD2 HD2  sing N N 253 
PHE CE1 CZ   doub Y N 254 
PHE CE1 HE1  sing N N 255 
PHE CE2 CZ   sing Y N 256 
PHE CE2 HE2  sing N N 257 
PHE CZ  HZ   sing N N 258 
PHE OXT HXT  sing N N 259 
PRO N   CA   sing N N 260 
PRO N   CD   sing N N 261 
PRO N   H    sing N N 262 
PRO CA  C    sing N N 263 
PRO CA  CB   sing N N 264 
PRO CA  HA   sing N N 265 
PRO C   O    doub N N 266 
PRO C   OXT  sing N N 267 
PRO CB  CG   sing N N 268 
PRO CB  HB2  sing N N 269 
PRO CB  HB3  sing N N 270 
PRO CG  CD   sing N N 271 
PRO CG  HG2  sing N N 272 
PRO CG  HG3  sing N N 273 
PRO CD  HD2  sing N N 274 
PRO CD  HD3  sing N N 275 
PRO OXT HXT  sing N N 276 
SER N   CA   sing N N 277 
SER N   H    sing N N 278 
SER N   H2   sing N N 279 
SER CA  C    sing N N 280 
SER CA  CB   sing N N 281 
SER CA  HA   sing N N 282 
SER C   O    doub N N 283 
SER C   OXT  sing N N 284 
SER CB  OG   sing N N 285 
SER CB  HB2  sing N N 286 
SER CB  HB3  sing N N 287 
SER OG  HG   sing N N 288 
SER OXT HXT  sing N N 289 
THR N   CA   sing N N 290 
THR N   H    sing N N 291 
THR N   H2   sing N N 292 
THR CA  C    sing N N 293 
THR CA  CB   sing N N 294 
THR CA  HA   sing N N 295 
THR C   O    doub N N 296 
THR C   OXT  sing N N 297 
THR CB  OG1  sing N N 298 
THR CB  CG2  sing N N 299 
THR CB  HB   sing N N 300 
THR OG1 HG1  sing N N 301 
THR CG2 HG21 sing N N 302 
THR CG2 HG22 sing N N 303 
THR CG2 HG23 sing N N 304 
THR OXT HXT  sing N N 305 
TYR N   CA   sing N N 306 
TYR N   H    sing N N 307 
TYR N   H2   sing N N 308 
TYR CA  C    sing N N 309 
TYR CA  CB   sing N N 310 
TYR CA  HA   sing N N 311 
TYR C   O    doub N N 312 
TYR C   OXT  sing N N 313 
TYR CB  CG   sing N N 314 
TYR CB  HB2  sing N N 315 
TYR CB  HB3  sing N N 316 
TYR CG  CD1  doub Y N 317 
TYR CG  CD2  sing Y N 318 
TYR CD1 CE1  sing Y N 319 
TYR CD1 HD1  sing N N 320 
TYR CD2 CE2  doub Y N 321 
TYR CD2 HD2  sing N N 322 
TYR CE1 CZ   doub Y N 323 
TYR CE1 HE1  sing N N 324 
TYR CE2 CZ   sing Y N 325 
TYR CE2 HE2  sing N N 326 
TYR CZ  OH   sing N N 327 
TYR OH  HH   sing N N 328 
TYR OXT HXT  sing N N 329 
VAL N   CA   sing N N 330 
VAL N   H    sing N N 331 
VAL N   H2   sing N N 332 
VAL CA  C    sing N N 333 
VAL CA  CB   sing N N 334 
VAL CA  HA   sing N N 335 
VAL C   O    doub N N 336 
VAL C   OXT  sing N N 337 
VAL CB  CG1  sing N N 338 
VAL CB  CG2  sing N N 339 
VAL CB  HB   sing N N 340 
VAL CG1 HG11 sing N N 341 
VAL CG1 HG12 sing N N 342 
VAL CG1 HG13 sing N N 343 
VAL CG2 HG21 sing N N 344 
VAL CG2 HG22 sing N N 345 
VAL CG2 HG23 sing N N 346 
VAL OXT HXT  sing N N 347 
# 
_atom_sites.entry_id                    1TCF 
_atom_sites.fract_transf_matrix[1][1]   -0.01937021 
_atom_sites.fract_transf_matrix[1][2]   0.02493582 
_atom_sites.fract_transf_matrix[1][3]   0.00329630 
_atom_sites.fract_transf_matrix[2][1]   0.00627685 
_atom_sites.fract_transf_matrix[2][2]   0.00285377 
_atom_sites.fract_transf_matrix[2][3]   0.01529680 
_atom_sites.fract_transf_matrix[3][1]   0.01205667 
_atom_sites.fract_transf_matrix[3][2]   0.01560848 
_atom_sites.fract_transf_matrix[3][3]   -0.00785923 
_atom_sites.fract_transf_vector[1]      0.642828 
_atom_sites.fract_transf_vector[2]      0.671203 
_atom_sites.fract_transf_vector[3]      0.299757 
# 
loop_
_atom_type.symbol 
C  
CA 
N  
O  
S  
# 
loop_
_atom_site.group_PDB 
_atom_site.id 
_atom_site.type_symbol 
_atom_site.label_atom_id 
_atom_site.label_alt_id 
_atom_site.label_comp_id 
_atom_site.label_asym_id 
_atom_site.label_entity_id 
_atom_site.label_seq_id 
_atom_site.pdbx_PDB_ins_code 
_atom_site.Cartn_x 
_atom_site.Cartn_y 
_atom_site.Cartn_z 
_atom_site.occupancy 
_atom_site.B_iso_or_equiv 
_atom_site.pdbx_formal_charge 
_atom_site.auth_seq_id 
_atom_site.auth_comp_id 
_atom_site.auth_asym_id 
_atom_site.auth_atom_id 
_atom_site.pdbx_PDB_model_num 
ATOM   1    N  N   . ASP A 1 2   ? -19.091 8.119   -9.771  1.00 24.48 ? 2   ASP A N   1 
ATOM   2    C  CA  . ASP A 1 2   ? -18.982 7.842   -8.298  1.00 29.02 ? 2   ASP A CA  1 
ATOM   3    C  C   . ASP A 1 2   ? -17.546 7.499   -7.906  1.00 27.30 ? 2   ASP A C   1 
ATOM   4    O  O   . ASP A 1 2   ? -17.033 8.009   -6.910  1.00 32.04 ? 2   ASP A O   1 
ATOM   5    C  CB  . ASP A 1 2   ? -19.925 6.690   -7.902  1.00 30.41 ? 2   ASP A CB  1 
ATOM   6    C  CG  . ASP A 1 2   ? -21.273 7.187   -7.353  1.00 32.39 ? 2   ASP A CG  1 
ATOM   7    O  OD1 . ASP A 1 2   ? -21.482 8.425   -7.293  1.00 30.50 ? 2   ASP A OD1 1 
ATOM   8    O  OD2 . ASP A 1 2   ? -22.117 6.339   -6.985  1.00 33.70 ? 2   ASP A OD2 1 
ATOM   9    N  N   . GLN A 1 3   ? -16.899 6.632   -8.686  1.00 25.15 ? 3   GLN A N   1 
ATOM   10   C  CA  . GLN A 1 3   ? -15.502 6.248   -8.434  1.00 23.38 ? 3   GLN A CA  1 
ATOM   11   C  C   . GLN A 1 3   ? -14.555 7.385   -8.717  1.00 20.41 ? 3   GLN A C   1 
ATOM   12   O  O   . GLN A 1 3   ? -13.509 7.508   -8.097  1.00 24.41 ? 3   GLN A O   1 
ATOM   13   C  CB  . GLN A 1 3   ? -15.075 5.108   -9.315  1.00 22.40 ? 3   GLN A CB  1 
ATOM   14   C  CG  . GLN A 1 3   ? -15.745 3.822   -9.016  1.00 21.22 ? 3   GLN A CG  1 
ATOM   15   C  CD  . GLN A 1 3   ? -15.318 2.775   -9.996  1.00 23.98 ? 3   GLN A CD  1 
ATOM   16   O  OE1 . GLN A 1 3   ? -14.276 2.164   -9.834  1.00 26.08 ? 3   GLN A OE1 1 
ATOM   17   N  NE2 . GLN A 1 3   ? -16.110 2.568   -11.038 1.00 27.58 ? 3   GLN A NE2 1 
ATOM   18   N  N   . GLN A 1 4   ? -14.892 8.192   -9.702  1.00 17.54 ? 4   GLN A N   1 
ATOM   19   C  CA  . GLN A 1 4   ? -14.056 9.325   -10.006 1.00 15.52 ? 4   GLN A CA  1 
ATOM   20   C  C   . GLN A 1 4   ? -14.229 10.415  -8.918  1.00 16.67 ? 4   GLN A C   1 
ATOM   21   O  O   . GLN A 1 4   ? -13.240 11.063  -8.489  1.00 16.56 ? 4   GLN A O   1 
ATOM   22   C  CB  . GLN A 1 4   ? -14.414 9.858   -11.407 1.00 15.41 ? 4   GLN A CB  1 
ATOM   23   C  CG  . GLN A 1 4   ? -13.766 9.069   -12.536 1.00 14.49 ? 4   GLN A CG  1 
ATOM   24   C  CD  . GLN A 1 4   ? -14.613 9.030   -13.782 1.00 18.74 ? 4   GLN A CD  1 
ATOM   25   O  OE1 . GLN A 1 4   ? -15.505 9.853   -13.957 1.00 18.94 ? 4   GLN A OE1 1 
ATOM   26   N  NE2 . GLN A 1 4   ? -14.335 8.075   -14.660 1.00 16.29 ? 4   GLN A NE2 1 
ATOM   27   N  N   . ALA A 1 5   ? -15.468 10.596  -8.445  1.00 17.34 ? 5   ALA A N   1 
ATOM   28   C  CA  . ALA A 1 5   ? -15.763 11.615  -7.422  1.00 19.23 ? 5   ALA A CA  1 
ATOM   29   C  C   . ALA A 1 5   ? -14.997 11.349  -6.145  1.00 19.71 ? 5   ALA A C   1 
ATOM   30   O  O   . ALA A 1 5   ? -14.493 12.281  -5.488  1.00 19.43 ? 5   ALA A O   1 
ATOM   31   C  CB  . ALA A 1 5   ? -17.277 11.657  -7.128  1.00 18.41 ? 5   ALA A CB  1 
ATOM   32   N  N   . GLU A 1 6   ? -14.944 10.055  -5.819  1.00 19.79 ? 6   GLU A N   1 
ATOM   33   C  CA  . GLU A 1 6   ? -14.273 9.510   -4.659  1.00 21.78 ? 6   GLU A CA  1 
ATOM   34   C  C   . GLU A 1 6   ? -12.766 9.717   -4.791  1.00 18.31 ? 6   GLU A C   1 
ATOM   35   O  O   . GLU A 1 6   ? -12.093 10.079  -3.839  1.00 22.65 ? 6   GLU A O   1 
ATOM   36   C  CB  . GLU A 1 6   ? -14.558 8.018   -4.598  1.00 26.85 ? 6   GLU A CB  1 
ATOM   37   C  CG  . GLU A 1 6   ? -15.829 7.650   -3.899  1.00 36.50 ? 6   GLU A CG  1 
ATOM   38   C  CD  . GLU A 1 6   ? -15.649 6.367   -3.101  1.00 41.58 ? 6   GLU A CD  1 
ATOM   39   O  OE1 . GLU A 1 6   ? -15.357 5.324   -3.737  1.00 45.25 ? 6   GLU A OE1 1 
ATOM   40   O  OE2 . GLU A 1 6   ? -15.817 6.397   -1.856  1.00 45.52 ? 6   GLU A OE2 1 
ATOM   41   N  N   . ALA A 1 7   ? -12.254 9.486   -5.994  1.00 13.24 ? 7   ALA A N   1 
ATOM   42   C  CA  . ALA A 1 7   ? -10.836 9.606   -6.299  1.00 12.35 ? 7   ALA A CA  1 
ATOM   43   C  C   . ALA A 1 7   ? -10.397 11.034  -6.081  1.00 13.92 ? 7   ALA A C   1 
ATOM   44   O  O   . ALA A 1 7   ? -9.337  11.325  -5.514  1.00 14.07 ? 7   ALA A O   1 
ATOM   45   C  CB  . ALA A 1 7   ? -10.592 9.208   -7.760  1.00 10.68 ? 7   ALA A CB  1 
ATOM   46   N  N   . ARG A 1 8   ? -11.233 11.918  -6.591  1.00 14.21 ? 8   ARG A N   1 
ATOM   47   C  CA  . ARG A 1 8   ? -11.049 13.359  -6.530  1.00 18.90 ? 8   ARG A CA  1 
ATOM   48   C  C   . ARG A 1 8   ? -10.950 13.796  -5.095  1.00 19.98 ? 8   ARG A C   1 
ATOM   49   O  O   . ARG A 1 8   ? -10.052 14.533  -4.722  1.00 24.93 ? 8   ARG A O   1 
ATOM   50   C  CB  . ARG A 1 8   ? -12.270 14.035  -7.166  1.00 20.75 ? 8   ARG A CB  1 
ATOM   51   C  CG  . ARG A 1 8   ? -12.085 15.474  -7.613  1.00 19.11 ? 8   ARG A CG  1 
ATOM   52   C  CD  . ARG A 1 8   ? -12.479 15.617  -9.053  1.00 25.56 ? 8   ARG A CD  1 
ATOM   53   N  NE  . ARG A 1 8   ? -11.292 15.685  -9.883  1.00 31.92 ? 8   ARG A NE  1 
ATOM   54   C  CZ  . ARG A 1 8   ? -11.294 15.451  -11.221 1.00 35.53 ? 8   ARG A CZ  1 
ATOM   55   N  NH1 . ARG A 1 8   ? -12.450 15.154  -11.807 1.00 40.74 ? 8   ARG A NH1 1 
ATOM   56   N  NH2 . ARG A 1 8   ? -10.148 15.543  -11.881 1.00 32.18 ? 8   ARG A NH2 1 
ATOM   57   N  N   . SER A 1 9   ? -11.900 13.343  -4.287  1.00 20.35 ? 9   SER A N   1 
ATOM   58   C  CA  . SER A 1 9   ? -11.936 13.718  -2.890  1.00 17.41 ? 9   SER A CA  1 
ATOM   59   C  C   . SER A 1 9   ? -10.695 13.251  -2.092  1.00 17.38 ? 9   SER A C   1 
ATOM   60   O  O   . SER A 1 9   ? -10.307 13.866  -1.085  1.00 14.79 ? 9   SER A O   1 
ATOM   61   C  CB  . SER A 1 9   ? -13.228 13.176  -2.287  1.00 21.56 ? 9   SER A CB  1 
ATOM   62   O  OG  . SER A 1 9   ? -13.136 11.783  -2.035  1.00 27.20 ? 9   SER A OG  1 
ATOM   63   N  N   . TYR A 1 10  ? -10.083 12.161  -2.549  1.00 17.30 ? 10  TYR A N   1 
ATOM   64   C  CA  . TYR A 1 10  ? -8.872  11.585  -1.937  1.00 12.71 ? 10  TYR A CA  1 
ATOM   65   C  C   . TYR A 1 10  ? -7.643  12.449  -2.272  1.00 12.50 ? 10  TYR A C   1 
ATOM   66   O  O   . TYR A 1 10  ? -6.697  12.486  -1.528  1.00 11.07 ? 10  TYR A O   1 
ATOM   67   C  CB  . TYR A 1 10  ? -8.663  10.167  -2.477  1.00 13.93 ? 10  TYR A CB  1 
ATOM   68   C  CG  . TYR A 1 10  ? -7.454  9.411   -1.964  1.00 13.36 ? 10  TYR A CG  1 
ATOM   69   C  CD1 . TYR A 1 10  ? -7.535  8.626   -0.816  1.00 13.79 ? 10  TYR A CD1 1 
ATOM   70   C  CD2 . TYR A 1 10  ? -6.241  9.410   -2.681  1.00 14.88 ? 10  TYR A CD2 1 
ATOM   71   C  CE1 . TYR A 1 10  ? -6.449  7.842   -0.395  1.00 14.32 ? 10  TYR A CE1 1 
ATOM   72   C  CE2 . TYR A 1 10  ? -5.140  8.619   -2.259  1.00 17.95 ? 10  TYR A CE2 1 
ATOM   73   C  CZ  . TYR A 1 10  ? -5.263  7.841   -1.111  1.00 16.79 ? 10  TYR A CZ  1 
ATOM   74   O  OH  . TYR A 1 10  ? -4.213  7.075   -0.661  1.00 17.54 ? 10  TYR A OH  1 
ATOM   75   N  N   . LEU A 1 11  ? -7.657  13.139  -3.404  1.00 12.78 ? 11  LEU A N   1 
ATOM   76   C  CA  . LEU A 1 11  ? -6.510  14.000  -3.748  1.00 10.17 ? 11  LEU A CA  1 
ATOM   77   C  C   . LEU A 1 11  ? -6.662  15.477  -3.491  1.00 9.09  ? 11  LEU A C   1 
ATOM   78   O  O   . LEU A 1 11  ? -7.768  16.057  -3.545  1.00 5.56  ? 11  LEU A O   1 
ATOM   79   C  CB  . LEU A 1 11  ? -6.112  13.883  -5.218  1.00 3.44  ? 11  LEU A CB  1 
ATOM   80   C  CG  . LEU A 1 11  ? -5.887  12.534  -5.842  1.00 2.40  ? 11  LEU A CG  1 
ATOM   81   C  CD1 . LEU A 1 11  ? -6.119  12.707  -7.329  1.00 7.07  ? 11  LEU A CD1 1 
ATOM   82   C  CD2 . LEU A 1 11  ? -4.482  12.038  -5.558  1.00 3.99  ? 11  LEU A CD2 1 
ATOM   83   N  N   . SER A 1 12  ? -5.502  16.091  -3.269  1.00 9.75  ? 12  SER A N   1 
ATOM   84   C  CA  . SER A 1 12  ? -5.438  17.515  -3.060  1.00 9.81  ? 12  SER A CA  1 
ATOM   85   C  C   . SER A 1 12  ? -5.210  18.118  -4.417  1.00 13.63 ? 12  SER A C   1 
ATOM   86   O  O   . SER A 1 12  ? -4.798  17.444  -5.352  1.00 16.47 ? 12  SER A O   1 
ATOM   87   C  CB  . SER A 1 12  ? -4.268  17.905  -2.169  1.00 2.40  ? 12  SER A CB  1 
ATOM   88   O  OG  . SER A 1 12  ? -3.025  17.518  -2.718  1.00 6.87  ? 12  SER A OG  1 
ATOM   89   N  N   . GLU A 1 13  ? -5.534  19.404  -4.487  1.00 14.74 ? 13  GLU A N   1 
ATOM   90   C  CA  . GLU A 1 13  ? -5.354  20.255  -5.637  1.00 11.47 ? 13  GLU A CA  1 
ATOM   91   C  C   . GLU A 1 13  ? -3.977  20.017  -6.169  1.00 11.81 ? 13  GLU A C   1 
ATOM   92   O  O   . GLU A 1 13  ? -3.757  19.878  -7.366  1.00 9.23  ? 13  GLU A O   1 
ATOM   93   C  CB  . GLU A 1 13  ? -5.445  21.691  -5.204  1.00 17.86 ? 13  GLU A CB  1 
ATOM   94   C  CG  . GLU A 1 13  ? -6.668  22.381  -5.859  1.00 18.53 ? 13  GLU A CG  1 
ATOM   95   C  CD  . GLU A 1 13  ? -6.558  23.974  -5.647  1.00 29.41 ? 13  GLU A CD  1 
ATOM   96   O  OE1 . GLU A 1 13  ? -5.533  24.588  -5.964  1.00 30.85 ? 13  GLU A OE1 1 
ATOM   97   O  OE2 . GLU A 1 13  ? -7.443  24.718  -5.090  1.00 26.97 ? 13  GLU A OE2 1 
ATOM   98   N  N   . GLU A 1 14  ? -3.063  19.990  -5.212  1.00 10.54 ? 14  GLU A N   1 
ATOM   99   C  CA  . GLU A 1 14  ? -1.652  19.855  -5.453  1.00 11.06 ? 14  GLU A CA  1 
ATOM   100  C  C   . GLU A 1 14  ? -1.288  18.528  -6.070  1.00 11.29 ? 14  GLU A C   1 
ATOM   101  O  O   . GLU A 1 14  ? -0.410  18.459  -6.920  1.00 12.72 ? 14  GLU A O   1 
ATOM   102  C  CB  . GLU A 1 14  ? -0.892  20.067  -4.145  1.00 9.10  ? 14  GLU A CB  1 
ATOM   103  C  CG  . GLU A 1 14  ? -0.889  21.528  -3.560  1.00 2.40  ? 14  GLU A CG  1 
ATOM   104  C  CD  . GLU A 1 14  ? -2.213  21.939  -2.927  1.00 2.40  ? 14  GLU A CD  1 
ATOM   105  O  OE1 . GLU A 1 14  ? -3.187  21.220  -3.007  1.00 3.50  ? 14  GLU A OE1 1 
ATOM   106  O  OE2 . GLU A 1 14  ? -2.336  23.011  -2.347  1.00 2.40  ? 14  GLU A OE2 1 
ATOM   107  N  N   . MET A 1 15  ? -1.956  17.474  -5.637  1.00 11.18 ? 15  MET A N   1 
ATOM   108  C  CA  . MET A 1 15  ? -1.720  16.149  -6.182  1.00 12.68 ? 15  MET A CA  1 
ATOM   109  C  C   . MET A 1 15  ? -2.364  16.032  -7.565  1.00 14.73 ? 15  MET A C   1 
ATOM   110  O  O   . MET A 1 15  ? -1.793  15.458  -8.504  1.00 17.43 ? 15  MET A O   1 
ATOM   111  C  CB  . MET A 1 15  ? -2.348  15.117  -5.272  1.00 14.02 ? 15  MET A CB  1 
ATOM   112  C  CG  . MET A 1 15  ? -1.457  14.624  -4.161  1.00 17.38 ? 15  MET A CG  1 
ATOM   113  S  SD  . MET A 1 15  ? 0.225   14.644  -4.693  1.00 24.45 ? 15  MET A SD  1 
ATOM   114  C  CE  . MET A 1 15  ? 1.047   14.386  -3.206  1.00 29.95 ? 15  MET A CE  1 
ATOM   115  N  N   . ILE A 1 16  ? -3.566  16.563  -7.704  1.00 9.74  ? 16  ILE A N   1 
ATOM   116  C  CA  . ILE A 1 16  ? -4.231  16.451  -8.999  1.00 6.68  ? 16  ILE A CA  1 
ATOM   117  C  C   . ILE A 1 16  ? -3.321  17.088  -10.040 1.00 5.10  ? 16  ILE A C   1 
ATOM   118  O  O   . ILE A 1 16  ? -3.014  16.473  -11.040 1.00 11.16 ? 16  ILE A O   1 
ATOM   119  C  CB  . ILE A 1 16  ? -5.634  17.136  -8.947  1.00 5.30  ? 16  ILE A CB  1 
ATOM   120  C  CG1 . ILE A 1 16  ? -6.574  16.300  -8.077  1.00 2.40  ? 16  ILE A CG1 1 
ATOM   121  C  CG2 . ILE A 1 16  ? -6.257  17.260  -10.322 1.00 4.19  ? 16  ILE A CG2 1 
ATOM   122  C  CD1 . ILE A 1 16  ? -7.786  17.084  -7.640  1.00 2.40  ? 16  ILE A CD1 1 
ATOM   123  N  N   . ALA A 1 17  ? -2.850  18.307  -9.784  1.00 11.85 ? 17  ALA A N   1 
ATOM   124  C  CA  . ALA A 1 17  ? -1.999  19.028  -10.750 1.00 10.02 ? 17  ALA A CA  1 
ATOM   125  C  C   . ALA A 1 17  ? -0.732  18.314  -11.111 1.00 11.11 ? 17  ALA A C   1 
ATOM   126  O  O   . ALA A 1 17  ? -0.194  18.558  -12.192 1.00 14.02 ? 17  ALA A O   1 
ATOM   127  C  CB  . ALA A 1 17  ? -1.643  20.472  -10.257 1.00 6.42  ? 17  ALA A CB  1 
ATOM   128  N  N   . GLU A 1 18  ? -0.225  17.478  -10.204 1.00 13.32 ? 18  GLU A N   1 
ATOM   129  C  CA  . GLU A 1 18  ? 0.993   16.687  -10.456 1.00 14.62 ? 18  GLU A CA  1 
ATOM   130  C  C   . GLU A 1 18  ? 0.556   15.627  -11.428 1.00 14.39 ? 18  GLU A C   1 
ATOM   131  O  O   . GLU A 1 18  ? 1.298   15.278  -12.342 1.00 13.19 ? 18  GLU A O   1 
ATOM   132  C  CB  . GLU A 1 18  ? 1.463   15.934  -9.212  1.00 15.95 ? 18  GLU A CB  1 
ATOM   133  C  CG  . GLU A 1 18  ? 2.357   16.721  -8.306  1.00 25.17 ? 18  GLU A CG  1 
ATOM   134  C  CD  . GLU A 1 18  ? 2.846   15.925  -7.113  1.00 28.11 ? 18  GLU A CD  1 
ATOM   135  O  OE1 . GLU A 1 18  ? 3.126   14.703  -7.269  1.00 35.07 ? 18  GLU A OE1 1 
ATOM   136  O  OE2 . GLU A 1 18  ? 2.954   16.531  -6.022  1.00 27.28 ? 18  GLU A OE2 1 
ATOM   137  N  N   . PHE A 1 19  ? -0.635  15.082  -11.196 1.00 14.21 ? 19  PHE A N   1 
ATOM   138  C  CA  . PHE A 1 19  ? -1.156  14.047  -12.079 1.00 14.40 ? 19  PHE A CA  1 
ATOM   139  C  C   . PHE A 1 19  ? -1.597  14.600  -13.457 1.00 16.83 ? 19  PHE A C   1 
ATOM   140  O  O   . PHE A 1 19  ? -1.443  13.909  -14.459 1.00 18.39 ? 19  PHE A O   1 
ATOM   141  C  CB  . PHE A 1 19  ? -2.297  13.299  -11.399 1.00 13.04 ? 19  PHE A CB  1 
ATOM   142  C  CG  . PHE A 1 19  ? -1.868  12.501  -10.195 1.00 8.99  ? 19  PHE A CG  1 
ATOM   143  C  CD1 . PHE A 1 19  ? -0.774  11.652  -10.250 1.00 10.82 ? 19  PHE A CD1 1 
ATOM   144  C  CD2 . PHE A 1 19  ? -2.605  12.548  -9.031  1.00 8.78  ? 19  PHE A CD2 1 
ATOM   145  C  CE1 . PHE A 1 19  ? -0.418  10.856  -9.153  1.00 8.23  ? 19  PHE A CE1 1 
ATOM   146  C  CE2 . PHE A 1 19  ? -2.246  11.758  -7.940  1.00 9.68  ? 19  PHE A CE2 1 
ATOM   147  C  CZ  . PHE A 1 19  ? -1.147  10.919  -8.013  1.00 9.64  ? 19  PHE A CZ  1 
ATOM   148  N  N   . LYS A 1 20  ? -2.157  15.814  -13.524 1.00 18.57 ? 20  LYS A N   1 
ATOM   149  C  CA  . LYS A 1 20  ? -2.516  16.409  -14.824 1.00 21.45 ? 20  LYS A CA  1 
ATOM   150  C  C   . LYS A 1 20  ? -1.235  16.493  -15.660 1.00 22.14 ? 20  LYS A C   1 
ATOM   151  O  O   . LYS A 1 20  ? -1.246  16.268  -16.863 1.00 24.81 ? 20  LYS A O   1 
ATOM   152  C  CB  . LYS A 1 20  ? -3.047  17.835  -14.679 1.00 23.47 ? 20  LYS A CB  1 
ATOM   153  C  CG  . LYS A 1 20  ? -4.457  17.923  -14.157 1.00 35.05 ? 20  LYS A CG  1 
ATOM   154  C  CD  . LYS A 1 20  ? -4.881  19.359  -13.844 1.00 39.69 ? 20  LYS A CD  1 
ATOM   155  C  CE  . LYS A 1 20  ? -6.254  19.387  -13.186 1.00 41.56 ? 20  LYS A CE  1 
ATOM   156  N  NZ  . LYS A 1 20  ? -6.744  20.745  -12.894 1.00 43.70 ? 20  LYS A NZ  1 
ATOM   157  N  N   . ALA A 1 21  ? -0.117  16.793  -15.001 1.00 19.01 ? 21  ALA A N   1 
ATOM   158  C  CA  . ALA A 1 21  ? 1.150   16.930  -15.695 1.00 16.25 ? 21  ALA A CA  1 
ATOM   159  C  C   . ALA A 1 21  ? 1.625   15.610  -16.250 1.00 15.97 ? 21  ALA A C   1 
ATOM   160  O  O   . ALA A 1 21  ? 2.125   15.561  -17.358 1.00 12.17 ? 21  ALA A O   1 
ATOM   161  C  CB  . ALA A 1 21  ? 2.191   17.515  -14.751 1.00 20.56 ? 21  ALA A CB  1 
ATOM   162  N  N   . ALA A 1 22  ? 1.511   14.551  -15.451 1.00 14.83 ? 22  ALA A N   1 
ATOM   163  C  CA  . ALA A 1 22  ? 1.903   13.211  -15.906 1.00 14.02 ? 22  ALA A CA  1 
ATOM   164  C  C   . ALA A 1 22  ? 0.955   12.857  -17.069 1.00 13.35 ? 22  ALA A C   1 
ATOM   165  O  O   . ALA A 1 22  ? 1.398   12.504  -18.150 1.00 11.50 ? 22  ALA A O   1 
ATOM   166  C  CB  . ALA A 1 22  ? 1.751   12.209  -14.769 1.00 9.73  ? 22  ALA A CB  1 
ATOM   167  N  N   . PHE A 1 23  ? -0.353  12.983  -16.828 1.00 11.37 ? 23  PHE A N   1 
ATOM   168  C  CA  . PHE A 1 23  ? -1.376  12.714  -17.824 1.00 11.46 ? 23  PHE A CA  1 
ATOM   169  C  C   . PHE A 1 23  ? -1.038  13.377  -19.147 1.00 13.03 ? 23  PHE A C   1 
ATOM   170  O  O   . PHE A 1 23  ? -1.044  12.732  -20.216 1.00 14.35 ? 23  PHE A O   1 
ATOM   171  C  CB  . PHE A 1 23  ? -2.719  13.247  -17.347 1.00 9.64  ? 23  PHE A CB  1 
ATOM   172  C  CG  . PHE A 1 23  ? -3.863  12.959  -18.305 1.00 11.87 ? 23  PHE A CG  1 
ATOM   173  C  CD1 . PHE A 1 23  ? -4.399  11.686  -18.372 1.00 11.57 ? 23  PHE A CD1 1 
ATOM   174  C  CD2 . PHE A 1 23  ? -4.400  13.963  -19.135 1.00 8.22  ? 23  PHE A CD2 1 
ATOM   175  C  CE1 . PHE A 1 23  ? -5.413  11.397  -19.241 1.00 14.88 ? 23  PHE A CE1 1 
ATOM   176  C  CE2 . PHE A 1 23  ? -5.421  13.689  -20.003 1.00 13.26 ? 23  PHE A CE2 1 
ATOM   177  C  CZ  . PHE A 1 23  ? -5.935  12.397  -20.065 1.00 14.68 ? 23  PHE A CZ  1 
ATOM   178  N  N   . ASP A 1 24  ? -0.756  14.676  -19.066 1.00 13.44 ? 24  ASP A N   1 
ATOM   179  C  CA  . ASP A 1 24  ? -0.424  15.434  -20.255 1.00 12.68 ? 24  ASP A CA  1 
ATOM   180  C  C   . ASP A 1 24  ? 0.776   14.813  -20.902 1.00 13.38 ? 24  ASP A C   1 
ATOM   181  O  O   . ASP A 1 24  ? 0.778   14.660  -22.115 1.00 18.55 ? 24  ASP A O   1 
ATOM   182  C  CB  . ASP A 1 24  ? -0.125  16.891  -19.895 1.00 11.09 ? 24  ASP A CB  1 
ATOM   183  C  CG  . ASP A 1 24  ? -1.389  17.728  -19.681 1.00 13.84 ? 24  ASP A CG  1 
ATOM   184  O  OD1 . ASP A 1 24  ? -2.488  17.169  -19.666 1.00 13.97 ? 24  ASP A OD1 1 
ATOM   185  O  OD2 . ASP A 1 24  ? -1.286  18.975  -19.523 1.00 24.53 ? 24  ASP A OD2 1 
ATOM   186  N  N   . MET A 1 25  ? 1.780   14.408  -20.124 1.00 15.25 ? 25  MET A N   1 
ATOM   187  C  CA  . MET A 1 25  ? 2.924   13.836  -20.807 1.00 16.20 ? 25  MET A CA  1 
ATOM   188  C  C   . MET A 1 25  ? 2.518   12.564  -21.548 1.00 17.45 ? 25  MET A C   1 
ATOM   189  O  O   . MET A 1 25  ? 2.836   12.407  -22.706 1.00 20.75 ? 25  MET A O   1 
ATOM   190  C  CB  . MET A 1 25  ? 4.082   13.523  -19.851 1.00 18.47 ? 25  MET A CB  1 
ATOM   191  C  CG  . MET A 1 25  ? 4.968   14.730  -19.471 1.00 15.21 ? 25  MET A CG  1 
ATOM   192  S  SD  . MET A 1 25  ? 5.915   14.460  -17.918 1.00 17.10 ? 25  MET A SD  1 
ATOM   193  C  CE  . MET A 1 25  ? 6.932   15.988  -17.912 1.00 8.60  ? 25  MET A CE  1 
ATOM   194  N  N   . PHE A 1 26  ? 1.783   11.669  -20.895 1.00 17.64 ? 26  PHE A N   1 
ATOM   195  C  CA  . PHE A 1 26  ? 1.379   10.395  -21.513 1.00 13.87 ? 26  PHE A CA  1 
ATOM   196  C  C   . PHE A 1 26  ? 0.523   10.655  -22.724 1.00 14.85 ? 26  PHE A C   1 
ATOM   197  O  O   . PHE A 1 26  ? 0.588   9.942   -23.700 1.00 17.16 ? 26  PHE A O   1 
ATOM   198  C  CB  . PHE A 1 26  ? 0.545   9.550   -20.543 1.00 13.32 ? 26  PHE A CB  1 
ATOM   199  C  CG  . PHE A 1 26  ? 1.288   9.120   -19.328 1.00 14.37 ? 26  PHE A CG  1 
ATOM   200  C  CD1 . PHE A 1 26  ? 2.678   9.125   -19.307 1.00 16.90 ? 26  PHE A CD1 1 
ATOM   201  C  CD2 . PHE A 1 26  ? 0.604   8.734   -18.189 1.00 18.62 ? 26  PHE A CD2 1 
ATOM   202  C  CE1 . PHE A 1 26  ? 3.367   8.739   -18.166 1.00 17.51 ? 26  PHE A CE1 1 
ATOM   203  C  CE2 . PHE A 1 26  ? 1.278   8.337   -17.038 1.00 18.97 ? 26  PHE A CE2 1 
ATOM   204  C  CZ  . PHE A 1 26  ? 2.657   8.347   -17.023 1.00 22.36 ? 26  PHE A CZ  1 
ATOM   205  N  N   . ASP A 1 27  ? -0.303  11.678  -22.634 1.00 12.25 ? 27  ASP A N   1 
ATOM   206  C  CA  . ASP A 1 27  ? -1.167  11.997  -23.738 1.00 12.06 ? 27  ASP A CA  1 
ATOM   207  C  C   . ASP A 1 27  ? -0.363  12.550  -24.931 1.00 13.72 ? 27  ASP A C   1 
ATOM   208  O  O   . ASP A 1 27  ? -0.504  13.728  -25.264 1.00 16.37 ? 27  ASP A O   1 
ATOM   209  C  CB  . ASP A 1 27  ? -2.223  12.987  -23.262 1.00 8.61  ? 27  ASP A CB  1 
ATOM   210  C  CG  . ASP A 1 27  ? -3.065  13.512  -24.386 1.00 12.38 ? 27  ASP A CG  1 
ATOM   211  O  OD1 . ASP A 1 27  ? -3.119  12.795  -25.416 1.00 5.24  ? 27  ASP A OD1 1 
ATOM   212  O  OD2 . ASP A 1 27  ? -3.635  14.616  -24.282 1.00 7.06  ? 27  ASP A OD2 1 
ATOM   213  N  N   . ALA A 1 28  ? 0.421   11.681  -25.598 1.00 11.60 ? 28  ALA A N   1 
ATOM   214  C  CA  . ALA A 1 28  ? 1.309   12.059  -26.703 1.00 10.26 ? 28  ALA A CA  1 
ATOM   215  C  C   . ALA A 1 28  ? 0.835   13.030  -27.764 1.00 11.12 ? 28  ALA A C   1 
ATOM   216  O  O   . ALA A 1 28  ? 1.616   13.863  -28.216 1.00 12.52 ? 28  ALA A O   1 
ATOM   217  C  CB  . ALA A 1 28  ? 1.855   10.829  -27.363 1.00 6.82  ? 28  ALA A CB  1 
ATOM   218  N  N   . ASP A 1 29  ? -0.416  12.934  -28.175 1.00 13.21 ? 29  ASP A N   1 
ATOM   219  C  CA  . ASP A 1 29  ? -0.919  13.854  -29.177 1.00 13.51 ? 29  ASP A CA  1 
ATOM   220  C  C   . ASP A 1 29  ? -1.628  15.040  -28.604 1.00 10.15 ? 29  ASP A C   1 
ATOM   221  O  O   . ASP A 1 29  ? -2.154  15.858  -29.335 1.00 15.19 ? 29  ASP A O   1 
ATOM   222  C  CB  . ASP A 1 29  ? -1.817  13.158  -30.184 1.00 8.88  ? 29  ASP A CB  1 
ATOM   223  C  CG  . ASP A 1 29  ? -3.185  12.803  -29.647 1.00 9.82  ? 29  ASP A CG  1 
ATOM   224  O  OD1 . ASP A 1 29  ? -3.447  12.748  -28.423 1.00 7.78  ? 29  ASP A OD1 1 
ATOM   225  O  OD2 . ASP A 1 29  ? -4.025  12.558  -30.521 1.00 12.93 ? 29  ASP A OD2 1 
ATOM   226  N  N   . GLY A 1 30  ? -1.618  15.131  -27.281 1.00 11.02 ? 30  GLY A N   1 
ATOM   227  C  CA  . GLY A 1 30  ? -2.259  16.246  -26.585 1.00 9.55  ? 30  GLY A CA  1 
ATOM   228  C  C   . GLY A 1 30  ? -3.768  16.349  -26.733 1.00 11.75 ? 30  GLY A C   1 
ATOM   229  O  O   . GLY A 1 30  ? -4.394  17.368  -26.377 1.00 9.70  ? 30  GLY A O   1 
ATOM   230  N  N   . GLY A 1 31  ? -4.358  15.276  -27.253 1.00 10.45 ? 31  GLY A N   1 
ATOM   231  C  CA  . GLY A 1 31  ? -5.789  15.220  -27.477 1.00 5.35  ? 31  GLY A CA  1 
ATOM   232  C  C   . GLY A 1 31  ? -6.708  15.146  -26.264 1.00 8.94  ? 31  GLY A C   1 
ATOM   233  O  O   . GLY A 1 31  ? -7.922  15.312  -26.449 1.00 6.01  ? 31  GLY A O   1 
ATOM   234  N  N   . GLY A 1 32  ? -6.175  14.911  -25.048 1.00 5.90  ? 32  GLY A N   1 
ATOM   235  C  CA  . GLY A 1 32  ? -7.045  14.853  -23.875 1.00 5.00  ? 32  GLY A CA  1 
ATOM   236  C  C   . GLY A 1 32  ? -7.393  13.475  -23.326 1.00 11.87 ? 32  GLY A C   1 
ATOM   237  O  O   . GLY A 1 32  ? -8.085  13.331  -22.299 1.00 12.82 ? 32  GLY A O   1 
ATOM   238  N  N   . ASP A 1 33  ? -6.996  12.441  -24.046 1.00 10.67 ? 33  ASP A N   1 
ATOM   239  C  CA  . ASP A 1 33  ? -7.215  11.136  -23.517 1.00 9.18  ? 33  ASP A CA  1 
ATOM   240  C  C   . ASP A 1 33  ? -6.151  10.190  -24.002 1.00 8.83  ? 33  ASP A C   1 
ATOM   241  O  O   . ASP A 1 33  ? -5.537  10.412  -25.043 1.00 14.41 ? 33  ASP A O   1 
ATOM   242  C  CB  . ASP A 1 33  ? -8.656  10.692  -23.732 1.00 7.07  ? 33  ASP A CB  1 
ATOM   243  C  CG  . ASP A 1 33  ? -8.953  10.243  -25.114 1.00 10.60 ? 33  ASP A CG  1 
ATOM   244  O  OD1 . ASP A 1 33  ? -8.094  10.380  -26.015 1.00 12.78 ? 33  ASP A OD1 1 
ATOM   245  O  OD2 . ASP A 1 33  ? -10.080 9.757   -25.274 1.00 8.55  ? 33  ASP A OD2 1 
ATOM   246  N  N   . ILE A 1 34  ? -5.865  9.183   -23.180 1.00 5.14  ? 34  ILE A N   1 
ATOM   247  C  CA  . ILE A 1 34  ? -4.807  8.219   -23.467 1.00 4.56  ? 34  ILE A CA  1 
ATOM   248  C  C   . ILE A 1 34  ? -5.271  6.996   -24.213 1.00 4.34  ? 34  ILE A C   1 
ATOM   249  O  O   . ILE A 1 34  ? -6.145  6.284   -23.754 1.00 5.72  ? 34  ILE A O   1 
ATOM   250  C  CB  . ILE A 1 34  ? -4.085  7.776   -22.140 1.00 8.17  ? 34  ILE A CB  1 
ATOM   251  C  CG1 . ILE A 1 34  ? -3.481  9.023   -21.458 1.00 2.40  ? 34  ILE A CG1 1 
ATOM   252  C  CG2 . ILE A 1 34  ? -2.955  6.733   -22.420 1.00 9.29  ? 34  ILE A CG2 1 
ATOM   253  C  CD1 . ILE A 1 34  ? -3.000  8.744   -20.073 1.00 2.63  ? 34  ILE A CD1 1 
ATOM   254  N  N   . SER A 1 35  ? -4.647  6.750   -25.355 1.00 6.59  ? 35  SER A N   1 
ATOM   255  C  CA  . SER A 1 35  ? -4.993  5.606   -26.189 1.00 7.30  ? 35  SER A CA  1 
ATOM   256  C  C   . SER A 1 35  ? -4.119  4.402   -25.932 1.00 7.53  ? 35  SER A C   1 
ATOM   257  O  O   . SER A 1 35  ? -3.173  4.444   -25.160 1.00 3.26  ? 35  SER A O   1 
ATOM   258  C  CB  . SER A 1 35  ? -4.900  6.023   -27.671 1.00 6.75  ? 35  SER A CB  1 
ATOM   259  O  OG  . SER A 1 35  ? -3.539  6.208   -28.040 1.00 3.79  ? 35  SER A OG  1 
ATOM   260  N  N   . VAL A 1 36  ? -4.487  3.304   -26.560 1.00 11.38 ? 36  VAL A N   1 
ATOM   261  C  CA  . VAL A 1 36  ? -3.751  2.058   -26.451 1.00 14.81 ? 36  VAL A CA  1 
ATOM   262  C  C   . VAL A 1 36  ? -2.317  2.240   -26.939 1.00 15.14 ? 36  VAL A C   1 
ATOM   263  O  O   . VAL A 1 36  ? -1.378  1.639   -26.421 1.00 17.86 ? 36  VAL A O   1 
ATOM   264  C  CB  . VAL A 1 36  ? -4.415  0.984   -27.321 1.00 14.85 ? 36  VAL A CB  1 
ATOM   265  C  CG1 . VAL A 1 36  ? -3.501  -0.215  -27.503 1.00 15.40 ? 36  VAL A CG1 1 
ATOM   266  C  CG2 . VAL A 1 36  ? -5.689  0.555   -26.678 1.00 15.54 ? 36  VAL A CG2 1 
ATOM   267  N  N   . LYS A 1 37  ? -2.153  3.076   -27.956 1.00 16.49 ? 37  LYS A N   1 
ATOM   268  C  CA  . LYS A 1 37  ? -0.852  3.324   -28.536 1.00 15.42 ? 37  LYS A CA  1 
ATOM   269  C  C   . LYS A 1 37  ? 0.000   4.116   -27.564 1.00 14.32 ? 37  LYS A C   1 
ATOM   270  O  O   . LYS A 1 37  ? 1.173   3.759   -27.317 1.00 13.49 ? 37  LYS A O   1 
ATOM   271  C  CB  . LYS A 1 37  ? -1.007  4.125   -29.820 1.00 14.39 ? 37  LYS A CB  1 
ATOM   272  C  CG  . LYS A 1 37  ? -2.201  5.078   -29.784 1.00 18.14 ? 37  LYS A CG  1 
ATOM   273  C  CD  . LYS A 1 37  ? -2.494  5.753   -31.153 1.00 19.65 ? 37  LYS A CD  1 
ATOM   274  C  CE  . LYS A 1 37  ? -3.476  6.907   -30.994 1.00 18.22 ? 37  LYS A CE  1 
ATOM   275  N  NZ  . LYS A 1 37  ? -3.012  7.869   -30.011 1.00 8.05  ? 37  LYS A NZ  1 
ATOM   276  N  N   . GLU A 1 38  ? -0.594  5.187   -27.019 1.00 14.33 ? 38  GLU A N   1 
ATOM   277  C  CA  . GLU A 1 38  ? 0.107   6.061   -26.070 1.00 8.32  ? 38  GLU A CA  1 
ATOM   278  C  C   . GLU A 1 38  ? 0.466   5.305   -24.800 1.00 9.08  ? 38  GLU A C   1 
ATOM   279  O  O   . GLU A 1 38  ? 1.546   5.481   -24.270 1.00 7.65  ? 38  GLU A O   1 
ATOM   280  C  CB  . GLU A 1 38  ? -0.732  7.305   -25.745 1.00 3.28  ? 38  GLU A CB  1 
ATOM   281  C  CG  . GLU A 1 38  ? -0.751  8.252   -26.904 1.00 2.40  ? 38  GLU A CG  1 
ATOM   282  C  CD  . GLU A 1 38  ? -1.886  9.227   -26.861 1.00 2.40  ? 38  GLU A CD  1 
ATOM   283  O  OE1 . GLU A 1 38  ? -2.776  9.118   -26.015 1.00 9.28  ? 38  GLU A OE1 1 
ATOM   284  O  OE2 . GLU A 1 38  ? -1.898  10.111  -27.717 1.00 8.25  ? 38  GLU A OE2 1 
ATOM   285  N  N   . LEU A 1 39  ? -0.428  4.457   -24.313 1.00 7.49  ? 39  LEU A N   1 
ATOM   286  C  CA  . LEU A 1 39  ? -0.111  3.711   -23.116 1.00 8.76  ? 39  LEU A CA  1 
ATOM   287  C  C   . LEU A 1 39  ? 0.983   2.705   -23.385 1.00 10.36 ? 39  LEU A C   1 
ATOM   288  O  O   . LEU A 1 39  ? 1.795   2.410   -22.514 1.00 13.81 ? 39  LEU A O   1 
ATOM   289  C  CB  . LEU A 1 39  ? -1.325  2.948   -22.630 1.00 8.83  ? 39  LEU A CB  1 
ATOM   290  C  CG  . LEU A 1 39  ? -1.151  2.059   -21.402 1.00 11.79 ? 39  LEU A CG  1 
ATOM   291  C  CD1 . LEU A 1 39  ? -0.991  2.948   -20.192 1.00 6.42  ? 39  LEU A CD1 1 
ATOM   292  C  CD2 . LEU A 1 39  ? -2.376  1.214   -21.189 1.00 7.33  ? 39  LEU A CD2 1 
ATOM   293  N  N   . GLY A 1 40  ? 1.007   2.148   -24.590 1.00 11.64 ? 40  GLY A N   1 
ATOM   294  C  CA  . GLY A 1 40  ? 2.013   1.140   -24.875 1.00 9.32  ? 40  GLY A CA  1 
ATOM   295  C  C   . GLY A 1 40  ? 3.388   1.725   -24.898 1.00 6.97  ? 40  GLY A C   1 
ATOM   296  O  O   . GLY A 1 40  ? 4.342   1.124   -24.449 1.00 7.90  ? 40  GLY A O   1 
ATOM   297  N  N   . THR A 1 41  ? 3.496   2.927   -25.436 1.00 8.04  ? 41  THR A N   1 
ATOM   298  C  CA  . THR A 1 41  ? 4.793   3.572   -25.506 1.00 9.89  ? 41  THR A CA  1 
ATOM   299  C  C   . THR A 1 41  ? 5.353   3.763   -24.143 1.00 13.41 ? 41  THR A C   1 
ATOM   300  O  O   . THR A 1 41  ? 6.547   3.604   -23.949 1.00 20.88 ? 41  THR A O   1 
ATOM   301  C  CB  . THR A 1 41  ? 4.723   4.951   -26.120 1.00 8.75  ? 41  THR A CB  1 
ATOM   302  O  OG1 . THR A 1 41  ? 4.329   4.855   -27.498 1.00 7.54  ? 41  THR A OG1 1 
ATOM   303  C  CG2 . THR A 1 41  ? 6.073   5.601   -26.004 1.00 3.24  ? 41  THR A CG2 1 
ATOM   304  N  N   . VAL A 1 42  ? 4.488   4.119   -23.193 1.00 15.74 ? 42  VAL A N   1 
ATOM   305  C  CA  . VAL A 1 42  ? 4.908   4.370   -21.825 1.00 12.54 ? 42  VAL A CA  1 
ATOM   306  C  C   . VAL A 1 42  ? 5.284   3.070   -21.118 1.00 11.59 ? 42  VAL A C   1 
ATOM   307  O  O   . VAL A 1 42  ? 6.260   3.036   -20.351 1.00 12.82 ? 42  VAL A O   1 
ATOM   308  C  CB  . VAL A 1 42  ? 3.794   5.163   -21.073 1.00 11.51 ? 42  VAL A CB  1 
ATOM   309  C  CG1 . VAL A 1 42  ? 4.076   5.227   -19.611 1.00 10.18 ? 42  VAL A CG1 1 
ATOM   310  C  CG2 . VAL A 1 42  ? 3.753   6.597   -21.581 1.00 13.89 ? 42  VAL A CG2 1 
ATOM   311  N  N   . MET A 1 43  ? 4.572   1.990   -21.419 1.00 15.80 ? 43  MET A N   1 
ATOM   312  C  CA  . MET A 1 43  ? 4.852   0.690   -20.805 1.00 16.00 ? 43  MET A CA  1 
ATOM   313  C  C   . MET A 1 43  ? 6.108   0.041   -21.362 1.00 19.96 ? 43  MET A C   1 
ATOM   314  O  O   . MET A 1 43  ? 6.928   -0.509  -20.615 1.00 18.79 ? 43  MET A O   1 
ATOM   315  C  CB  . MET A 1 43  ? 3.663   -0.225  -20.980 1.00 22.80 ? 43  MET A CB  1 
ATOM   316  C  CG  . MET A 1 43  ? 2.421   0.428   -20.422 1.00 30.69 ? 43  MET A CG  1 
ATOM   317  S  SD  . MET A 1 43  ? 1.004   -0.631  -20.412 1.00 42.08 ? 43  MET A SD  1 
ATOM   318  C  CE  . MET A 1 43  ? 0.495   -0.535  -18.724 1.00 42.91 ? 43  MET A CE  1 
ATOM   319  N  N   . ARG A 1 44  ? 6.283   0.149   -22.671 1.00 21.81 ? 44  ARG A N   1 
ATOM   320  C  CA  . ARG A 1 44  ? 7.450   -0.403  -23.334 1.00 22.83 ? 44  ARG A CA  1 
ATOM   321  C  C   . ARG A 1 44  ? 8.626   0.273   -22.638 1.00 22.83 ? 44  ARG A C   1 
ATOM   322  O  O   . ARG A 1 44  ? 9.647   -0.340  -22.326 1.00 23.39 ? 44  ARG A O   1 
ATOM   323  C  CB  . ARG A 1 44  ? 7.445   0.026   -24.798 1.00 24.01 ? 44  ARG A CB  1 
ATOM   324  C  CG  . ARG A 1 44  ? 6.993   -0.975  -25.816 1.00 23.92 ? 44  ARG A CG  1 
ATOM   325  C  CD  . ARG A 1 44  ? 7.142   -0.341  -27.196 1.00 21.79 ? 44  ARG A CD  1 
ATOM   326  N  NE  . ARG A 1 44  ? 5.881   0.199   -27.659 1.00 23.11 ? 44  ARG A NE  1 
ATOM   327  C  CZ  . ARG A 1 44  ? 5.766   1.348   -28.312 1.00 25.91 ? 44  ARG A CZ  1 
ATOM   328  N  NH1 . ARG A 1 44  ? 6.837   2.089   -28.541 1.00 26.82 ? 44  ARG A NH1 1 
ATOM   329  N  NH2 . ARG A 1 44  ? 4.576   1.755   -28.743 1.00 31.17 ? 44  ARG A NH2 1 
ATOM   330  N  N   . MET A 1 45  ? 8.479   1.570   -22.433 1.00 23.37 ? 45  MET A N   1 
ATOM   331  C  CA  . MET A 1 45  ? 9.510   2.353   -21.818 1.00 23.03 ? 45  MET A CA  1 
ATOM   332  C  C   . MET A 1 45  ? 9.914   1.847   -20.491 1.00 24.08 ? 45  MET A C   1 
ATOM   333  O  O   . MET A 1 45  ? 11.094  1.856   -20.170 1.00 24.84 ? 45  MET A O   1 
ATOM   334  C  CB  . MET A 1 45  ? 9.059   3.773   -21.682 1.00 23.28 ? 45  MET A CB  1 
ATOM   335  C  CG  . MET A 1 45  ? 9.087   4.480   -22.957 1.00 20.59 ? 45  MET A CG  1 
ATOM   336  S  SD  . MET A 1 45  ? 8.910   6.194   -22.578 1.00 28.75 ? 45  MET A SD  1 
ATOM   337  C  CE  . MET A 1 45  ? 7.798   6.657   -23.911 1.00 27.97 ? 45  MET A CE  1 
ATOM   338  N  N   . LEU A 1 46  ? 8.924   1.485   -19.690 1.00 25.09 ? 46  LEU A N   1 
ATOM   339  C  CA  . LEU A 1 46  ? 9.166   0.917   -18.369 1.00 26.66 ? 46  LEU A CA  1 
ATOM   340  C  C   . LEU A 1 46  ? 9.827   -0.463  -18.485 1.00 28.53 ? 46  LEU A C   1 
ATOM   341  O  O   . LEU A 1 46  ? 10.093  -1.160  -17.480 1.00 31.70 ? 46  LEU A O   1 
ATOM   342  C  CB  . LEU A 1 46  ? 7.851   0.766   -17.640 1.00 20.78 ? 46  LEU A CB  1 
ATOM   343  C  CG  . LEU A 1 46  ? 7.225   2.081   -17.237 1.00 20.81 ? 46  LEU A CG  1 
ATOM   344  C  CD1 . LEU A 1 46  ? 6.036   1.801   -16.351 1.00 19.26 ? 46  LEU A CD1 1 
ATOM   345  C  CD2 . LEU A 1 46  ? 8.273   2.925   -16.513 1.00 22.97 ? 46  LEU A CD2 1 
ATOM   346  N  N   . GLY A 1 47  ? 9.985   -0.888  -19.732 1.00 29.80 ? 47  GLY A N   1 
ATOM   347  C  CA  . GLY A 1 47  ? 10.649  -2.142  -19.994 1.00 30.45 ? 47  GLY A CA  1 
ATOM   348  C  C   . GLY A 1 47  ? 9.733   -3.319  -20.199 1.00 29.07 ? 47  GLY A C   1 
ATOM   349  O  O   . GLY A 1 47  ? 10.234  -4.443  -20.191 1.00 31.18 ? 47  GLY A O   1 
ATOM   350  N  N   . GLN A 1 48  ? 8.426   -3.112  -20.368 1.00 28.66 ? 48  GLN A N   1 
ATOM   351  C  CA  . GLN A 1 48  ? 7.543   -4.268  -20.558 1.00 28.61 ? 48  GLN A CA  1 
ATOM   352  C  C   . GLN A 1 48  ? 7.213   -4.484  -22.024 1.00 26.29 ? 48  GLN A C   1 
ATOM   353  O  O   . GLN A 1 48  ? 7.353   -3.555  -22.818 1.00 26.16 ? 48  GLN A O   1 
ATOM   354  C  CB  . GLN A 1 48  ? 6.204   -4.104  -19.842 1.00 32.78 ? 48  GLN A CB  1 
ATOM   355  C  CG  . GLN A 1 48  ? 6.099   -3.168  -18.667 1.00 36.46 ? 48  GLN A CG  1 
ATOM   356  C  CD  . GLN A 1 48  ? 4.957   -3.630  -17.749 1.00 40.60 ? 48  GLN A CD  1 
ATOM   357  O  OE1 . GLN A 1 48  ? 4.708   -4.828  -17.628 1.00 41.76 ? 48  GLN A OE1 1 
ATOM   358  N  NE2 . GLN A 1 48  ? 4.271   -2.691  -17.108 1.00 42.23 ? 48  GLN A NE2 1 
ATOM   359  N  N   . THR A 1 49  ? 6.718   -5.691  -22.340 1.00 24.11 ? 49  THR A N   1 
ATOM   360  C  CA  . THR A 1 49  ? 6.318   -6.102  -23.691 1.00 21.25 ? 49  THR A CA  1 
ATOM   361  C  C   . THR A 1 49  ? 4.854   -6.483  -23.716 1.00 19.71 ? 49  THR A C   1 
ATOM   362  O  O   . THR A 1 49  ? 4.523   -7.655  -23.877 1.00 23.92 ? 49  THR A O   1 
ATOM   363  C  CB  . THR A 1 49  ? 7.032   -7.347  -24.129 1.00 19.34 ? 49  THR A CB  1 
ATOM   364  O  OG1 . THR A 1 49  ? 7.290   -8.129  -22.966 1.00 21.09 ? 49  THR A OG1 1 
ATOM   365  C  CG2 . THR A 1 49  ? 8.300   -7.003  -24.847 1.00 19.25 ? 49  THR A CG2 1 
ATOM   366  N  N   . PRO A 1 50  ? 3.957   -5.519  -23.552 1.00 17.04 ? 50  PRO A N   1 
ATOM   367  C  CA  . PRO A 1 50  ? 2.530   -5.838  -23.560 1.00 14.88 ? 50  PRO A CA  1 
ATOM   368  C  C   . PRO A 1 50  ? 1.972   -5.983  -24.959 1.00 12.17 ? 50  PRO A C   1 
ATOM   369  O  O   . PRO A 1 50  ? 2.498   -5.388  -25.908 1.00 11.95 ? 50  PRO A O   1 
ATOM   370  C  CB  . PRO A 1 50  ? 1.885   -4.695  -22.796 1.00 13.93 ? 50  PRO A CB  1 
ATOM   371  C  CG  . PRO A 1 50  ? 2.839   -3.528  -22.965 1.00 16.15 ? 50  PRO A CG  1 
ATOM   372  C  CD  . PRO A 1 50  ? 4.212   -4.080  -23.346 1.00 20.34 ? 50  PRO A CD  1 
ATOM   373  N  N   . THR A 1 51  ? 0.951   -6.822  -25.084 1.00 12.50 ? 51  THR A N   1 
ATOM   374  C  CA  . THR A 1 51  ? 0.305   -7.052  -26.376 1.00 11.04 ? 51  THR A CA  1 
ATOM   375  C  C   . THR A 1 51  ? -0.777  -5.985  -26.418 1.00 12.10 ? 51  THR A C   1 
ATOM   376  O  O   . THR A 1 51  ? -1.022  -5.315  -25.416 1.00 11.81 ? 51  THR A O   1 
ATOM   377  C  CB  . THR A 1 51  ? -0.393  -8.399  -26.439 1.00 10.08 ? 51  THR A CB  1 
ATOM   378  O  OG1 . THR A 1 51  ? -1.477  -8.399  -25.498 1.00 10.25 ? 51  THR A OG1 1 
ATOM   379  C  CG2 . THR A 1 51  ? 0.586   -9.541  -26.137 1.00 2.40  ? 51  THR A CG2 1 
ATOM   380  N  N   . LYS A 1 52  ? -1.438  -5.813  -27.551 1.00 13.23 ? 52  LYS A N   1 
ATOM   381  C  CA  . LYS A 1 52  ? -2.501  -4.801  -27.622 1.00 16.05 ? 52  LYS A CA  1 
ATOM   382  C  C   . LYS A 1 52  ? -3.694  -5.125  -26.732 1.00 13.71 ? 52  LYS A C   1 
ATOM   383  O  O   . LYS A 1 52  ? -4.368  -4.218  -26.214 1.00 14.55 ? 52  LYS A O   1 
ATOM   384  C  CB  . LYS A 1 52  ? -2.957  -4.633  -29.071 1.00 17.99 ? 52  LYS A CB  1 
ATOM   385  C  CG  . LYS A 1 52  ? -1.941  -3.882  -29.879 1.00 25.42 ? 52  LYS A CG  1 
ATOM   386  C  CD  . LYS A 1 52  ? -2.241  -3.909  -31.363 1.00 31.60 ? 52  LYS A CD  1 
ATOM   387  C  CE  . LYS A 1 52  ? -1.826  -2.579  -31.968 1.00 33.00 ? 52  LYS A CE  1 
ATOM   388  N  NZ  . LYS A 1 52  ? -0.363  -2.596  -32.259 1.00 36.94 ? 52  LYS A NZ  1 
ATOM   389  N  N   . GLU A 1 53  ? -3.944  -6.423  -26.562 1.00 15.91 ? 53  GLU A N   1 
ATOM   390  C  CA  . GLU A 1 53  ? -5.040  -6.920  -25.746 1.00 17.04 ? 53  GLU A CA  1 
ATOM   391  C  C   . GLU A 1 53  ? -4.702  -6.625  -24.318 1.00 15.79 ? 53  GLU A C   1 
ATOM   392  O  O   . GLU A 1 53  ? -5.565  -6.217  -23.557 1.00 16.99 ? 53  GLU A O   1 
ATOM   393  C  CB  . GLU A 1 53  ? -5.184  -8.425  -25.925 1.00 22.03 ? 53  GLU A CB  1 
ATOM   394  C  CG  . GLU A 1 53  ? -6.406  -9.068  -25.303 1.00 29.35 ? 53  GLU A CG  1 
ATOM   395  C  CD  . GLU A 1 53  ? -6.204  -10.574 -25.107 1.00 39.80 ? 53  GLU A CD  1 
ATOM   396  O  OE1 . GLU A 1 53  ? -5.186  -11.084 -25.634 1.00 43.90 ? 53  GLU A OE1 1 
ATOM   397  O  OE2 . GLU A 1 53  ? -7.016  -11.241 -24.402 1.00 41.29 ? 53  GLU A OE2 1 
ATOM   398  N  N   . GLU A 1 54  ? -3.444  -6.823  -23.933 1.00 13.21 ? 54  GLU A N   1 
ATOM   399  C  CA  . GLU A 1 54  ? -3.093  -6.533  -22.555 1.00 15.00 ? 54  GLU A CA  1 
ATOM   400  C  C   . GLU A 1 54  ? -3.306  -5.041  -22.236 1.00 15.27 ? 54  GLU A C   1 
ATOM   401  O  O   . GLU A 1 54  ? -3.719  -4.694  -21.114 1.00 18.59 ? 54  GLU A O   1 
ATOM   402  C  CB  . GLU A 1 54  ? -1.649  -6.949  -22.298 1.00 14.65 ? 54  GLU A CB  1 
ATOM   403  C  CG  . GLU A 1 54  ? -1.541  -8.418  -21.945 1.00 12.41 ? 54  GLU A CG  1 
ATOM   404  C  CD  . GLU A 1 54  ? -0.138  -8.946  -22.055 1.00 15.67 ? 54  GLU A CD  1 
ATOM   405  O  OE1 . GLU A 1 54  ? 0.766   -8.216  -22.529 1.00 14.92 ? 54  GLU A OE1 1 
ATOM   406  O  OE2 . GLU A 1 54  ? 0.057   -10.110 -21.662 1.00 19.07 ? 54  GLU A OE2 1 
ATOM   407  N  N   . LEU A 1 55  ? -3.056  -4.167  -23.219 1.00 10.04 ? 55  LEU A N   1 
ATOM   408  C  CA  . LEU A 1 55  ? -3.208  -2.711  -23.020 1.00 6.54  ? 55  LEU A CA  1 
ATOM   409  C  C   . LEU A 1 55  ? -4.672  -2.363  -22.926 1.00 6.29  ? 55  LEU A C   1 
ATOM   410  O  O   . LEU A 1 55  ? -5.112  -1.475  -22.176 1.00 4.99  ? 55  LEU A O   1 
ATOM   411  C  CB  . LEU A 1 55  ? -2.615  -1.994  -24.200 1.00 9.02  ? 55  LEU A CB  1 
ATOM   412  C  CG  . LEU A 1 55  ? -1.105  -2.023  -24.200 1.00 12.79 ? 55  LEU A CG  1 
ATOM   413  C  CD1 . LEU A 1 55  ? -0.601  -1.501  -25.539 1.00 12.77 ? 55  LEU A CD1 1 
ATOM   414  C  CD2 . LEU A 1 55  ? -0.579  -1.210  -22.975 1.00 14.86 ? 55  LEU A CD2 1 
ATOM   415  N  N   . ASP A 1 56  ? -5.430  -3.062  -23.745 1.00 4.12  ? 56  ASP A N   1 
ATOM   416  C  CA  . ASP A 1 56  ? -6.868  -2.894  -23.825 1.00 6.18  ? 56  ASP A CA  1 
ATOM   417  C  C   . ASP A 1 56  ? -7.478  -3.277  -22.462 1.00 7.98  ? 56  ASP A C   1 
ATOM   418  O  O   . ASP A 1 56  ? -8.403  -2.651  -21.948 1.00 11.05 ? 56  ASP A O   1 
ATOM   419  C  CB  . ASP A 1 56  ? -7.373  -3.800  -24.948 1.00 3.92  ? 56  ASP A CB  1 
ATOM   420  C  CG  . ASP A 1 56  ? -8.841  -3.699  -25.143 1.00 8.17  ? 56  ASP A CG  1 
ATOM   421  O  OD1 . ASP A 1 56  ? -9.619  -4.438  -24.483 1.00 5.55  ? 56  ASP A OD1 1 
ATOM   422  O  OD2 . ASP A 1 56  ? -9.223  -2.858  -25.967 1.00 6.90  ? 56  ASP A OD2 1 
ATOM   423  N  N   . ALA A 1 57  ? -6.926  -4.306  -21.856 1.00 11.82 ? 57  ALA A N   1 
ATOM   424  C  CA  . ALA A 1 57  ? -7.411  -4.764  -20.563 1.00 12.79 ? 57  ALA A CA  1 
ATOM   425  C  C   . ALA A 1 57  ? -7.187  -3.721  -19.483 1.00 12.35 ? 57  ALA A C   1 
ATOM   426  O  O   . ALA A 1 57  ? -8.103  -3.406  -18.731 1.00 15.65 ? 57  ALA A O   1 
ATOM   427  C  CB  . ALA A 1 57  ? -6.694  -6.045  -20.192 1.00 16.13 ? 57  ALA A CB  1 
ATOM   428  N  N   . ILE A 1 58  ? -5.964  -3.204  -19.388 1.00 14.48 ? 58  ILE A N   1 
ATOM   429  C  CA  . ILE A 1 58  ? -5.635  -2.170  -18.392 1.00 10.58 ? 58  ILE A CA  1 
ATOM   430  C  C   . ILE A 1 58  ? -6.637  -0.997  -18.518 1.00 12.49 ? 58  ILE A C   1 
ATOM   431  O  O   . ILE A 1 58  ? -7.198  -0.510  -17.531 1.00 9.96  ? 58  ILE A O   1 
ATOM   432  C  CB  . ILE A 1 58  ? -4.137  -1.709  -18.582 1.00 9.14  ? 58  ILE A CB  1 
ATOM   433  C  CG1 . ILE A 1 58  ? -3.198  -2.896  -18.316 1.00 9.81  ? 58  ILE A CG1 1 
ATOM   434  C  CG2 . ILE A 1 58  ? -3.760  -0.589  -17.615 1.00 9.44  ? 58  ILE A CG2 1 
ATOM   435  C  CD1 . ILE A 1 58  ? -1.859  -2.808  -18.993 1.00 4.25  ? 58  ILE A CD1 1 
ATOM   436  N  N   . ILE A 1 59  ? -6.903  -0.575  -19.751 1.00 12.82 ? 59  ILE A N   1 
ATOM   437  C  CA  . ILE A 1 59  ? -7.848  0.504   -20.008 1.00 8.90  ? 59  ILE A CA  1 
ATOM   438  C  C   . ILE A 1 59  ? -9.245  0.229   -19.498 1.00 8.59  ? 59  ILE A C   1 
ATOM   439  O  O   . ILE A 1 59  ? -9.951  1.149   -19.069 1.00 6.94  ? 59  ILE A O   1 
ATOM   440  C  CB  . ILE A 1 59  ? -7.929  0.778   -21.503 1.00 8.78  ? 59  ILE A CB  1 
ATOM   441  C  CG1 . ILE A 1 59  ? -6.566  1.260   -21.987 1.00 9.16  ? 59  ILE A CG1 1 
ATOM   442  C  CG2 . ILE A 1 59  ? -8.974  1.808   -21.755 1.00 6.78  ? 59  ILE A CG2 1 
ATOM   443  C  CD1 . ILE A 1 59  ? -6.266  0.901   -23.389 1.00 10.28 ? 59  ILE A CD1 1 
ATOM   444  N  N   . GLU A 1 60  ? -9.641  -1.048  -19.561 1.00 12.09 ? 60  GLU A N   1 
ATOM   445  C  CA  . GLU A 1 60  ? -10.958 -1.525  -19.127 1.00 13.38 ? 60  GLU A CA  1 
ATOM   446  C  C   . GLU A 1 60  ? -11.039 -1.458  -17.637 1.00 16.53 ? 60  GLU A C   1 
ATOM   447  O  O   . GLU A 1 60  ? -12.119 -1.384  -17.054 1.00 18.92 ? 60  GLU A O   1 
ATOM   448  C  CB  . GLU A 1 60  ? -11.185 -2.973  -19.538 1.00 11.17 ? 60  GLU A CB  1 
ATOM   449  C  CG  . GLU A 1 60  ? -11.387 -3.099  -21.027 1.00 14.20 ? 60  GLU A CG  1 
ATOM   450  C  CD  . GLU A 1 60  ? -12.224 -4.266  -21.415 1.00 15.21 ? 60  GLU A CD  1 
ATOM   451  O  OE1 . GLU A 1 60  ? -12.080 -5.330  -20.787 1.00 19.10 ? 60  GLU A OE1 1 
ATOM   452  O  OE2 . GLU A 1 60  ? -13.024 -4.133  -22.361 1.00 20.85 ? 60  GLU A OE2 1 
ATOM   453  N  N   . GLU A 1 61  ? -9.891  -1.540  -16.996 1.00 16.72 ? 61  GLU A N   1 
ATOM   454  C  CA  . GLU A 1 61  ? -9.931  -1.452  -15.552 1.00 17.97 ? 61  GLU A CA  1 
ATOM   455  C  C   . GLU A 1 61  ? -10.522 -0.131  -15.159 1.00 16.51 ? 61  GLU A C   1 
ATOM   456  O  O   . GLU A 1 61  ? -11.242 -0.034  -14.175 1.00 16.60 ? 61  GLU A O   1 
ATOM   457  C  CB  . GLU A 1 61  ? -8.532  -1.567  -14.977 1.00 20.11 ? 61  GLU A CB  1 
ATOM   458  C  CG  . GLU A 1 61  ? -8.390  -2.823  -14.125 1.00 21.51 ? 61  GLU A CG  1 
ATOM   459  C  CD  . GLU A 1 61  ? -7.037  -3.506  -14.243 1.00 21.94 ? 61  GLU A CD  1 
ATOM   460  O  OE1 . GLU A 1 61  ? -5.995  -2.811  -14.176 1.00 20.35 ? 61  GLU A OE1 1 
ATOM   461  O  OE2 . GLU A 1 61  ? -7.038  -4.757  -14.367 1.00 23.37 ? 61  GLU A OE2 1 
ATOM   462  N  N   . VAL A 1 62  ? -10.279 0.865   -15.999 1.00 15.82 ? 62  VAL A N   1 
ATOM   463  C  CA  . VAL A 1 62  ? -10.711 2.229   -15.709 1.00 16.18 ? 62  VAL A CA  1 
ATOM   464  C  C   . VAL A 1 62  ? -11.884 2.779   -16.496 1.00 16.87 ? 62  VAL A C   1 
ATOM   465  O  O   . VAL A 1 62  ? -12.681 3.544   -15.988 1.00 13.23 ? 62  VAL A O   1 
ATOM   466  C  CB  . VAL A 1 62  ? -9.567  3.235   -16.008 1.00 19.30 ? 62  VAL A CB  1 
ATOM   467  C  CG1 . VAL A 1 62  ? -9.507  4.266   -14.916 1.00 21.77 ? 62  VAL A CG1 1 
ATOM   468  C  CG2 . VAL A 1 62  ? -8.250  2.511   -16.206 1.00 17.01 ? 62  VAL A CG2 1 
ATOM   469  N  N   . ASP A 1 63  ? -11.913 2.414   -17.766 1.00 15.21 ? 63  ASP A N   1 
ATOM   470  C  CA  . ASP A 1 63  ? -12.868 2.902   -18.753 1.00 11.76 ? 63  ASP A CA  1 
ATOM   471  C  C   . ASP A 1 63  ? -14.361 2.931   -18.494 1.00 12.94 ? 63  ASP A C   1 
ATOM   472  O  O   . ASP A 1 63  ? -15.093 2.089   -19.023 1.00 19.02 ? 63  ASP A O   1 
ATOM   473  C  CB  . ASP A 1 63  ? -12.579 2.136   -20.015 1.00 12.20 ? 63  ASP A CB  1 
ATOM   474  C  CG  . ASP A 1 63  ? -12.883 2.908   -21.219 1.00 11.83 ? 63  ASP A CG  1 
ATOM   475  O  OD1 . ASP A 1 63  ? -13.059 4.130   -21.066 1.00 12.36 ? 63  ASP A OD1 1 
ATOM   476  O  OD2 . ASP A 1 63  ? -12.958 2.276   -22.292 1.00 2.40  ? 63  ASP A OD2 1 
ATOM   477  N  N   . GLU A 1 64  ? -14.819 3.916   -17.721 1.00 15.65 ? 64  GLU A N   1 
ATOM   478  C  CA  . GLU A 1 64  ? -16.231 4.037   -17.368 1.00 13.34 ? 64  GLU A CA  1 
ATOM   479  C  C   . GLU A 1 64  ? -17.193 4.620   -18.388 1.00 15.90 ? 64  GLU A C   1 
ATOM   480  O  O   . GLU A 1 64  ? -18.409 4.534   -18.176 1.00 19.05 ? 64  GLU A O   1 
ATOM   481  C  CB  . GLU A 1 64  ? -16.383 4.791   -16.061 1.00 15.09 ? 64  GLU A CB  1 
ATOM   482  C  CG  . GLU A 1 64  ? -16.234 3.918   -14.843 1.00 15.43 ? 64  GLU A CG  1 
ATOM   483  C  CD  . GLU A 1 64  ? -16.299 4.739   -13.613 1.00 20.05 ? 64  GLU A CD  1 
ATOM   484  O  OE1 . GLU A 1 64  ? -15.265 5.371   -13.308 1.00 23.04 ? 64  GLU A OE1 1 
ATOM   485  O  OE2 . GLU A 1 64  ? -17.364 4.755   -12.955 1.00 21.03 ? 64  GLU A OE2 1 
ATOM   486  N  N   . ASP A 1 65  ? -16.696 5.250   -19.456 1.00 14.63 ? 65  ASP A N   1 
ATOM   487  C  CA  . ASP A 1 65  ? -17.602 5.771   -20.484 1.00 11.84 ? 65  ASP A CA  1 
ATOM   488  C  C   . ASP A 1 65  ? -17.502 4.963   -21.787 1.00 14.04 ? 65  ASP A C   1 
ATOM   489  O  O   . ASP A 1 65  ? -18.137 5.302   -22.806 1.00 14.37 ? 65  ASP A O   1 
ATOM   490  C  CB  . ASP A 1 65  ? -17.373 7.263   -20.758 1.00 10.13 ? 65  ASP A CB  1 
ATOM   491  C  CG  . ASP A 1 65  ? -16.055 7.541   -21.407 1.00 10.77 ? 65  ASP A CG  1 
ATOM   492  O  OD1 . ASP A 1 65  ? -15.243 6.598   -21.600 1.00 15.23 ? 65  ASP A OD1 1 
ATOM   493  O  OD2 . ASP A 1 65  ? -15.818 8.708   -21.723 1.00 10.40 ? 65  ASP A OD2 1 
ATOM   494  N  N   . GLY A 1 66  ? -16.712 3.890   -21.750 1.00 11.15 ? 66  GLY A N   1 
ATOM   495  C  CA  . GLY A 1 66  ? -16.595 3.038   -22.923 1.00 8.72  ? 66  GLY A CA  1 
ATOM   496  C  C   . GLY A 1 66  ? -15.871 3.537   -24.169 1.00 8.06  ? 66  GLY A C   1 
ATOM   497  O  O   . GLY A 1 66  ? -15.970 2.926   -25.251 1.00 4.22  ? 66  GLY A O   1 
ATOM   498  N  N   . SER A 1 67  ? -15.126 4.623   -24.050 1.00 2.40  ? 67  SER A N   1 
ATOM   499  C  CA  . SER A 1 67  ? -14.404 5.139   -25.195 1.00 3.64  ? 67  SER A CA  1 
ATOM   500  C  C   . SER A 1 67  ? -13.203 4.295   -25.686 1.00 3.36  ? 67  SER A C   1 
ATOM   501  O  O   . SER A 1 67  ? -12.704 4.436   -26.811 1.00 4.74  ? 67  SER A O   1 
ATOM   502  C  CB  . SER A 1 67  ? -13.933 6.539   -24.875 1.00 8.48  ? 67  SER A CB  1 
ATOM   503  O  OG  . SER A 1 67  ? -13.480 6.565   -23.547 1.00 7.53  ? 67  SER A OG  1 
ATOM   504  N  N   . GLY A 1 68  ? -12.706 3.399   -24.872 1.00 2.40  ? 68  GLY A N   1 
ATOM   505  C  CA  . GLY A 1 68  ? -11.581 2.638   -25.390 1.00 2.40  ? 68  GLY A CA  1 
ATOM   506  C  C   . GLY A 1 68  ? -10.334 3.428   -25.100 1.00 4.92  ? 68  GLY A C   1 
ATOM   507  O  O   . GLY A 1 68  ? -9.239  3.019   -25.439 1.00 5.58  ? 68  GLY A O   1 
ATOM   508  N  N   . THR A 1 69  ? -10.501 4.577   -24.458 1.00 2.40  ? 69  THR A N   1 
ATOM   509  C  CA  . THR A 1 69  ? -9.349  5.403   -24.085 1.00 7.52  ? 69  THR A CA  1 
ATOM   510  C  C   . THR A 1 69  ? -9.556  5.819   -22.635 1.00 3.96  ? 69  THR A C   1 
ATOM   511  O  O   . THR A 1 69  ? -10.641 5.662   -22.111 1.00 2.40  ? 69  THR A O   1 
ATOM   512  C  CB  . THR A 1 69  ? -9.249  6.672   -24.930 1.00 2.40  ? 69  THR A CB  1 
ATOM   513  O  OG1 . THR A 1 69  ? -10.377 7.506   -24.636 1.00 3.67  ? 69  THR A OG1 1 
ATOM   514  C  CG2 . THR A 1 69  ? -9.251  6.332   -26.430 1.00 2.40  ? 69  THR A CG2 1 
ATOM   515  N  N   . ILE A 1 70  ? -8.505  6.350   -22.016 1.00 3.16  ? 70  ILE A N   1 
ATOM   516  C  CA  . ILE A 1 70  ? -8.499  6.790   -20.626 1.00 3.60  ? 70  ILE A CA  1 
ATOM   517  C  C   . ILE A 1 70  ? -8.393  8.305   -20.576 1.00 4.37  ? 70  ILE A C   1 
ATOM   518  O  O   . ILE A 1 70  ? -7.402  8.842   -21.011 1.00 2.40  ? 70  ILE A O   1 
ATOM   519  C  CB  . ILE A 1 70  ? -7.226  6.223   -19.863 1.00 5.78  ? 70  ILE A CB  1 
ATOM   520  C  CG1 . ILE A 1 70  ? -7.065  4.717   -20.092 1.00 2.40  ? 70  ILE A CG1 1 
ATOM   521  C  CG2 . ILE A 1 70  ? -7.336  6.442   -18.373 1.00 7.39  ? 70  ILE A CG2 1 
ATOM   522  C  CD1 . ILE A 1 70  ? -5.896  4.121   -19.262 1.00 2.40  ? 70  ILE A CD1 1 
ATOM   523  N  N   . ASP A 1 71  ? -9.413  9.000   -20.078 1.00 7.34  ? 71  ASP A N   1 
ATOM   524  C  CA  . ASP A 1 71  ? -9.313  10.452  -20.007 1.00 6.96  ? 71  ASP A CA  1 
ATOM   525  C  C   . ASP A 1 71  ? -8.888  10.814  -18.600 1.00 6.20  ? 71  ASP A C   1 
ATOM   526  O  O   . ASP A 1 71  ? -8.749  9.973   -17.731 1.00 9.30  ? 71  ASP A O   1 
ATOM   527  C  CB  . ASP A 1 71  ? -10.638 11.136  -20.312 1.00 7.58  ? 71  ASP A CB  1 
ATOM   528  C  CG  . ASP A 1 71  ? -11.662 10.899  -19.251 1.00 9.19  ? 71  ASP A CG  1 
ATOM   529  O  OD1 . ASP A 1 71  ? -11.343 10.207  -18.277 1.00 12.33 ? 71  ASP A OD1 1 
ATOM   530  O  OD2 . ASP A 1 71  ? -12.793 11.394  -19.385 1.00 3.68  ? 71  ASP A OD2 1 
ATOM   531  N  N   . PHE A 1 72  ? -8.726  12.094  -18.355 1.00 9.79  ? 72  PHE A N   1 
ATOM   532  C  CA  . PHE A 1 72  ? -8.277  12.504  -17.050 1.00 7.54  ? 72  PHE A CA  1 
ATOM   533  C  C   . PHE A 1 72  ? -9.047  11.984  -15.841 1.00 6.68  ? 72  PHE A C   1 
ATOM   534  O  O   . PHE A 1 72  ? -8.439  11.455  -14.925 1.00 10.55 ? 72  PHE A O   1 
ATOM   535  C  CB  . PHE A 1 72  ? -8.159  14.040  -17.036 1.00 10.69 ? 72  PHE A CB  1 
ATOM   536  C  CG  . PHE A 1 72  ? -7.304  14.574  -15.905 1.00 12.12 ? 72  PHE A CG  1 
ATOM   537  C  CD1 . PHE A 1 72  ? -6.093  13.977  -15.589 1.00 10.14 ? 72  PHE A CD1 1 
ATOM   538  C  CD2 . PHE A 1 72  ? -7.781  15.584  -15.090 1.00 6.01  ? 72  PHE A CD2 1 
ATOM   539  C  CE1 . PHE A 1 72  ? -5.393  14.357  -14.473 1.00 15.22 ? 72  PHE A CE1 1 
ATOM   540  C  CE2 . PHE A 1 72  ? -7.091  15.958  -13.977 1.00 11.55 ? 72  PHE A CE2 1 
ATOM   541  C  CZ  . PHE A 1 72  ? -5.888  15.357  -13.661 1.00 12.50 ? 72  PHE A CZ  1 
ATOM   542  N  N   . GLU A 1 73  ? -10.368 12.112  -15.832 1.00 7.48  ? 73  GLU A N   1 
ATOM   543  C  CA  . GLU A 1 73  ? -11.150 11.662  -14.700 1.00 4.47  ? 73  GLU A CA  1 
ATOM   544  C  C   . GLU A 1 73  ? -10.805 10.186  -14.430 1.00 7.29  ? 73  GLU A C   1 
ATOM   545  O  O   . GLU A 1 73  ? -10.724 9.765   -13.281 1.00 9.26  ? 73  GLU A O   1 
ATOM   546  C  CB  . GLU A 1 73  ? -12.671 11.778  -14.962 1.00 7.25  ? 73  GLU A CB  1 
ATOM   547  C  CG  . GLU A 1 73  ? -13.380 13.161  -14.728 1.00 16.38 ? 73  GLU A CG  1 
ATOM   548  C  CD  . GLU A 1 73  ? -14.935 13.060  -14.453 1.00 21.60 ? 73  GLU A CD  1 
ATOM   549  O  OE1 . GLU A 1 73  ? -15.606 12.075  -14.851 1.00 25.95 ? 73  GLU A OE1 1 
ATOM   550  O  OE2 . GLU A 1 73  ? -15.496 13.968  -13.799 1.00 25.66 ? 73  GLU A OE2 1 
ATOM   551  N  N   . GLU A 1 74  ? -10.614 9.388   -15.484 1.00 7.49  ? 74  GLU A N   1 
ATOM   552  C  CA  . GLU A 1 74  ? -10.320 7.926   -15.341 1.00 5.93  ? 74  GLU A CA  1 
ATOM   553  C  C   . GLU A 1 74  ? -8.898  7.660   -14.907 1.00 10.15 ? 74  GLU A C   1 
ATOM   554  O  O   . GLU A 1 74  ? -8.550  6.614   -14.263 1.00 2.40  ? 74  GLU A O   1 
ATOM   555  C  CB  . GLU A 1 74  ? -10.565 7.215   -16.664 1.00 8.64  ? 74  GLU A CB  1 
ATOM   556  C  CG  . GLU A 1 74  ? -11.958 7.488   -17.165 1.00 10.98 ? 74  GLU A CG  1 
ATOM   557  C  CD  . GLU A 1 74  ? -12.179 7.093   -18.592 1.00 8.31  ? 74  GLU A CD  1 
ATOM   558  O  OE1 . GLU A 1 74  ? -11.219 7.103   -19.375 1.00 11.81 ? 74  GLU A OE1 1 
ATOM   559  O  OE2 . GLU A 1 74  ? -13.334 6.785   -18.926 1.00 11.01 ? 74  GLU A OE2 1 
ATOM   560  N  N   . PHE A 1 75  ? -8.058  8.614   -15.282 1.00 5.72  ? 75  PHE A N   1 
ATOM   561  C  CA  . PHE A 1 75  ? -6.681  8.511   -14.918 1.00 9.71  ? 75  PHE A CA  1 
ATOM   562  C  C   . PHE A 1 75  ? -6.519  8.618   -13.407 1.00 11.57 ? 75  PHE A C   1 
ATOM   563  O  O   . PHE A 1 75  ? -5.784  7.803   -12.809 1.00 10.45 ? 75  PHE A O   1 
ATOM   564  C  CB  . PHE A 1 75  ? -5.852  9.588   -15.610 1.00 8.65  ? 75  PHE A CB  1 
ATOM   565  C  CG  . PHE A 1 75  ? -4.369  9.420   -15.402 1.00 12.22 ? 75  PHE A CG  1 
ATOM   566  C  CD1 . PHE A 1 75  ? -3.679  8.308   -15.925 1.00 9.70  ? 75  PHE A CD1 1 
ATOM   567  C  CD2 . PHE A 1 75  ? -3.657  10.351  -14.653 1.00 15.31 ? 75  PHE A CD2 1 
ATOM   568  C  CE1 . PHE A 1 75  ? -2.317  8.130   -15.720 1.00 11.98 ? 75  PHE A CE1 1 
ATOM   569  C  CE2 . PHE A 1 75  ? -2.277  10.180  -14.440 1.00 15.46 ? 75  PHE A CE2 1 
ATOM   570  C  CZ  . PHE A 1 75  ? -1.607  9.058   -14.978 1.00 14.28 ? 75  PHE A CZ  1 
ATOM   571  N  N   . LEU A 1 76  ? -7.197  9.584   -12.765 1.00 10.85 ? 76  LEU A N   1 
ATOM   572  C  CA  . LEU A 1 76  ? -7.020  9.742   -11.310 1.00 8.37  ? 76  LEU A CA  1 
ATOM   573  C  C   . LEU A 1 76  ? -7.491  8.543   -10.515 1.00 9.91  ? 76  LEU A C   1 
ATOM   574  O  O   . LEU A 1 76  ? -6.888  8.194   -9.501  1.00 13.82 ? 76  LEU A O   1 
ATOM   575  C  CB  . LEU A 1 76  ? -7.682  11.017  -10.811 1.00 9.14  ? 76  LEU A CB  1 
ATOM   576  C  CG  . LEU A 1 76  ? -7.165  12.291  -11.457 1.00 7.30  ? 76  LEU A CG  1 
ATOM   577  C  CD1 . LEU A 1 76  ? -8.270  13.313  -11.333 1.00 2.40  ? 76  LEU A CD1 1 
ATOM   578  C  CD2 . LEU A 1 76  ? -5.868  12.768  -10.784 1.00 2.40  ? 76  LEU A CD2 1 
ATOM   579  N  N   . VAL A 1 77  ? -8.550  7.899   -11.005 1.00 10.39 ? 77  VAL A N   1 
ATOM   580  C  CA  . VAL A 1 77  ? -9.106  6.703   -10.376 1.00 4.25  ? 77  VAL A CA  1 
ATOM   581  C  C   . VAL A 1 77  ? -7.974  5.712   -10.459 1.00 8.04  ? 77  VAL A C   1 
ATOM   582  O  O   . VAL A 1 77  ? -7.593  5.124   -9.472  1.00 10.12 ? 77  VAL A O   1 
ATOM   583  C  CB  . VAL A 1 77  ? -10.306 6.186   -11.154 1.00 5.64  ? 77  VAL A CB  1 
ATOM   584  C  CG1 . VAL A 1 77  ? -10.658 4.763   -10.729 1.00 2.40  ? 77  VAL A CG1 1 
ATOM   585  C  CG2 . VAL A 1 77  ? -11.486 7.104   -10.893 1.00 5.32  ? 77  VAL A CG2 1 
ATOM   586  N  N   . MET A 1 78  ? -7.385  5.585   -11.638 1.00 4.34  ? 78  MET A N   1 
ATOM   587  C  CA  . MET A 1 78  ? -6.258  4.680   -11.812 1.00 8.46  ? 78  MET A CA  1 
ATOM   588  C  C   . MET A 1 78  ? -5.103  5.004   -10.858 1.00 9.28  ? 78  MET A C   1 
ATOM   589  O  O   . MET A 1 78  ? -4.472  4.097   -10.281 1.00 10.20 ? 78  MET A O   1 
ATOM   590  C  CB  . MET A 1 78  ? -5.758  4.744   -13.281 1.00 13.68 ? 78  MET A CB  1 
ATOM   591  C  CG  . MET A 1 78  ? -4.708  3.665   -13.602 1.00 20.40 ? 78  MET A CG  1 
ATOM   592  S  SD  . MET A 1 78  ? -3.867  3.659   -15.217 1.00 28.32 ? 78  MET A SD  1 
ATOM   593  C  CE  . MET A 1 78  ? -3.773  1.930   -15.491 1.00 27.64 ? 78  MET A CE  1 
ATOM   594  N  N   . MET A 1 79  ? -4.808  6.287   -10.691 1.00 7.51  ? 79  MET A N   1 
ATOM   595  C  CA  . MET A 1 79  ? -3.687  6.668   -9.846  1.00 5.98  ? 79  MET A CA  1 
ATOM   596  C  C   . MET A 1 79  ? -3.975  6.398   -8.409  1.00 5.56  ? 79  MET A C   1 
ATOM   597  O  O   . MET A 1 79  ? -3.131  5.878   -7.707  1.00 6.23  ? 79  MET A O   1 
ATOM   598  C  CB  . MET A 1 79  ? -3.360  8.142   -10.069 1.00 5.76  ? 79  MET A CB  1 
ATOM   599  C  CG  . MET A 1 79  ? -2.849  8.409   -11.509 1.00 3.35  ? 79  MET A CG  1 
ATOM   600  S  SD  . MET A 1 79  ? -1.258  7.566   -11.896 1.00 13.25 ? 79  MET A SD  1 
ATOM   601  C  CE  . MET A 1 79  ? -1.764  5.922   -12.636 1.00 11.46 ? 79  MET A CE  1 
ATOM   602  N  N   . VAL A 1 80  ? -5.191  6.723   -7.981  1.00 7.41  ? 80  VAL A N   1 
ATOM   603  C  CA  . VAL A 1 80  ? -5.615  6.539   -6.585  1.00 7.12  ? 80  VAL A CA  1 
ATOM   604  C  C   . VAL A 1 80  ? -5.623  5.070   -6.208  1.00 9.95  ? 80  VAL A C   1 
ATOM   605  O  O   . VAL A 1 80  ? -5.358  4.715   -5.060  1.00 14.67 ? 80  VAL A O   1 
ATOM   606  C  CB  . VAL A 1 80  ? -7.003  7.099   -6.386  1.00 4.16  ? 80  VAL A CB  1 
ATOM   607  C  CG1 . VAL A 1 80  ? -7.532  6.765   -4.999  1.00 2.40  ? 80  VAL A CG1 1 
ATOM   608  C  CG2 . VAL A 1 80  ? -6.947  8.559   -6.588  1.00 2.80  ? 80  VAL A CG2 1 
ATOM   609  N  N   . ARG A 1 81  ? -5.923  4.207   -7.176  1.00 9.08  ? 81  ARG A N   1 
ATOM   610  C  CA  . ARG A 1 81  ? -5.950  2.790   -6.899  1.00 3.33  ? 81  ARG A CA  1 
ATOM   611  C  C   . ARG A 1 81  ? -4.508  2.368   -6.650  1.00 8.94  ? 81  ARG A C   1 
ATOM   612  O  O   . ARG A 1 81  ? -4.225  1.640   -5.683  1.00 10.04 ? 81  ARG A O   1 
ATOM   613  C  CB  . ARG A 1 81  ? -6.544  2.033   -8.068  1.00 8.20  ? 81  ARG A CB  1 
ATOM   614  C  CG  . ARG A 1 81  ? -8.023  1.802   -7.873  1.00 3.16  ? 81  ARG A CG  1 
ATOM   615  C  CD  . ARG A 1 81  ? -8.628  1.057   -9.062  1.00 6.78  ? 81  ARG A CD  1 
ATOM   616  N  NE  . ARG A 1 81  ? -10.033 1.356   -9.120  1.00 8.90  ? 81  ARG A NE  1 
ATOM   617  C  CZ  . ARG A 1 81  ? -10.811 1.072   -10.169 1.00 8.89  ? 81  ARG A CZ  1 
ATOM   618  N  NH1 . ARG A 1 81  ? -10.273 0.487   -11.232 1.00 7.80  ? 81  ARG A NH1 1 
ATOM   619  N  NH2 . ARG A 1 81  ? -12.078 1.409   -10.141 1.00 9.99  ? 81  ARG A NH2 1 
ATOM   620  N  N   . GLN A 1 82  ? -3.584  2.848   -7.482  1.00 8.74  ? 82  GLN A N   1 
ATOM   621  C  CA  . GLN A 1 82  ? -2.171  2.528   -7.282  1.00 13.54 ? 82  GLN A CA  1 
ATOM   622  C  C   . GLN A 1 82  ? -1.635  3.141   -5.954  1.00 14.88 ? 82  GLN A C   1 
ATOM   623  O  O   . GLN A 1 82  ? -0.833  2.509   -5.248  1.00 12.79 ? 82  GLN A O   1 
ATOM   624  C  CB  . GLN A 1 82  ? -1.341  2.995   -8.492  1.00 15.32 ? 82  GLN A CB  1 
ATOM   625  C  CG  . GLN A 1 82  ? -1.529  2.065   -9.713  1.00 25.58 ? 82  GLN A CG  1 
ATOM   626  C  CD  . GLN A 1 82  ? -1.134  2.698   -11.064 1.00 28.85 ? 82  GLN A CD  1 
ATOM   627  O  OE1 . GLN A 1 82  ? -1.637  2.305   -12.119 1.00 29.11 ? 82  GLN A OE1 1 
ATOM   628  N  NE2 . GLN A 1 82  ? -0.220  3.663   -11.035 1.00 33.11 ? 82  GLN A NE2 1 
ATOM   629  N  N   . MET A 1 83  ? -2.089  4.348   -5.614  1.00 10.60 ? 83  MET A N   1 
ATOM   630  C  CA  . MET A 1 83  ? -1.678  5.024   -4.376  1.00 13.14 ? 83  MET A CA  1 
ATOM   631  C  C   . MET A 1 83  ? -2.135  4.230   -3.144  1.00 13.32 ? 83  MET A C   1 
ATOM   632  O  O   . MET A 1 83  ? -1.371  4.043   -2.189  1.00 15.65 ? 83  MET A O   1 
ATOM   633  C  CB  . MET A 1 83  ? -2.289  6.438   -4.303  1.00 15.27 ? 83  MET A CB  1 
ATOM   634  C  CG  . MET A 1 83  ? -1.364  7.612   -4.624  1.00 18.78 ? 83  MET A CG  1 
ATOM   635  S  SD  . MET A 1 83  ? -2.362  9.158   -4.758  1.00 25.62 ? 83  MET A SD  1 
ATOM   636  C  CE  . MET A 1 83  ? -2.015  9.969   -3.213  1.00 20.80 ? 83  MET A CE  1 
ATOM   637  N  N   . LYS A 1 84  ? -3.384  3.774   -3.138  1.00 11.88 ? 84  LYS A N   1 
ATOM   638  C  CA  . LYS A 1 84  ? -3.875  3.009   -1.987  1.00 10.11 ? 84  LYS A CA  1 
ATOM   639  C  C   . LYS A 1 84  ? -3.246  1.645   -1.892  1.00 13.31 ? 84  LYS A C   1 
ATOM   640  O  O   . LYS A 1 84  ? -3.063  1.139   -0.800  1.00 17.55 ? 84  LYS A O   1 
ATOM   641  C  CB  . LYS A 1 84  ? -5.362  2.844   -2.054  1.00 10.23 ? 84  LYS A CB  1 
ATOM   642  C  CG  . LYS A 1 84  ? -6.081  4.130   -1.991  1.00 6.12  ? 84  LYS A CG  1 
ATOM   643  C  CD  . LYS A 1 84  ? -7.528  3.846   -1.815  1.00 2.40  ? 84  LYS A CD  1 
ATOM   644  C  CE  . LYS A 1 84  ? -8.230  5.101   -1.394  1.00 2.45  ? 84  LYS A CE  1 
ATOM   645  N  NZ  . LYS A 1 84  ? -9.652  4.986   -1.828  1.00 6.00  ? 84  LYS A NZ  1 
ATOM   646  N  N   . GLU A 1 85  ? -2.907  1.035   -3.016  1.00 15.18 ? 85  GLU A N   1 
ATOM   647  C  CA  . GLU A 1 85  ? -2.273  -0.280  -2.972  1.00 18.20 ? 85  GLU A CA  1 
ATOM   648  C  C   . GLU A 1 85  ? -0.861  -0.166  -2.376  1.00 19.25 ? 85  GLU A C   1 
ATOM   649  O  O   . GLU A 1 85  ? -0.468  -0.984  -1.563  1.00 18.66 ? 85  GLU A O   1 
ATOM   650  C  CB  . GLU A 1 85  ? -2.186  -0.888  -4.374  1.00 26.55 ? 85  GLU A CB  1 
ATOM   651  C  CG  . GLU A 1 85  ? -1.046  -1.882  -4.531  1.00 34.35 ? 85  GLU A CG  1 
ATOM   652  C  CD  . GLU A 1 85  ? -1.144  -2.688  -5.804  1.00 43.38 ? 85  GLU A CD  1 
ATOM   653  O  OE1 . GLU A 1 85  ? -2.021  -2.336  -6.630  1.00 49.35 ? 85  GLU A OE1 1 
ATOM   654  O  OE2 . GLU A 1 85  ? -0.357  -3.655  -5.974  1.00 45.77 ? 85  GLU A OE2 1 
ATOM   655  N  N   . ASP A 1 86  ? -0.104  0.858   -2.777  1.00 22.99 ? 86  ASP A N   1 
ATOM   656  C  CA  . ASP A 1 86  ? 1.252   1.061   -2.257  1.00 21.72 ? 86  ASP A CA  1 
ATOM   657  C  C   . ASP A 1 86  ? 1.243   1.336   -0.768  1.00 21.36 ? 86  ASP A C   1 
ATOM   658  O  O   . ASP A 1 86  ? 2.056   0.782   -0.028  1.00 22.40 ? 86  ASP A O   1 
ATOM   659  C  CB  . ASP A 1 86  ? 1.965   2.244   -2.914  1.00 25.09 ? 86  ASP A CB  1 
ATOM   660  C  CG  . ASP A 1 86  ? 3.484   2.094   -2.888  1.00 30.82 ? 86  ASP A CG  1 
ATOM   661  O  OD1 . ASP A 1 86  ? 4.021   1.354   -3.734  1.00 36.18 ? 86  ASP A OD1 1 
ATOM   662  O  OD2 . ASP A 1 86  ? 4.155   2.709   -2.033  1.00 32.74 ? 86  ASP A OD2 1 
ATOM   663  N  N   . ALA A 1 87  ? 0.343   2.218   -0.338  1.00 20.26 ? 87  ALA A N   1 
ATOM   664  C  CA  . ALA A 1 87  ? 0.267   2.608   1.063   1.00 18.59 ? 87  ALA A CA  1 
ATOM   665  C  C   . ALA A 1 87  ? -0.026  1.367   1.902   1.00 18.64 ? 87  ALA A C   1 
ATOM   666  O  O   . ALA A 1 87  ? 0.569   1.153   2.951   1.00 20.26 ? 87  ALA A O   1 
ATOM   667  C  CB  . ALA A 1 87  ? -0.809  3.688   1.247   1.00 18.23 ? 87  ALA A CB  1 
ATOM   668  N  N   . LYS A 1 88  ? -0.935  0.545   1.407   1.00 18.79 ? 88  LYS A N   1 
ATOM   669  C  CA  . LYS A 1 88  ? -1.290  -0.694  2.041   1.00 20.06 ? 88  LYS A CA  1 
ATOM   670  C  C   . LYS A 1 88  ? -0.071  -1.618  2.083   1.00 20.36 ? 88  LYS A C   1 
ATOM   671  O  O   . LYS A 1 88  ? 0.176   -2.269  3.085   1.00 19.01 ? 88  LYS A O   1 
ATOM   672  C  CB  . LYS A 1 88  ? -2.373  -1.382  1.232   1.00 25.06 ? 88  LYS A CB  1 
ATOM   673  C  CG  . LYS A 1 88  ? -3.788  -0.969  1.559   1.00 29.54 ? 88  LYS A CG  1 
ATOM   674  C  CD  . LYS A 1 88  ? -4.816  -1.909  0.875   1.00 33.11 ? 88  LYS A CD  1 
ATOM   675  C  CE  . LYS A 1 88  ? -6.237  -1.317  0.841   1.00 32.41 ? 88  LYS A CE  1 
ATOM   676  N  NZ  . LYS A 1 88  ? -7.048  -1.842  -0.302  1.00 31.59 ? 88  LYS A NZ  1 
ATOM   677  N  N   . GLY A 1 89  ? 0.654   -1.712  0.970   1.00 19.63 ? 89  GLY A N   1 
ATOM   678  C  CA  . GLY A 1 89  ? 1.826   -2.573  0.898   1.00 16.76 ? 89  GLY A CA  1 
ATOM   679  C  C   . GLY A 1 89  ? 3.005   -2.122  1.744   1.00 18.47 ? 89  GLY A C   1 
ATOM   680  O  O   . GLY A 1 89  ? 3.767   -2.964  2.223   1.00 19.38 ? 89  GLY A O   1 
ATOM   681  N  N   . LYS A 1 90  ? 3.175   -0.811  1.902   1.00 16.18 ? 90  LYS A N   1 
ATOM   682  C  CA  . LYS A 1 90  ? 4.241   -0.247  2.727   1.00 15.84 ? 90  LYS A CA  1 
ATOM   683  C  C   . LYS A 1 90  ? 3.896   -0.407  4.223   1.00 18.83 ? 90  LYS A C   1 
ATOM   684  O  O   . LYS A 1 90  ? 4.795   -0.593  5.065   1.00 17.73 ? 90  LYS A O   1 
ATOM   685  C  CB  . LYS A 1 90  ? 4.432   1.227   2.370   1.00 12.52 ? 90  LYS A CB  1 
ATOM   686  C  CG  . LYS A 1 90  ? 5.397   1.424   1.198   1.00 13.62 ? 90  LYS A CG  1 
ATOM   687  C  CD  . LYS A 1 90  ? 5.444   2.832   0.627   1.00 10.32 ? 90  LYS A CD  1 
ATOM   688  C  CE  . LYS A 1 90  ? 6.533   2.897   -0.387  1.00 12.35 ? 90  LYS A CE  1 
ATOM   689  N  NZ  . LYS A 1 90  ? 6.489   4.115   -1.229  1.00 16.86 ? 90  LYS A NZ  1 
ATOM   690  N  N   . SER A 1 91  ? 2.600   -0.326  4.535   1.00 16.89 ? 91  SER A N   1 
ATOM   691  C  CA  . SER A 1 91  ? 2.065   -0.484  5.896   1.00 18.44 ? 91  SER A CA  1 
ATOM   692  C  C   . SER A 1 91  ? 2.300   -1.913  6.398   1.00 17.57 ? 91  SER A C   1 
ATOM   693  O  O   . SER A 1 91  ? 2.673   -2.132  7.546   1.00 18.34 ? 91  SER A O   1 
ATOM   694  C  CB  . SER A 1 91  ? 0.564   -0.160  5.900   1.00 20.17 ? 91  SER A CB  1 
ATOM   695  O  OG  . SER A 1 91  ? -0.044  -0.442  7.161   1.00 30.09 ? 91  SER A OG  1 
ATOM   696  N  N   . GLU A 1 92  ? 2.078   -2.882  5.515   1.00 17.45 ? 92  GLU A N   1 
ATOM   697  C  CA  . GLU A 1 92  ? 2.284   -4.299  5.805   1.00 17.04 ? 92  GLU A CA  1 
ATOM   698  C  C   . GLU A 1 92  ? 3.750   -4.618  5.986   1.00 16.18 ? 92  GLU A C   1 
ATOM   699  O  O   . GLU A 1 92  ? 4.109   -5.461  6.801   1.00 19.17 ? 92  GLU A O   1 
ATOM   700  C  CB  . GLU A 1 92  ? 1.750   -5.156  4.661   1.00 22.08 ? 92  GLU A CB  1 
ATOM   701  C  CG  . GLU A 1 92  ? 0.237   -5.126  4.514   1.00 30.67 ? 92  GLU A CG  1 
ATOM   702  C  CD  . GLU A 1 92  ? -0.224  -5.997  3.384   1.00 35.10 ? 92  GLU A CD  1 
ATOM   703  O  OE1 . GLU A 1 92  ? 0.644   -6.680  2.801   1.00 40.29 ? 92  GLU A OE1 1 
ATOM   704  O  OE2 . GLU A 1 92  ? -1.439  -6.003  3.073   1.00 39.72 ? 92  GLU A OE2 1 
ATOM   705  N  N   . GLU A 1 93  ? 4.594   -3.981  5.184   1.00 17.86 ? 93  GLU A N   1 
ATOM   706  C  CA  . GLU A 1 93  ? 6.053   -4.179  5.267   1.00 20.33 ? 93  GLU A CA  1 
ATOM   707  C  C   . GLU A 1 93  ? 6.612   -3.728  6.608   1.00 20.35 ? 93  GLU A C   1 
ATOM   708  O  O   . GLU A 1 93  ? 7.564   -4.325  7.128   1.00 20.38 ? 93  GLU A O   1 
ATOM   709  C  CB  . GLU A 1 93  ? 6.761   -3.408  4.164   1.00 18.31 ? 93  GLU A CB  1 
ATOM   710  C  CG  . GLU A 1 93  ? 6.502   -3.960  2.780   1.00 20.94 ? 93  GLU A CG  1 
ATOM   711  C  CD  . GLU A 1 93  ? 6.883   -2.978  1.724   1.00 23.60 ? 93  GLU A CD  1 
ATOM   712  O  OE1 . GLU A 1 93  ? 7.526   -1.950  2.067   1.00 26.17 ? 93  GLU A OE1 1 
ATOM   713  O  OE2 . GLU A 1 93  ? 6.548   -3.246  0.554   1.00 29.54 ? 93  GLU A OE2 1 
ATOM   714  N  N   . GLU A 1 94  ? 6.022   -2.675  7.152   1.00 19.68 ? 94  GLU A N   1 
ATOM   715  C  CA  . GLU A 1 94  ? 6.443   -2.140  8.454   1.00 19.56 ? 94  GLU A CA  1 
ATOM   716  C  C   . GLU A 1 94  ? 6.103   -3.176  9.539   1.00 16.42 ? 94  GLU A C   1 
ATOM   717  O  O   . GLU A 1 94  ? 6.901   -3.466  10.430  1.00 15.92 ? 94  GLU A O   1 
ATOM   718  C  CB  . GLU A 1 94  ? 5.681   -0.841  8.752   1.00 20.86 ? 94  GLU A CB  1 
ATOM   719  C  CG  . GLU A 1 94  ? 6.420   0.449   8.498   1.00 22.10 ? 94  GLU A CG  1 
ATOM   720  C  CD  . GLU A 1 94  ? 5.474   1.554   8.056   1.00 25.88 ? 94  GLU A CD  1 
ATOM   721  O  OE1 . GLU A 1 94  ? 4.584   1.974   8.838   1.00 25.36 ? 94  GLU A OE1 1 
ATOM   722  O  OE2 . GLU A 1 94  ? 5.631   2.006   6.910   1.00 30.80 ? 94  GLU A OE2 1 
ATOM   723  N  N   . LEU A 1 95  ? 4.903   -3.728  9.442   1.00 16.06 ? 95  LEU A N   1 
ATOM   724  C  CA  . LEU A 1 95  ? 4.428   -4.720  10.375  1.00 11.88 ? 95  LEU A CA  1 
ATOM   725  C  C   . LEU A 1 95  ? 5.188   -6.037  10.316  1.00 13.57 ? 95  LEU A C   1 
ATOM   726  O  O   . LEU A 1 95  ? 5.484   -6.633  11.331  1.00 16.17 ? 95  LEU A O   1 
ATOM   727  C  CB  . LEU A 1 95  ? 2.947   -4.966  10.127  1.00 9.12  ? 95  LEU A CB  1 
ATOM   728  C  CG  . LEU A 1 95  ? 2.037   -3.808  10.516  1.00 11.39 ? 95  LEU A CG  1 
ATOM   729  C  CD1 . LEU A 1 95  ? 0.733   -3.940  9.814   1.00 14.92 ? 95  LEU A CD1 1 
ATOM   730  C  CD2 . LEU A 1 95  ? 1.784   -3.801  12.006  1.00 14.61 ? 95  LEU A CD2 1 
ATOM   731  N  N   . ALA A 1 96  ? 5.501   -6.512  9.132   1.00 12.31 ? 96  ALA A N   1 
ATOM   732  C  CA  . ALA A 1 96  ? 6.212   -7.755  9.048   1.00 13.18 ? 96  ALA A CA  1 
ATOM   733  C  C   . ALA A 1 96  ? 7.589   -7.582  9.672   1.00 15.10 ? 96  ALA A C   1 
ATOM   734  O  O   . ALA A 1 96  ? 8.031   -8.385  10.497  1.00 17.49 ? 96  ALA A O   1 
ATOM   735  C  CB  . ALA A 1 96  ? 6.339   -8.130  7.631   1.00 11.95 ? 96  ALA A CB  1 
ATOM   736  N  N   . GLU A 1 97  ? 8.270   -6.520  9.278   1.00 14.37 ? 97  GLU A N   1 
ATOM   737  C  CA  . GLU A 1 97  ? 9.588   -6.256  9.788   1.00 14.35 ? 97  GLU A CA  1 
ATOM   738  C  C   . GLU A 1 97  ? 9.675   -5.889  11.265  1.00 14.25 ? 97  GLU A C   1 
ATOM   739  O  O   . GLU A 1 97  ? 10.709  -6.080  11.884  1.00 17.51 ? 97  GLU A O   1 
ATOM   740  C  CB  . GLU A 1 97  ? 10.232  -5.164  8.993   1.00 10.66 ? 97  GLU A CB  1 
ATOM   741  C  CG  . GLU A 1 97  ? 11.581  -4.916  9.546   1.00 14.93 ? 97  GLU A CG  1 
ATOM   742  C  CD  . GLU A 1 97  ? 12.624  -5.520  8.684   1.00 18.05 ? 97  GLU A CD  1 
ATOM   743  O  OE1 . GLU A 1 97  ? 12.251  -6.401  7.887   1.00 13.98 ? 97  GLU A OE1 1 
ATOM   744  O  OE2 . GLU A 1 97  ? 13.797  -5.095  8.803   1.00 18.46 ? 97  GLU A OE2 1 
ATOM   745  N  N   . LEU A 1 98  ? 8.595   -5.321  11.800  1.00 13.32 ? 98  LEU A N   1 
ATOM   746  C  CA  . LEU A 1 98  ? 8.498   -4.962  13.196  1.00 12.88 ? 98  LEU A CA  1 
ATOM   747  C  C   . LEU A 1 98  ? 8.572   -6.282  13.958  1.00 13.43 ? 98  LEU A C   1 
ATOM   748  O  O   . LEU A 1 98  ? 9.343   -6.443  14.873  1.00 13.86 ? 98  LEU A O   1 
ATOM   749  C  CB  . LEU A 1 98  ? 7.138   -4.342  13.453  0.50 16.36 ? 98  LEU A CB  1 
ATOM   750  C  CG  . LEU A 1 98  ? 7.031   -3.014  14.175  1.00 20.48 ? 98  LEU A CG  1 
ATOM   751  C  CD1 . LEU A 1 98  ? 6.003   -2.131  13.475  1.00 21.95 ? 98  LEU A CD1 1 
ATOM   752  C  CD2 . LEU A 1 98  ? 6.629   -3.270  15.602  1.00 20.77 ? 98  LEU A CD2 1 
ATOM   753  N  N   . PHE A 1 99  ? 7.723   -7.216  13.555  1.00 11.53 ? 99  PHE A N   1 
ATOM   754  C  CA  . PHE A 1 99  ? 7.656   -8.533  14.140  1.00 13.81 ? 99  PHE A CA  1 
ATOM   755  C  C   . PHE A 1 99  ? 8.973   -9.260  13.983  1.00 15.24 ? 99  PHE A C   1 
ATOM   756  O  O   . PHE A 1 99  ? 9.362   -10.011 14.860  1.00 18.62 ? 99  PHE A O   1 
ATOM   757  C  CB  . PHE A 1 99  ? 6.509   -9.319  13.502  1.00 8.06  ? 99  PHE A CB  1 
ATOM   758  C  CG  . PHE A 1 99  ? 6.263   -10.641 14.158  1.00 7.17  ? 99  PHE A CG  1 
ATOM   759  C  CD1 . PHE A 1 99  ? 6.949   -11.761 13.734  1.00 10.66 ? 99  PHE A CD1 1 
ATOM   760  C  CD2 . PHE A 1 99  ? 5.382   -10.756 15.223  1.00 5.13  ? 99  PHE A CD2 1 
ATOM   761  C  CE1 . PHE A 1 99  ? 6.772   -12.981 14.377  1.00 6.63  ? 99  PHE A CE1 1 
ATOM   762  C  CE2 . PHE A 1 99  ? 5.211   -11.962 15.855  1.00 5.47  ? 99  PHE A CE2 1 
ATOM   763  C  CZ  . PHE A 1 99  ? 5.894   -13.064 15.437  1.00 2.40  ? 99  PHE A CZ  1 
ATOM   764  N  N   . ARG A 1 100 ? 9.669   -9.039  12.871  1.00 16.07 ? 100 ARG A N   1 
ATOM   765  C  CA  . ARG A 1 100 ? 10.985  -9.648  12.674  1.00 19.21 ? 100 ARG A CA  1 
ATOM   766  C  C   . ARG A 1 100 ? 12.081  -9.121  13.642  1.00 17.84 ? 100 ARG A C   1 
ATOM   767  O  O   . ARG A 1 100 ? 12.954  -9.870  14.074  1.00 19.20 ? 100 ARG A O   1 
ATOM   768  C  CB  . ARG A 1 100 ? 11.469  -9.459  11.235  1.00 23.07 ? 100 ARG A CB  1 
ATOM   769  C  CG  . ARG A 1 100 ? 12.775  -10.203 10.959  1.00 29.99 ? 100 ARG A CG  1 
ATOM   770  C  CD  . ARG A 1 100 ? 13.388  -9.830  9.624   1.00 37.18 ? 100 ARG A CD  1 
ATOM   771  N  NE  . ARG A 1 100 ? 14.496  -10.674 9.200   1.00 47.35 ? 100 ARG A NE  1 
ATOM   772  C  CZ  . ARG A 1 100 ? 15.033  -10.558 7.990   1.00 53.16 ? 100 ARG A CZ  1 
ATOM   773  N  NH1 . ARG A 1 100 ? 14.557  -9.638  7.178   1.00 61.19 ? 100 ARG A NH1 1 
ATOM   774  N  NH2 . ARG A 1 100 ? 16.046  -11.319 7.607   1.00 55.99 ? 100 ARG A NH2 1 
ATOM   775  N  N   . ILE A 1 101 ? 12.066  -7.828  13.953  1.00 18.85 ? 101 ILE A N   1 
ATOM   776  C  CA  . ILE A 1 101 ? 13.039  -7.231  14.899  1.00 15.13 ? 101 ILE A CA  1 
ATOM   777  C  C   . ILE A 1 101 ? 12.885  -7.785  16.348  1.00 19.40 ? 101 ILE A C   1 
ATOM   778  O  O   . ILE A 1 101 ? 13.866  -8.130  17.022  1.00 21.27 ? 101 ILE A O   1 
ATOM   779  C  CB  . ILE A 1 101 ? 12.882  -5.719  14.917  1.00 10.58 ? 101 ILE A CB  1 
ATOM   780  C  CG1 . ILE A 1 101 ? 13.400  -5.164  13.583  1.00 8.06  ? 101 ILE A CG1 1 
ATOM   781  C  CG2 . ILE A 1 101 ? 13.658  -5.126  16.090  1.00 5.33  ? 101 ILE A CG2 1 
ATOM   782  C  CD1 . ILE A 1 101 ? 12.721  -3.893  13.045  1.00 9.26  ? 101 ILE A CD1 1 
ATOM   783  N  N   . PHE A 1 102 ? 11.631  -7.882  16.797  1.00 20.73 ? 102 PHE A N   1 
ATOM   784  C  CA  . PHE A 1 102 ? 11.242  -8.396  18.114  1.00 21.53 ? 102 PHE A CA  1 
ATOM   785  C  C   . PHE A 1 102 ? 11.596  -9.869  18.298  1.00 22.82 ? 102 PHE A C   1 
ATOM   786  O  O   . PHE A 1 102 ? 12.032  -10.291 19.368  1.00 23.28 ? 102 PHE A O   1 
ATOM   787  C  CB  . PHE A 1 102 ? 9.738   -8.282  18.268  1.00 20.68 ? 102 PHE A CB  1 
ATOM   788  C  CG  . PHE A 1 102 ? 9.237   -6.942  18.695  1.00 22.36 ? 102 PHE A CG  1 
ATOM   789  C  CD1 . PHE A 1 102 ? 9.237   -5.862  17.814  1.00 21.78 ? 102 PHE A CD1 1 
ATOM   790  C  CD2 . PHE A 1 102 ? 8.736   -6.761  19.973  1.00 25.56 ? 102 PHE A CD2 1 
ATOM   791  C  CE1 . PHE A 1 102 ? 8.741   -4.631  18.204  1.00 23.75 ? 102 PHE A CE1 1 
ATOM   792  C  CE2 . PHE A 1 102 ? 8.217   -5.533  20.387  1.00 25.20 ? 102 PHE A CE2 1 
ATOM   793  C  CZ  . PHE A 1 102 ? 8.221   -4.466  19.507  1.00 27.27 ? 102 PHE A CZ  1 
ATOM   794  N  N   . ASP A 1 103 ? 11.383  -10.643 17.250  1.00 26.21 ? 103 ASP A N   1 
ATOM   795  C  CA  . ASP A 1 103 ? 11.598  -12.095 17.278  1.00 29.26 ? 103 ASP A CA  1 
ATOM   796  C  C   . ASP A 1 103 ? 13.045  -12.480 17.015  1.00 31.62 ? 103 ASP A C   1 
ATOM   797  O  O   . ASP A 1 103 ? 13.372  -13.175 16.037  1.00 30.19 ? 103 ASP A O   1 
ATOM   798  C  CB  . ASP A 1 103 ? 10.670  -12.778 16.254  1.00 29.70 ? 103 ASP A CB  1 
ATOM   799  C  CG  . ASP A 1 103 ? 10.857  -14.276 16.223  1.00 29.48 ? 103 ASP A CG  1 
ATOM   800  O  OD1 . ASP A 1 103 ? 11.562  -14.775 17.115  1.00 27.85 ? 103 ASP A OD1 1 
ATOM   801  O  OD2 . ASP A 1 103 ? 10.305  -14.948 15.315  1.00 24.88 ? 103 ASP A OD2 1 
ATOM   802  N  N   . ARG A 1 104 ? 13.904  -12.030 17.921  1.00 32.97 ? 104 ARG A N   1 
ATOM   803  C  CA  . ARG A 1 104 ? 15.319  -12.271 17.795  1.00 34.75 ? 104 ARG A CA  1 
ATOM   804  C  C   . ARG A 1 104 ? 15.764  -13.719 17.632  1.00 32.15 ? 104 ARG A C   1 
ATOM   805  O  O   . ARG A 1 104 ? 16.742  -13.950 16.932  1.00 32.53 ? 104 ARG A O   1 
ATOM   806  C  CB  . ARG A 1 104 ? 16.068  -11.514 18.915  1.00 36.70 ? 104 ARG A CB  1 
ATOM   807  C  CG  . ARG A 1 104 ? 16.458  -12.224 20.183  1.00 42.68 ? 104 ARG A CG  1 
ATOM   808  C  CD  . ARG A 1 104 ? 17.591  -11.436 20.862  1.00 47.26 ? 104 ARG A CD  1 
ATOM   809  N  NE  . ARG A 1 104 ? 17.964  -11.955 22.178  1.00 52.45 ? 104 ARG A NE  1 
ATOM   810  C  CZ  . ARG A 1 104 ? 18.855  -11.364 22.977  1.00 55.37 ? 104 ARG A CZ  1 
ATOM   811  N  NH1 . ARG A 1 104 ? 19.500  -10.270 22.589  1.00 54.86 ? 104 ARG A NH1 1 
ATOM   812  N  NH2 . ARG A 1 104 ? 19.141  -11.890 24.167  1.00 55.31 ? 104 ARG A NH2 1 
ATOM   813  N  N   . ASN A 1 105 ? 15.067  -14.686 18.238  1.00 30.58 ? 105 ASN A N   1 
ATOM   814  C  CA  . ASN A 1 105 ? 15.431  -16.102 18.071  1.00 28.80 ? 105 ASN A CA  1 
ATOM   815  C  C   . ASN A 1 105 ? 14.626  -16.695 16.933  1.00 30.60 ? 105 ASN A C   1 
ATOM   816  O  O   . ASN A 1 105 ? 14.704  -17.905 16.664  1.00 31.51 ? 105 ASN A O   1 
ATOM   817  C  CB  . ASN A 1 105 ? 15.151  -16.934 19.328  1.00 29.58 ? 105 ASN A CB  1 
ATOM   818  C  CG  . ASN A 1 105 ? 13.706  -16.969 19.680  1.00 29.97 ? 105 ASN A CG  1 
ATOM   819  O  OD1 . ASN A 1 105 ? 12.854  -16.831 18.821  1.00 30.45 ? 105 ASN A OD1 1 
ATOM   820  N  ND2 . ASN A 1 105 ? 13.410  -17.160 20.958  1.00 36.79 ? 105 ASN A ND2 1 
ATOM   821  N  N   . ALA A 1 106 ? 13.889  -15.806 16.270  1.00 27.04 ? 106 ALA A N   1 
ATOM   822  C  CA  . ALA A 1 106 ? 12.995  -16.112 15.169  1.00 22.47 ? 106 ALA A CA  1 
ATOM   823  C  C   . ALA A 1 106 ? 12.434  -17.531 15.163  1.00 21.85 ? 106 ALA A C   1 
ATOM   824  O  O   . ALA A 1 106 ? 12.770  -18.320 14.281  1.00 22.73 ? 106 ALA A O   1 
ATOM   825  C  CB  . ALA A 1 106 ? 13.646  -15.837 13.909  1.00 20.22 ? 106 ALA A CB  1 
ATOM   826  N  N   . ASP A 1 107 ? 11.623  -17.861 16.170  1.00 18.61 ? 107 ASP A N   1 
ATOM   827  C  CA  . ASP A 1 107 ? 10.982  -19.159 16.266  1.00 19.25 ? 107 ASP A CA  1 
ATOM   828  C  C   . ASP A 1 107 ? 9.535   -18.861 15.856  1.00 17.51 ? 107 ASP A C   1 
ATOM   829  O  O   . ASP A 1 107 ? 8.626   -19.707 15.926  1.00 16.76 ? 107 ASP A O   1 
ATOM   830  C  CB  . ASP A 1 107 ? 11.029  -19.664 17.713  1.00 20.61 ? 107 ASP A CB  1 
ATOM   831  C  CG  . ASP A 1 107 ? 10.399  -18.703 18.689  1.00 24.38 ? 107 ASP A CG  1 
ATOM   832  O  OD1 . ASP A 1 107 ? 10.187  -17.521 18.329  1.00 27.77 ? 107 ASP A OD1 1 
ATOM   833  O  OD2 . ASP A 1 107 ? 10.121  -19.147 19.831  1.00 22.14 ? 107 ASP A OD2 1 
ATOM   834  N  N   . GLY A 1 108 ? 9.327   -17.632 15.403  1.00 15.50 ? 108 GLY A N   1 
ATOM   835  C  CA  . GLY A 1 108 ? 8.002   -17.245 14.961  1.00 13.80 ? 108 GLY A CA  1 
ATOM   836  C  C   . GLY A 1 108 ? 7.084   -16.737 16.039  1.00 13.84 ? 108 GLY A C   1 
ATOM   837  O  O   . GLY A 1 108 ? 5.898   -16.564 15.798  1.00 9.74  ? 108 GLY A O   1 
ATOM   838  N  N   . TYR A 1 109 ? 7.634   -16.455 17.211  1.00 12.34 ? 109 TYR A N   1 
ATOM   839  C  CA  . TYR A 1 109 ? 6.806   -15.989 18.330  1.00 14.37 ? 109 TYR A CA  1 
ATOM   840  C  C   . TYR A 1 109 ? 7.532   -14.961 19.174  1.00 13.17 ? 109 TYR A C   1 
ATOM   841  O  O   . TYR A 1 109 ? 8.727   -15.083 19.391  1.00 15.59 ? 109 TYR A O   1 
ATOM   842  C  CB  . TYR A 1 109 ? 6.472   -17.151 19.252  1.00 19.20 ? 109 TYR A CB  1 
ATOM   843  C  CG  . TYR A 1 109 ? 5.813   -18.376 18.613  1.00 22.88 ? 109 TYR A CG  1 
ATOM   844  C  CD1 . TYR A 1 109 ? 6.568   -19.401 18.034  1.00 25.84 ? 109 TYR A CD1 1 
ATOM   845  C  CD2 . TYR A 1 109 ? 4.426   -18.512 18.620  1.00 26.99 ? 109 TYR A CD2 1 
ATOM   846  C  CE1 . TYR A 1 109 ? 5.943   -20.515 17.481  1.00 26.28 ? 109 TYR A CE1 1 
ATOM   847  C  CE2 . TYR A 1 109 ? 3.801   -19.599 18.077  1.00 28.57 ? 109 TYR A CE2 1 
ATOM   848  C  CZ  . TYR A 1 109 ? 4.554   -20.601 17.506  1.00 30.43 ? 109 TYR A CZ  1 
ATOM   849  O  OH  . TYR A 1 109 ? 3.878   -21.658 16.941  1.00 36.15 ? 109 TYR A OH  1 
ATOM   850  N  N   . ILE A 1 110 ? 6.811   -13.990 19.720  1.00 14.28 ? 110 ILE A N   1 
ATOM   851  C  CA  . ILE A 1 110 ? 7.460   -13.005 20.564  1.00 13.81 ? 110 ILE A CA  1 
ATOM   852  C  C   . ILE A 1 110 ? 7.141   -13.300 21.996  1.00 15.39 ? 110 ILE A C   1 
ATOM   853  O  O   . ILE A 1 110 ? 5.959   -13.291 22.377  1.00 12.96 ? 110 ILE A O   1 
ATOM   854  C  CB  . ILE A 1 110 ? 6.983   -11.559 20.308  1.00 14.84 ? 110 ILE A CB  1 
ATOM   855  C  CG1 . ILE A 1 110 ? 7.195   -11.174 18.856  1.00 10.61 ? 110 ILE A CG1 1 
ATOM   856  C  CG2 . ILE A 1 110 ? 7.872   -10.587 21.086  1.00 15.28 ? 110 ILE A CG2 1 
ATOM   857  C  CD1 . ILE A 1 110 ? 6.074   -10.391 18.317  1.00 9.84  ? 110 ILE A CD1 1 
ATOM   858  N  N   . ASP A 1 111 ? 8.187   -13.553 22.785  1.00 15.27 ? 111 ASP A N   1 
ATOM   859  C  CA  . ASP A 1 111 ? 7.987   -13.831 24.207  1.00 13.99 ? 111 ASP A CA  1 
ATOM   860  C  C   . ASP A 1 111 ? 8.292   -12.630 25.079  1.00 11.33 ? 111 ASP A C   1 
ATOM   861  O  O   . ASP A 1 111 ? 8.808   -11.619 24.619  1.00 12.75 ? 111 ASP A O   1 
ATOM   862  C  CB  . ASP A 1 111 ? 8.766   -15.086 24.678  1.00 10.06 ? 111 ASP A CB  1 
ATOM   863  C  CG  . ASP A 1 111 ? 10.250  -15.021 24.428  1.00 13.41 ? 111 ASP A CG  1 
ATOM   864  O  OD1 . ASP A 1 111 ? 10.838  -13.923 24.407  1.00 16.64 ? 111 ASP A OD1 1 
ATOM   865  O  OD2 . ASP A 1 111 ? 10.840  -16.095 24.254  1.00 10.45 ? 111 ASP A OD2 1 
ATOM   866  N  N   . ALA A 1 112 ? 7.910   -12.727 26.336  1.00 9.42  ? 112 ALA A N   1 
ATOM   867  C  CA  . ALA A 1 112 ? 8.099   -11.635 27.256  1.00 11.48 ? 112 ALA A CA  1 
ATOM   868  C  C   . ALA A 1 112 ? 9.510   -11.052 27.324  1.00 13.43 ? 112 ALA A C   1 
ATOM   869  O  O   . ALA A 1 112 ? 9.685   -9.851  27.530  1.00 13.89 ? 112 ALA A O   1 
ATOM   870  C  CB  . ALA A 1 112 ? 7.649   -12.063 28.618  1.00 13.50 ? 112 ALA A CB  1 
ATOM   871  N  N   . GLU A 1 113 ? 10.519  -11.896 27.148  1.00 16.46 ? 113 GLU A N   1 
ATOM   872  C  CA  . GLU A 1 113 ? 11.904  -11.442 27.224  1.00 17.14 ? 113 GLU A CA  1 
ATOM   873  C  C   . GLU A 1 113 ? 12.329  -10.675 26.007  1.00 17.08 ? 113 GLU A C   1 
ATOM   874  O  O   . GLU A 1 113 ? 13.036  -9.663  26.090  1.00 19.22 ? 113 GLU A O   1 
ATOM   875  C  CB  . GLU A 1 113 ? 12.809  -12.640 27.418  1.00 19.48 ? 113 GLU A CB  1 
ATOM   876  C  CG  . GLU A 1 113 ? 12.522  -13.328 28.690  1.00 30.62 ? 113 GLU A CG  1 
ATOM   877  C  CD  . GLU A 1 113 ? 13.708  -14.087 29.167  1.00 37.92 ? 113 GLU A CD  1 
ATOM   878  O  OE1 . GLU A 1 113 ? 14.483  -14.505 28.276  1.00 41.19 ? 113 GLU A OE1 1 
ATOM   879  O  OE2 . GLU A 1 113 ? 13.866  -14.254 30.407  1.00 40.16 ? 113 GLU A OE2 1 
ATOM   880  N  N   . GLU A 1 114 ? 11.864  -11.163 24.868  1.00 17.04 ? 114 GLU A N   1 
ATOM   881  C  CA  . GLU A 1 114 ? 12.131  -10.580 23.583  1.00 11.64 ? 114 GLU A CA  1 
ATOM   882  C  C   . GLU A 1 114 ? 11.402  -9.268  23.530  1.00 13.18 ? 114 GLU A C   1 
ATOM   883  O  O   . GLU A 1 114 ? 11.914  -8.268  23.027  1.00 11.07 ? 114 GLU A O   1 
ATOM   884  C  CB  . GLU A 1 114 ? 11.598  -11.506 22.508  1.00 10.61 ? 114 GLU A CB  1 
ATOM   885  C  CG  . GLU A 1 114 ? 12.456  -12.667 22.302  1.00 10.07 ? 114 GLU A CG  1 
ATOM   886  C  CD  . GLU A 1 114 ? 11.964  -13.531 21.164  1.00 13.28 ? 114 GLU A CD  1 
ATOM   887  O  OE1 . GLU A 1 114 ? 10.727  -13.623 20.977  1.00 9.28  ? 114 GLU A OE1 1 
ATOM   888  O  OE2 . GLU A 1 114 ? 12.825  -14.119 20.466  1.00 10.70 ? 114 GLU A OE2 1 
ATOM   889  N  N   . LEU A 1 115 ? 10.204  -9.266  24.094  1.00 14.89 ? 115 LEU A N   1 
ATOM   890  C  CA  . LEU A 1 115 ? 9.388   -8.080  24.110  1.00 19.27 ? 115 LEU A CA  1 
ATOM   891  C  C   . LEU A 1 115 ? 10.135  -7.026  24.894  1.00 22.17 ? 115 LEU A C   1 
ATOM   892  O  O   . LEU A 1 115 ? 10.254  -5.884  24.449  1.00 24.52 ? 115 LEU A O   1 
ATOM   893  C  CB  . LEU A 1 115 ? 8.052   -8.381  24.794  1.00 19.68 ? 115 LEU A CB  1 
ATOM   894  C  CG  . LEU A 1 115 ? 7.011   -7.278  24.784  1.00 23.22 ? 115 LEU A CG  1 
ATOM   895  C  CD1 . LEU A 1 115 ? 7.027   -6.539  23.464  1.00 27.41 ? 115 LEU A CD1 1 
ATOM   896  C  CD2 . LEU A 1 115 ? 5.652   -7.865  25.141  1.00 24.39 ? 115 LEU A CD2 1 
ATOM   897  N  N   . ALA A 1 116 ? 10.600  -7.403  26.084  1.00 20.21 ? 116 ALA A N   1 
ATOM   898  C  CA  . ALA A 1 116 ? 11.334  -6.492  26.944  1.00 18.45 ? 116 ALA A CA  1 
ATOM   899  C  C   . ALA A 1 116 ? 12.608  -5.909  26.273  1.00 17.94 ? 116 ALA A C   1 
ATOM   900  O  O   . ALA A 1 116 ? 12.859  -4.692  26.311  1.00 16.98 ? 116 ALA A O   1 
ATOM   901  C  CB  . ALA A 1 116 ? 11.689  -7.230  28.273  1.00 14.86 ? 116 ALA A CB  1 
ATOM   902  N  N   . GLU A 1 117 ? 13.416  -6.773  25.664  1.00 19.44 ? 117 GLU A N   1 
ATOM   903  C  CA  . GLU A 1 117 ? 14.657  -6.329  25.008  1.00 19.66 ? 117 GLU A CA  1 
ATOM   904  C  C   . GLU A 1 117 ? 14.443  -5.287  23.942  1.00 20.03 ? 117 GLU A C   1 
ATOM   905  O  O   . GLU A 1 117 ? 15.271  -4.400  23.746  1.00 16.78 ? 117 GLU A O   1 
ATOM   906  C  CB  . GLU A 1 117 ? 15.408  -7.499  24.361  1.00 22.06 ? 117 GLU A CB  1 
ATOM   907  C  CG  . GLU A 1 117 ? 16.650  -7.093  23.531  1.00 21.03 ? 117 GLU A CG  1 
ATOM   908  C  CD  . GLU A 1 117 ? 17.740  -6.413  24.353  1.00 20.94 ? 117 GLU A CD  1 
ATOM   909  O  OE1 . GLU A 1 117 ? 17.521  -6.220  25.562  1.00 23.89 ? 117 GLU A OE1 1 
ATOM   910  O  OE2 . GLU A 1 117 ? 18.807  -6.064  23.804  1.00 22.53 ? 117 GLU A OE2 1 
ATOM   911  N  N   . ILE A 1 118 ? 13.349  -5.409  23.218  1.00 20.26 ? 118 ILE A N   1 
ATOM   912  C  CA  . ILE A 1 118 ? 13.114  -4.451  22.185  1.00 20.40 ? 118 ILE A CA  1 
ATOM   913  C  C   . ILE A 1 118 ? 12.852  -3.109  22.798  1.00 20.11 ? 118 ILE A C   1 
ATOM   914  O  O   . ILE A 1 118 ? 13.484  -2.147  22.405  1.00 21.07 ? 118 ILE A O   1 
ATOM   915  C  CB  . ILE A 1 118 ? 11.965  -4.889  21.261  1.00 23.95 ? 118 ILE A CB  1 
ATOM   916  C  CG1 . ILE A 1 118 ? 12.455  -6.029  20.369  1.00 22.22 ? 118 ILE A CG1 1 
ATOM   917  C  CG2 . ILE A 1 118 ? 11.572  -3.754  20.321  1.00 22.43 ? 118 ILE A CG2 1 
ATOM   918  C  CD1 . ILE A 1 118 ? 13.675  -5.630  19.567  1.00 24.02 ? 118 ILE A CD1 1 
ATOM   919  N  N   . PHE A 1 119 ? 11.965  -3.007  23.780  1.00 21.43 ? 119 PHE A N   1 
ATOM   920  C  CA  . PHE A 1 119 ? 11.729  -1.677  24.365  1.00 19.53 ? 119 PHE A CA  1 
ATOM   921  C  C   . PHE A 1 119 ? 13.018  -1.205  25.027  1.00 20.25 ? 119 PHE A C   1 
ATOM   922  O  O   . PHE A 1 119 ? 13.342  -0.029  25.029  1.00 19.99 ? 119 PHE A O   1 
ATOM   923  C  CB  . PHE A 1 119 ? 10.659  -1.723  25.427  1.00 19.62 ? 119 PHE A CB  1 
ATOM   924  C  CG  . PHE A 1 119 ? 9.280   -1.994  24.922  1.00 23.06 ? 119 PHE A CG  1 
ATOM   925  C  CD1 . PHE A 1 119 ? 8.894   -3.278  24.553  1.00 25.14 ? 119 PHE A CD1 1 
ATOM   926  C  CD2 . PHE A 1 119 ? 8.333   -0.993  24.907  1.00 24.21 ? 119 PHE A CD2 1 
ATOM   927  C  CE1 . PHE A 1 119 ? 7.571   -3.552  24.200  1.00 25.21 ? 119 PHE A CE1 1 
ATOM   928  C  CE2 . PHE A 1 119 ? 7.008   -1.254  24.556  1.00 26.06 ? 119 PHE A CE2 1 
ATOM   929  C  CZ  . PHE A 1 119 ? 6.631   -2.530  24.201  1.00 23.30 ? 119 PHE A CZ  1 
ATOM   930  N  N   . ARG A 1 120 ? 13.716  -2.141  25.646  1.00 19.00 ? 120 ARG A N   1 
ATOM   931  C  CA  . ARG A 1 120 ? 14.981  -1.849  26.295  1.00 20.19 ? 120 ARG A CA  1 
ATOM   932  C  C   . ARG A 1 120 ? 15.874  -1.202  25.250  1.00 20.18 ? 120 ARG A C   1 
ATOM   933  O  O   . ARG A 1 120 ? 16.341  -0.073  25.420  1.00 22.04 ? 120 ARG A O   1 
ATOM   934  C  CB  . ARG A 1 120 ? 15.592  -3.151  26.803  0.50 18.81 ? 120 ARG A CB  1 
ATOM   935  C  CG  . ARG A 1 120 ? 16.937  -3.007  27.434  0.50 18.81 ? 120 ARG A CG  1 
ATOM   936  C  CD  . ARG A 1 120 ? 17.169  -4.063  28.495  0.50 21.08 ? 120 ARG A CD  1 
ATOM   937  N  NE  . ARG A 1 120 ? 16.647  -3.717  29.810  0.50 23.81 ? 120 ARG A NE  1 
ATOM   938  C  CZ  . ARG A 1 120 ? 15.650  -4.378  30.427  0.50 23.42 ? 120 ARG A CZ  1 
ATOM   939  N  NH1 . ARG A 1 120 ? 15.114  -5.445  29.850  0.50 19.36 ? 120 ARG A NH1 1 
ATOM   940  N  NH2 . ARG A 1 120 ? 15.262  -3.997  31.631  0.50 24.40 ? 120 ARG A NH2 1 
ATOM   941  N  N   . ALA A 1 121 ? 16.075  -1.915  24.145  1.00 20.81 ? 121 ALA A N   1 
ATOM   942  C  CA  . ALA A 1 121 ? 16.914  -1.426  23.072  1.00 18.17 ? 121 ALA A CA  1 
ATOM   943  C  C   . ALA A 1 121 ? 16.440  -0.093  22.510  1.00 17.31 ? 121 ALA A C   1 
ATOM   944  O  O   . ALA A 1 121 ? 17.244  0.700   22.088  1.00 16.30 ? 121 ALA A O   1 
ATOM   945  C  CB  . ALA A 1 121 ? 16.980  -2.477  21.972  1.00 17.45 ? 121 ALA A CB  1 
ATOM   946  N  N   . SER A 1 122 ? 15.140  0.154   22.505  1.00 17.09 ? 122 SER A N   1 
ATOM   947  C  CA  . SER A 1 122 ? 14.596  1.409   21.967  1.00 18.33 ? 122 SER A CA  1 
ATOM   948  C  C   . SER A 1 122 ? 14.976  2.604   22.803  1.00 16.21 ? 122 SER A C   1 
ATOM   949  O  O   . SER A 1 122 ? 14.917  3.728   22.326  1.00 15.51 ? 122 SER A O   1 
ATOM   950  C  CB  . SER A 1 122 ? 13.061  1.374   21.893  1.00 21.06 ? 122 SER A CB  1 
ATOM   951  O  OG  . SER A 1 122 ? 12.521  1.986   23.025  1.00 27.38 ? 122 SER A OG  1 
ATOM   952  N  N   . GLY A 1 123 ? 15.342  2.361   24.059  1.00 12.84 ? 123 GLY A N   1 
ATOM   953  C  CA  . GLY A 1 123 ? 15.708  3.449   24.944  1.00 8.60  ? 123 GLY A CA  1 
ATOM   954  C  C   . GLY A 1 123 ? 14.587  3.881   25.849  1.00 8.25  ? 123 GLY A C   1 
ATOM   955  O  O   . GLY A 1 123 ? 14.607  4.979   26.361  1.00 11.41 ? 123 GLY A O   1 
ATOM   956  N  N   . GLU A 1 124 ? 13.603  3.022   26.044  1.00 11.15 ? 124 GLU A N   1 
ATOM   957  C  CA  . GLU A 1 124 ? 12.507  3.379   26.936  1.00 15.41 ? 124 GLU A CA  1 
ATOM   958  C  C   . GLU A 1 124 ? 12.408  2.441   28.124  1.00 17.90 ? 124 GLU A C   1 
ATOM   959  O  O   . GLU A 1 124 ? 12.567  1.232   28.006  1.00 18.51 ? 124 GLU A O   1 
ATOM   960  C  CB  . GLU A 1 124 ? 11.158  3.386   26.257  1.00 15.80 ? 124 GLU A CB  1 
ATOM   961  C  CG  . GLU A 1 124 ? 10.085  3.946   27.136  1.00 26.14 ? 124 GLU A CG  1 
ATOM   962  C  CD  . GLU A 1 124 ? 10.301  5.415   27.385  1.00 30.06 ? 124 GLU A CD  1 
ATOM   963  O  OE1 . GLU A 1 124 ? 10.956  6.037   26.540  1.00 35.10 ? 124 GLU A OE1 1 
ATOM   964  O  OE2 . GLU A 1 124 ? 9.847   5.957   28.404  1.00 40.04 ? 124 GLU A OE2 1 
ATOM   965  N  N   . HIS A 1 125 ? 12.104  3.055   29.256  1.00 16.79 ? 125 HIS A N   1 
ATOM   966  C  CA  . HIS A 1 125 ? 11.987  2.427   30.547  1.00 18.09 ? 125 HIS A CA  1 
ATOM   967  C  C   . HIS A 1 125 ? 11.329  1.068   30.687  1.00 17.38 ? 125 HIS A C   1 
ATOM   968  O  O   . HIS A 1 125 ? 12.010  0.043   30.750  1.00 22.89 ? 125 HIS A O   1 
ATOM   969  C  CB  . HIS A 1 125 ? 11.278  3.399   31.454  1.00 21.21 ? 125 HIS A CB  1 
ATOM   970  C  CG  . HIS A 1 125 ? 9.847   3.645   31.101  1.00 18.23 ? 125 HIS A CG  1 
ATOM   971  N  ND1 . HIS A 1 125 ? 8.835   3.491   31.999  1.00 14.26 ? 125 HIS A ND1 1 
ATOM   972  C  CD2 . HIS A 1 125 ? 9.268   4.117   29.953  1.00 19.61 ? 125 HIS A CD2 1 
ATOM   973  C  CE1 . HIS A 1 125 ? 7.692   3.849   31.442  1.00 21.21 ? 125 HIS A CE1 1 
ATOM   974  N  NE2 . HIS A 1 125 ? 7.920   4.212   30.244  1.00 18.28 ? 125 HIS A NE2 1 
ATOM   975  N  N   . VAL A 1 126 ? 9.999   1.063   30.760  1.00 16.68 ? 126 VAL A N   1 
ATOM   976  C  CA  . VAL A 1 126 ? 9.192   -0.159  30.920  1.00 14.92 ? 126 VAL A CA  1 
ATOM   977  C  C   . VAL A 1 126 ? 9.477   -1.126  32.094  1.00 18.50 ? 126 VAL A C   1 
ATOM   978  O  O   . VAL A 1 126 ? 10.509  -1.841  32.152  1.00 18.37 ? 126 VAL A O   1 
ATOM   979  C  CB  . VAL A 1 126 ? 9.200   -0.969  29.653  1.00 11.66 ? 126 VAL A CB  1 
ATOM   980  C  CG1 . VAL A 1 126 ? 8.192   -2.062  29.743  1.00 10.38 ? 126 VAL A CG1 1 
ATOM   981  C  CG2 . VAL A 1 126 ? 8.877   -0.059  28.531  1.00 8.51  ? 126 VAL A CG2 1 
ATOM   982  N  N   . THR A 1 127 ? 8.496   -1.185  32.985  1.00 19.34 ? 127 THR A N   1 
ATOM   983  C  CA  . THR A 1 127 ? 8.537   -2.004  34.190  1.00 22.75 ? 127 THR A CA  1 
ATOM   984  C  C   . THR A 1 127 ? 8.023   -3.419  33.924  1.00 26.42 ? 127 THR A C   1 
ATOM   985  O  O   . THR A 1 127 ? 7.223   -3.641  32.998  1.00 29.34 ? 127 THR A O   1 
ATOM   986  C  CB  . THR A 1 127 ? 7.643   -1.383  35.261  1.00 21.20 ? 127 THR A CB  1 
ATOM   987  O  OG1 . THR A 1 127 ? 6.326   -1.216  34.714  1.00 18.03 ? 127 THR A OG1 1 
ATOM   988  C  CG2 . THR A 1 127 ? 8.175   0.011   35.666  1.00 20.61 ? 127 THR A CG2 1 
ATOM   989  N  N   . ASP A 1 128 ? 8.493   -4.366  34.735  1.00 26.79 ? 128 ASP A N   1 
ATOM   990  C  CA  . ASP A 1 128 ? 8.082   -5.750  34.617  1.00 25.65 ? 128 ASP A CA  1 
ATOM   991  C  C   . ASP A 1 128 ? 6.541   -5.816  34.620  1.00 25.34 ? 128 ASP A C   1 
ATOM   992  O  O   . ASP A 1 128 ? 5.951   -6.653  33.936  1.00 27.64 ? 128 ASP A O   1 
ATOM   993  C  CB  . ASP A 1 128 ? 8.676   -6.566  35.778  1.00 26.04 ? 128 ASP A CB  1 
ATOM   994  C  CG  . ASP A 1 128 ? 10.204  -6.768  35.661  1.00 26.41 ? 128 ASP A CG  1 
ATOM   995  O  OD1 . ASP A 1 128 ? 10.753  -6.830  34.538  1.00 25.43 ? 128 ASP A OD1 1 
ATOM   996  O  OD2 . ASP A 1 128 ? 10.872  -6.868  36.714  1.00 27.02 ? 128 ASP A OD2 1 
ATOM   997  N  N   . GLU A 1 129 ? 5.877   -4.935  35.362  1.00 24.36 ? 129 GLU A N   1 
ATOM   998  C  CA  . GLU A 1 129 ? 4.412   -4.957  35.380  1.00 24.74 ? 129 GLU A CA  1 
ATOM   999  C  C   . GLU A 1 129 ? 3.828   -4.518  34.051  1.00 23.47 ? 129 GLU A C   1 
ATOM   1000 O  O   . GLU A 1 129 ? 2.765   -4.992  33.628  1.00 21.81 ? 129 GLU A O   1 
ATOM   1001 C  CB  . GLU A 1 129 ? 3.849   -4.039  36.455  1.00 25.82 ? 129 GLU A CB  1 
ATOM   1002 C  CG  . GLU A 1 129 ? 4.424   -4.282  37.789  1.00 28.16 ? 129 GLU A CG  1 
ATOM   1003 C  CD  . GLU A 1 129 ? 5.577   -3.367  38.051  1.00 28.48 ? 129 GLU A CD  1 
ATOM   1004 O  OE1 . GLU A 1 129 ? 5.323   -2.251  38.586  1.00 25.26 ? 129 GLU A OE1 1 
ATOM   1005 O  OE2 . GLU A 1 129 ? 6.727   -3.776  37.738  1.00 21.46 ? 129 GLU A OE2 1 
ATOM   1006 N  N   . GLU A 1 130 ? 4.502   -3.580  33.393  1.00 22.31 ? 130 GLU A N   1 
ATOM   1007 C  CA  . GLU A 1 130 ? 3.997   -3.111  32.113  1.00 20.86 ? 130 GLU A CA  1 
ATOM   1008 C  C   . GLU A 1 130 ? 4.085   -4.206  31.070  1.00 20.67 ? 130 GLU A C   1 
ATOM   1009 O  O   . GLU A 1 130 ? 3.136   -4.429  30.324  1.00 20.42 ? 130 GLU A O   1 
ATOM   1010 C  CB  . GLU A 1 130 ? 4.787   -1.907  31.643  1.00 22.11 ? 130 GLU A CB  1 
ATOM   1011 C  CG  . GLU A 1 130 ? 4.384   -0.589  32.293  1.00 22.65 ? 130 GLU A CG  1 
ATOM   1012 C  CD  . GLU A 1 130 ? 5.301   0.537   31.885  1.00 21.52 ? 130 GLU A CD  1 
ATOM   1013 O  OE1 . GLU A 1 130 ? 6.508   0.436   32.178  1.00 25.68 ? 130 GLU A OE1 1 
ATOM   1014 O  OE2 . GLU A 1 130 ? 4.824   1.520   31.293  1.00 23.50 ? 130 GLU A OE2 1 
ATOM   1015 N  N   . ILE A 1 131 ? 5.218   -4.907  31.033  1.00 18.74 ? 131 ILE A N   1 
ATOM   1016 C  CA  . ILE A 1 131 ? 5.416   -5.980  30.063  1.00 20.50 ? 131 ILE A CA  1 
ATOM   1017 C  C   . ILE A 1 131 ? 4.345   -7.048  30.262  1.00 24.07 ? 131 ILE A C   1 
ATOM   1018 O  O   . ILE A 1 131 ? 3.803   -7.596  29.302  1.00 24.34 ? 131 ILE A O   1 
ATOM   1019 C  CB  . ILE A 1 131 ? 6.799   -6.660  30.230  1.00 18.04 ? 131 ILE A CB  1 
ATOM   1020 C  CG1 . ILE A 1 131 ? 7.930   -5.708  29.815  1.00 16.99 ? 131 ILE A CG1 1 
ATOM   1021 C  CG2 . ILE A 1 131 ? 6.833   -7.969  29.417  1.00 15.84 ? 131 ILE A CG2 1 
ATOM   1022 C  CD1 . ILE A 1 131 ? 8.009   -5.410  28.333  1.00 18.49 ? 131 ILE A CD1 1 
ATOM   1023 N  N   . GLU A 1 132 ? 4.081   -7.343  31.536  1.00 26.62 ? 132 GLU A N   1 
ATOM   1024 C  CA  . GLU A 1 132 ? 3.107   -8.336  31.968  1.00 26.80 ? 132 GLU A CA  1 
ATOM   1025 C  C   . GLU A 1 132 ? 1.749   -7.962  31.426  1.00 26.32 ? 132 GLU A C   1 
ATOM   1026 O  O   . GLU A 1 132 ? 1.056   -8.784  30.836  1.00 25.94 ? 132 GLU A O   1 
ATOM   1027 C  CB  . GLU A 1 132 ? 3.046   -8.382  33.504  1.00 30.02 ? 132 GLU A CB  1 
ATOM   1028 C  CG  . GLU A 1 132 ? 2.135   -9.472  34.080  1.00 36.72 ? 132 GLU A CG  1 
ATOM   1029 C  CD  . GLU A 1 132 ? 2.490   -9.853  35.533  1.00 41.40 ? 132 GLU A CD  1 
ATOM   1030 O  OE1 . GLU A 1 132 ? 2.886   -8.944  36.308  1.00 44.70 ? 132 GLU A OE1 1 
ATOM   1031 O  OE2 . GLU A 1 132 ? 2.395   -11.058 35.893  1.00 42.32 ? 132 GLU A OE2 1 
ATOM   1032 N  N   . SER A 1 133 ? 1.377   -6.710  31.616  1.00 24.20 ? 133 SER A N   1 
ATOM   1033 C  CA  . SER A 1 133 ? 0.086   -6.261  31.163  1.00 24.10 ? 133 SER A CA  1 
ATOM   1034 C  C   . SER A 1 133 ? 0.003   -6.438  29.671  1.00 24.01 ? 133 SER A C   1 
ATOM   1035 O  O   . SER A 1 133 ? -1.021  -6.844  29.119  1.00 24.45 ? 133 SER A O   1 
ATOM   1036 C  CB  . SER A 1 133 ? -0.101  -4.800  31.540  1.00 26.91 ? 133 SER A CB  1 
ATOM   1037 O  OG  . SER A 1 133 ? -1.406  -4.385  31.217  1.00 29.11 ? 133 SER A OG  1 
ATOM   1038 N  N   . LEU A 1 134 ? 1.123   -6.163  29.028  1.00 24.48 ? 134 LEU A N   1 
ATOM   1039 C  CA  . LEU A 1 134 ? 1.236   -6.227  27.577  1.00 22.30 ? 134 LEU A CA  1 
ATOM   1040 C  C   . LEU A 1 134 ? 1.106   -7.635  27.057  1.00 25.33 ? 134 LEU A C   1 
ATOM   1041 O  O   . LEU A 1 134 ? 0.367   -7.897  26.122  1.00 25.98 ? 134 LEU A O   1 
ATOM   1042 C  CB  . LEU A 1 134 ? 2.581   -5.694  27.166  1.00 21.50 ? 134 LEU A CB  1 
ATOM   1043 C  CG  . LEU A 1 134 ? 2.668   -5.281  25.732  1.00 17.24 ? 134 LEU A CG  1 
ATOM   1044 C  CD1 . LEU A 1 134 ? 1.971   -3.960  25.561  1.00 17.76 ? 134 LEU A CD1 1 
ATOM   1045 C  CD2 . LEU A 1 134 ? 4.115   -5.189  25.379  1.00 18.36 ? 134 LEU A CD2 1 
ATOM   1046 N  N   . MET A 1 135 ? 1.861   -8.535  27.665  1.00 25.76 ? 135 MET A N   1 
ATOM   1047 C  CA  . MET A 1 135 ? 1.835   -9.932  27.294  1.00 26.25 ? 135 MET A CA  1 
ATOM   1048 C  C   . MET A 1 135 ? 0.453   -10.527 27.533  1.00 26.88 ? 135 MET A C   1 
ATOM   1049 O  O   . MET A 1 135 ? 0.008   -11.335 26.763  1.00 28.58 ? 135 MET A O   1 
ATOM   1050 C  CB  . MET A 1 135 ? 2.864   -10.699 28.115  1.00 24.20 ? 135 MET A CB  1 
ATOM   1051 C  CG  . MET A 1 135 ? 4.263   -10.431 27.703  1.00 25.39 ? 135 MET A CG  1 
ATOM   1052 S  SD  . MET A 1 135 ? 4.367   -10.679 25.953  1.00 21.90 ? 135 MET A SD  1 
ATOM   1053 C  CE  . MET A 1 135 ? 4.104   -12.436 25.833  1.00 18.48 ? 135 MET A CE  1 
ATOM   1054 N  N   . LYS A 1 136 ? -0.224  -10.147 28.608  1.00 30.73 ? 136 LYS A N   1 
ATOM   1055 C  CA  . LYS A 1 136 ? -1.549  -10.699 28.871  1.00 32.95 ? 136 LYS A CA  1 
ATOM   1056 C  C   . LYS A 1 136 ? -2.678  -10.137 27.994  1.00 35.85 ? 136 LYS A C   1 
ATOM   1057 O  O   . LYS A 1 136 ? -3.696  -10.803 27.724  1.00 37.89 ? 136 LYS A O   1 
ATOM   1058 C  CB  . LYS A 1 136 ? -1.880  -10.563 30.361  1.00 33.87 ? 136 LYS A CB  1 
ATOM   1059 C  CG  . LYS A 1 136 ? -1.380  -11.765 31.210  1.00 36.41 ? 136 LYS A CG  1 
ATOM   1060 C  CD  . LYS A 1 136 ? 0.158   -11.743 31.424  1.00 42.53 ? 136 LYS A CD  1 
ATOM   1061 C  CE  . LYS A 1 136 ? 0.798   -13.146 31.467  1.00 46.07 ? 136 LYS A CE  1 
ATOM   1062 N  NZ  . LYS A 1 136 ? 1.827   -13.351 30.387  1.00 50.39 ? 136 LYS A NZ  1 
ATOM   1063 N  N   . ASP A 1 137 ? -2.527  -8.921  27.518  1.00 36.37 ? 137 ASP A N   1 
ATOM   1064 C  CA  . ASP A 1 137 ? -3.568  -8.409  26.648  1.00 38.46 ? 137 ASP A CA  1 
ATOM   1065 C  C   . ASP A 1 137 ? -3.373  -9.004  25.240  1.00 39.83 ? 137 ASP A C   1 
ATOM   1066 O  O   . ASP A 1 137 ? -4.341  -9.242  24.526  1.00 41.08 ? 137 ASP A O   1 
ATOM   1067 C  CB  . ASP A 1 137 ? -3.511  -6.897  26.604  0.50 37.55 ? 137 ASP A CB  1 
ATOM   1068 C  CG  . ASP A 1 137 ? -4.453  -6.258  27.588  0.50 38.82 ? 137 ASP A CG  1 
ATOM   1069 O  OD1 . ASP A 1 137 ? -4.066  -6.063  28.764  0.50 37.55 ? 137 ASP A OD1 1 
ATOM   1070 O  OD2 . ASP A 1 137 ? -5.595  -5.969  27.170  0.50 38.66 ? 137 ASP A OD2 1 
ATOM   1071 N  N   . GLY A 1 138 ? -2.096  -9.418  24.730  1.00 32.26 ? 138 GLY A N   1 
ATOM   1072 C  CA  . GLY A 1 138 ? -1.769  -10.020 23.441  1.00 32.18 ? 138 GLY A CA  1 
ATOM   1073 C  C   . GLY A 1 138 ? -1.923  -11.535 23.391  1.00 31.35 ? 138 GLY A C   1 
ATOM   1074 O  O   . GLY A 1 138 ? -2.179  -12.099 22.321  1.00 33.50 ? 138 GLY A O   1 
ATOM   1075 N  N   . ASP A 1 139 ? -1.837  -12.038 24.544  1.00 35.18 ? 139 ASP A N   1 
ATOM   1076 C  CA  . ASP A 1 139 ? -1.986  -13.498 24.540  1.00 31.61 ? 139 ASP A CA  1 
ATOM   1077 C  C   . ASP A 1 139 ? -3.431  -13.961 24.509  1.00 30.58 ? 139 ASP A C   1 
ATOM   1078 O  O   . ASP A 1 139 ? -4.013  -14.253 25.553  1.00 32.47 ? 139 ASP A O   1 
ATOM   1079 C  CB  . ASP A 1 139 ? -1.335  -14.063 25.769  1.00 31.06 ? 139 ASP A CB  1 
ATOM   1080 C  CG  . ASP A 1 139 ? -0.781  -15.409 25.552  1.00 30.67 ? 139 ASP A CG  1 
ATOM   1081 O  OD1 . ASP A 1 139 ? -1.070  -15.991 24.488  1.00 27.15 ? 139 ASP A OD1 1 
ATOM   1082 O  OD2 . ASP A 1 139 ? -0.058  -15.861 26.459  1.00 33.19 ? 139 ASP A OD2 1 
ATOM   1083 N  N   . LYS A 1 140 ? -4.008  -14.022 23.311  1.00 27.42 ? 140 LYS A N   1 
ATOM   1084 C  CA  . LYS A 1 140 ? -5.394  -14.429 23.162  1.00 27.81 ? 140 LYS A CA  1 
ATOM   1085 C  C   . LYS A 1 140 ? -5.633  -15.949 23.329  1.00 27.03 ? 140 LYS A C   1 
ATOM   1086 O  O   . LYS A 1 140 ? -6.747  -16.372 23.646  1.00 26.77 ? 140 LYS A O   1 
ATOM   1087 C  CB  . LYS A 1 140 ? -5.948  -13.870 21.822  1.00 29.54 ? 140 LYS A CB  1 
ATOM   1088 C  CG  . LYS A 1 140 ? -5.344  -12.481 21.416  1.00 26.78 ? 140 LYS A CG  1 
ATOM   1089 C  CD  . LYS A 1 140 ? -6.401  -11.401 21.236  1.00 28.09 ? 140 LYS A CD  1 
ATOM   1090 C  CE  . LYS A 1 140 ? -6.925  -10.927 22.586  1.00 27.87 ? 140 LYS A CE  1 
ATOM   1091 N  NZ  . LYS A 1 140 ? -6.854  -9.444  22.723  1.00 30.25 ? 140 LYS A NZ  1 
ATOM   1092 N  N   . ASN A 1 141 ? -4.608  -16.775 23.123  1.00 27.29 ? 141 ASN A N   1 
ATOM   1093 C  CA  . ASN A 1 141 ? -4.810  -18.198 23.325  1.00 25.48 ? 141 ASN A CA  1 
ATOM   1094 C  C   . ASN A 1 141 ? -4.115  -18.683 24.586  1.00 27.42 ? 141 ASN A C   1 
ATOM   1095 O  O   . ASN A 1 141 ? -4.043  -19.890 24.861  1.00 26.41 ? 141 ASN A O   1 
ATOM   1096 C  CB  . ASN A 1 141 ? -4.348  -18.988 22.117  1.00 28.55 ? 141 ASN A CB  1 
ATOM   1097 C  CG  . ASN A 1 141 ? -2.858  -18.979 21.920  1.00 26.89 ? 141 ASN A CG  1 
ATOM   1098 O  OD1 . ASN A 1 141 ? -2.107  -18.308 22.620  1.00 32.29 ? 141 ASN A OD1 1 
ATOM   1099 N  ND2 . ASN A 1 141 ? -2.423  -19.750 20.937  1.00 25.97 ? 141 ASN A ND2 1 
ATOM   1100 N  N   . ASN A 1 142 ? -3.628  -17.710 25.355  1.00 26.90 ? 142 ASN A N   1 
ATOM   1101 C  CA  . ASN A 1 142 ? -2.958  -17.930 26.621  1.00 23.99 ? 142 ASN A CA  1 
ATOM   1102 C  C   . ASN A 1 142 ? -1.826  -18.921 26.690  1.00 23.96 ? 142 ASN A C   1 
ATOM   1103 O  O   . ASN A 1 142 ? -1.740  -19.670 27.641  1.00 23.75 ? 142 ASN A O   1 
ATOM   1104 C  CB  . ASN A 1 142 ? -3.994  -18.301 27.653  1.00 23.90 ? 142 ASN A CB  1 
ATOM   1105 C  CG  . ASN A 1 142 ? -4.944  -17.172 27.920  1.00 22.31 ? 142 ASN A CG  1 
ATOM   1106 O  OD1 . ASN A 1 142 ? -4.532  -16.040 28.121  1.00 29.62 ? 142 ASN A OD1 1 
ATOM   1107 N  ND2 . ASN A 1 142 ? -6.220  -17.469 27.927  1.00 20.98 ? 142 ASN A ND2 1 
ATOM   1108 N  N   . ASP A 1 143 ? -0.953  -18.938 25.696  1.00 23.64 ? 143 ASP A N   1 
ATOM   1109 C  CA  . ASP A 1 143 ? 0.172   -19.862 25.738  1.00 25.56 ? 143 ASP A CA  1 
ATOM   1110 C  C   . ASP A 1 143 ? 1.406   -19.117 26.194  1.00 25.83 ? 143 ASP A C   1 
ATOM   1111 O  O   . ASP A 1 143 ? 2.506   -19.649 26.184  1.00 29.20 ? 143 ASP A O   1 
ATOM   1112 C  CB  . ASP A 1 143 ? 0.404   -20.489 24.354  1.00 26.29 ? 143 ASP A CB  1 
ATOM   1113 C  CG  . ASP A 1 143 ? 0.640   -19.443 23.264  1.00 25.84 ? 143 ASP A CG  1 
ATOM   1114 O  OD1 . ASP A 1 143 ? 0.423   -18.250 23.535  1.00 28.42 ? 143 ASP A OD1 1 
ATOM   1115 O  OD2 . ASP A 1 143 ? 1.040   -19.820 22.139  1.00 26.67 ? 143 ASP A OD2 1 
ATOM   1116 N  N   . GLY A 1 144 ? 1.209   -17.865 26.584  1.00 26.60 ? 144 GLY A N   1 
ATOM   1117 C  CA  . GLY A 1 144 ? 2.307   -17.043 27.065  1.00 24.62 ? 144 GLY A CA  1 
ATOM   1118 C  C   . GLY A 1 144 ? 3.112   -16.306 26.017  1.00 27.10 ? 144 GLY A C   1 
ATOM   1119 O  O   . GLY A 1 144 ? 3.765   -15.319 26.346  1.00 27.38 ? 144 GLY A O   1 
ATOM   1120 N  N   . ARG A 1 145 ? 3.071   -16.756 24.759  1.00 25.69 ? 145 ARG A N   1 
ATOM   1121 C  CA  . ARG A 1 145 ? 3.858   -16.094 23.713  1.00 26.68 ? 145 ARG A CA  1 
ATOM   1122 C  C   . ARG A 1 145 ? 2.932   -15.329 22.777  1.00 27.64 ? 145 ARG A C   1 
ATOM   1123 O  O   . ARG A 1 145 ? 1.715   -15.450 22.894  1.00 30.99 ? 145 ARG A O   1 
ATOM   1124 C  CB  . ARG A 1 145 ? 4.701   -17.118 22.923  1.00 27.66 ? 145 ARG A CB  1 
ATOM   1125 C  CG  . ARG A 1 145 ? 3.901   -18.150 22.102  1.00 31.42 ? 145 ARG A CG  1 
ATOM   1126 C  CD  . ARG A 1 145 ? 4.582   -19.526 22.095  1.00 33.88 ? 145 ARG A CD  1 
ATOM   1127 N  NE  . ARG A 1 145 ? 3.645   -20.584 21.729  1.00 38.21 ? 145 ARG A NE  1 
ATOM   1128 C  CZ  . ARG A 1 145 ? 3.914   -21.569 20.876  1.00 41.34 ? 145 ARG A CZ  1 
ATOM   1129 N  NH1 . ARG A 1 145 ? 5.108   -21.648 20.287  1.00 43.64 ? 145 ARG A NH1 1 
ATOM   1130 N  NH2 . ARG A 1 145 ? 2.981   -22.475 20.574  1.00 42.42 ? 145 ARG A NH2 1 
ATOM   1131 N  N   . ILE A 1 146 ? 3.489   -14.556 21.844  1.00 24.35 ? 146 ILE A N   1 
ATOM   1132 C  CA  . ILE A 1 146 ? 2.654   -13.773 20.938  1.00 22.49 ? 146 ILE A CA  1 
ATOM   1133 C  C   . ILE A 1 146 ? 2.973   -14.148 19.487  1.00 22.31 ? 146 ILE A C   1 
ATOM   1134 O  O   . ILE A 1 146 ? 4.116   -14.079 19.048  1.00 22.57 ? 146 ILE A O   1 
ATOM   1135 C  CB  . ILE A 1 146 ? 2.875   -12.260 21.198  1.00 23.51 ? 146 ILE A CB  1 
ATOM   1136 C  CG1 . ILE A 1 146 ? 2.375   -11.933 22.611  1.00 17.44 ? 146 ILE A CG1 1 
ATOM   1137 C  CG2 . ILE A 1 146 ? 2.217   -11.433 20.099  1.00 18.53 ? 146 ILE A CG2 1 
ATOM   1138 C  CD1 . ILE A 1 146 ? 2.551   -10.521 23.055  1.00 23.28 ? 146 ILE A CD1 1 
ATOM   1139 N  N   . ASP A 1 147 ? 1.955   -14.586 18.750  1.00 22.35 ? 147 ASP A N   1 
ATOM   1140 C  CA  . ASP A 1 147 ? 2.146   -15.002 17.353  1.00 18.02 ? 147 ASP A CA  1 
ATOM   1141 C  C   . ASP A 1 147 ? 1.851   -13.863 16.411  1.00 16.37 ? 147 ASP A C   1 
ATOM   1142 O  O   . ASP A 1 147 ? 1.334   -12.849 16.851  1.00 17.15 ? 147 ASP A O   1 
ATOM   1143 C  CB  . ASP A 1 147 ? 1.272   -16.231 17.021  1.00 19.24 ? 147 ASP A CB  1 
ATOM   1144 C  CG  . ASP A 1 147 ? -0.239  -15.966 17.101  1.00 20.77 ? 147 ASP A CG  1 
ATOM   1145 O  OD1 . ASP A 1 147 ? -0.705  -14.831 16.841  1.00 23.17 ? 147 ASP A OD1 1 
ATOM   1146 O  OD2 . ASP A 1 147 ? -0.993  -16.922 17.412  1.00 20.20 ? 147 ASP A OD2 1 
ATOM   1147 N  N   . PHE A 1 148 ? 2.155   -14.020 15.126  1.00 14.34 ? 148 PHE A N   1 
ATOM   1148 C  CA  . PHE A 1 148 ? 1.889   -12.938 14.171  1.00 15.88 ? 148 PHE A CA  1 
ATOM   1149 C  C   . PHE A 1 148 ? 0.433   -12.438 14.137  1.00 15.21 ? 148 PHE A C   1 
ATOM   1150 O  O   . PHE A 1 148 ? 0.189   -11.250 13.971  1.00 10.44 ? 148 PHE A O   1 
ATOM   1151 C  CB  . PHE A 1 148 ? 2.320   -13.350 12.753  1.00 14.58 ? 148 PHE A CB  1 
ATOM   1152 C  CG  . PHE A 1 148 ? 2.614   -12.182 11.845  1.00 20.51 ? 148 PHE A CG  1 
ATOM   1153 C  CD1 . PHE A 1 148 ? 3.350   -11.099 12.294  1.00 19.73 ? 148 PHE A CD1 1 
ATOM   1154 C  CD2 . PHE A 1 148 ? 2.087   -12.137 10.555  1.00 19.25 ? 148 PHE A CD2 1 
ATOM   1155 C  CE1 . PHE A 1 148 ? 3.564   -10.001 11.466  1.00 20.73 ? 148 PHE A CE1 1 
ATOM   1156 C  CE2 . PHE A 1 148 ? 2.294   -11.055 9.738   1.00 19.02 ? 148 PHE A CE2 1 
ATOM   1157 C  CZ  . PHE A 1 148 ? 3.026   -9.975  10.189  1.00 19.53 ? 148 PHE A CZ  1 
ATOM   1158 N  N   . ASP A 1 149 ? -0.534  -13.340 14.314  1.00 15.20 ? 149 ASP A N   1 
ATOM   1159 C  CA  . ASP A 1 149 ? -1.952  -13.001 14.297  1.00 12.33 ? 149 ASP A CA  1 
ATOM   1160 C  C   . ASP A 1 149 ? -2.270  -12.032 15.414  1.00 14.01 ? 149 ASP A C   1 
ATOM   1161 O  O   . ASP A 1 149 ? -2.911  -10.996 15.211  1.00 15.59 ? 149 ASP A O   1 
ATOM   1162 C  CB  . ASP A 1 149 ? -2.793  -14.259 14.469  0.50 13.88 ? 149 ASP A CB  1 
ATOM   1163 C  CG  . ASP A 1 149 ? -4.099  -14.186 13.739  0.50 16.04 ? 149 ASP A CG  1 
ATOM   1164 O  OD1 . ASP A 1 149 ? -4.099  -13.706 12.594  0.50 16.47 ? 149 ASP A OD1 1 
ATOM   1165 O  OD2 . ASP A 1 149 ? -5.124  -14.618 14.294  0.50 20.23 ? 149 ASP A OD2 1 
ATOM   1166 N  N   . GLU A 1 150 ? -1.818  -12.415 16.601  1.00 14.05 ? 150 GLU A N   1 
ATOM   1167 C  CA  . GLU A 1 150 ? -1.979  -11.669 17.851  1.00 13.75 ? 150 GLU A CA  1 
ATOM   1168 C  C   . GLU A 1 150 ? -1.224  -10.347 17.809  1.00 12.52 ? 150 GLU A C   1 
ATOM   1169 O  O   . GLU A 1 150 ? -1.702  -9.347  18.295  1.00 14.16 ? 150 GLU A O   1 
ATOM   1170 C  CB  . GLU A 1 150 ? -1.444  -12.515 19.023  1.00 15.77 ? 150 GLU A CB  1 
ATOM   1171 C  CG  . GLU A 1 150 ? -2.347  -13.664 19.513  1.00 10.88 ? 150 GLU A CG  1 
ATOM   1172 C  CD  . GLU A 1 150 ? -1.591  -14.672 20.377  1.00 11.96 ? 150 GLU A CD  1 
ATOM   1173 O  OE1 . GLU A 1 150 ? -0.368  -14.823 20.203  1.00 14.46 ? 150 GLU A OE1 1 
ATOM   1174 O  OE2 . GLU A 1 150 ? -2.207  -15.327 21.239  1.00 10.70 ? 150 GLU A OE2 1 
ATOM   1175 N  N   . PHE A 1 151 ? -0.032  -10.349 17.226  1.00 14.98 ? 151 PHE A N   1 
ATOM   1176 C  CA  . PHE A 1 151 ? 0.782   -9.132  17.133  1.00 15.45 ? 151 PHE A CA  1 
ATOM   1177 C  C   . PHE A 1 151 ? 0.035   -8.070  16.351  1.00 18.39 ? 151 PHE A C   1 
ATOM   1178 O  O   . PHE A 1 151 ? -0.102  -6.927  16.801  1.00 17.88 ? 151 PHE A O   1 
ATOM   1179 C  CB  . PHE A 1 151 ? 2.139   -9.440  16.449  1.00 14.15 ? 151 PHE A CB  1 
ATOM   1180 C  CG  . PHE A 1 151 ? 3.038   -8.212  16.246  1.00 19.55 ? 151 PHE A CG  1 
ATOM   1181 C  CD1 . PHE A 1 151 ? 3.640   -7.566  17.329  1.00 18.26 ? 151 PHE A CD1 1 
ATOM   1182 C  CD2 . PHE A 1 151 ? 3.278   -7.706  14.969  1.00 17.35 ? 151 PHE A CD2 1 
ATOM   1183 C  CE1 . PHE A 1 151 ? 4.470   -6.456  17.154  1.00 15.13 ? 151 PHE A CE1 1 
ATOM   1184 C  CE2 . PHE A 1 151 ? 4.114   -6.586  14.789  1.00 18.96 ? 151 PHE A CE2 1 
ATOM   1185 C  CZ  . PHE A 1 151 ? 4.702   -5.964  15.883  1.00 15.49 ? 151 PHE A CZ  1 
ATOM   1186 N  N   . LEU A 1 152 ? -0.463  -8.481  15.188  1.00 19.34 ? 152 LEU A N   1 
ATOM   1187 C  CA  . LEU A 1 152 ? -1.202  -7.635  14.261  1.00 22.14 ? 152 LEU A CA  1 
ATOM   1188 C  C   . LEU A 1 152 ? -2.383  -6.985  14.943  1.00 23.28 ? 152 LEU A C   1 
ATOM   1189 O  O   . LEU A 1 152 ? -2.595  -5.796  14.817  1.00 24.68 ? 152 LEU A O   1 
ATOM   1190 C  CB  . LEU A 1 152 ? -1.686  -8.481  13.088  1.00 20.73 ? 152 LEU A CB  1 
ATOM   1191 C  CG  . LEU A 1 152 ? -1.826  -7.828  11.729  1.00 24.52 ? 152 LEU A CG  1 
ATOM   1192 C  CD1 . LEU A 1 152 ? -0.624  -6.952  11.440  1.00 23.37 ? 152 LEU A CD1 1 
ATOM   1193 C  CD2 . LEU A 1 152 ? -1.898  -8.945  10.709  1.00 24.95 ? 152 LEU A CD2 1 
ATOM   1194 N  N   . LYS A 1 153 ? -3.137  -7.788  15.685  1.00 27.17 ? 153 LYS A N   1 
ATOM   1195 C  CA  . LYS A 1 153 ? -4.322  -7.339  16.421  1.00 29.36 ? 153 LYS A CA  1 
ATOM   1196 C  C   . LYS A 1 153 ? -3.952  -6.245  17.441  1.00 29.55 ? 153 LYS A C   1 
ATOM   1197 O  O   . LYS A 1 153 ? -4.688  -5.288  17.650  1.00 28.71 ? 153 LYS A O   1 
ATOM   1198 C  CB  . LYS A 1 153 ? -4.988  -8.549  17.131  1.00 33.13 ? 153 LYS A CB  1 
ATOM   1199 C  CG  . LYS A 1 153 ? -5.532  -9.638  16.190  1.00 36.38 ? 153 LYS A CG  1 
ATOM   1200 C  CD  . LYS A 1 153 ? -6.881  -10.183 16.681  1.00 42.83 ? 153 LYS A CD  1 
ATOM   1201 C  CE  . LYS A 1 153 ? -6.848  -11.697 16.893  1.00 47.89 ? 153 LYS A CE  1 
ATOM   1202 N  NZ  . LYS A 1 153 ? -7.136  -12.109 18.299  1.00 49.00 ? 153 LYS A NZ  1 
ATOM   1203 N  N   . MET A 1 154 ? -2.788  -6.438  18.041  1.00 30.20 ? 154 MET A N   1 
ATOM   1204 C  CA  . MET A 1 154 ? -2.149  -5.594  19.030  1.00 32.04 ? 154 MET A CA  1 
ATOM   1205 C  C   . MET A 1 154 ? -1.676  -4.270  18.405  1.00 34.16 ? 154 MET A C   1 
ATOM   1206 O  O   . MET A 1 154 ? -1.746  -3.197  19.016  1.00 33.15 ? 154 MET A O   1 
ATOM   1207 C  CB  . MET A 1 154 ? -0.957  -6.405  19.531  1.00 30.72 ? 154 MET A CB  1 
ATOM   1208 C  CG  . MET A 1 154 ? 0.036   -5.710  20.398  1.00 28.67 ? 154 MET A CG  1 
ATOM   1209 S  SD  . MET A 1 154 ? 0.602   -6.967  21.597  1.00 30.67 ? 154 MET A SD  1 
ATOM   1210 C  CE  . MET A 1 154 ? 1.029   -8.259  20.561  1.00 23.18 ? 154 MET A CE  1 
ATOM   1211 N  N   . MET A 1 155 ? -1.196  -4.385  17.171  1.00 35.97 ? 155 MET A N   1 
ATOM   1212 C  CA  . MET A 1 155 ? -0.670  -3.260  16.440  1.00 37.28 ? 155 MET A CA  1 
ATOM   1213 C  C   . MET A 1 155 ? -1.766  -2.374  15.895  1.00 42.35 ? 155 MET A C   1 
ATOM   1214 O  O   . MET A 1 155 ? -1.819  -1.174  16.164  1.00 45.23 ? 155 MET A O   1 
ATOM   1215 C  CB  . MET A 1 155 ? 0.205   -3.762  15.302  1.00 31.89 ? 155 MET A CB  1 
ATOM   1216 C  CG  . MET A 1 155 ? 1.545   -4.132  15.829  1.00 28.96 ? 155 MET A CG  1 
ATOM   1217 S  SD  . MET A 1 155 ? 2.190   -2.761  16.751  1.00 27.78 ? 155 MET A SD  1 
ATOM   1218 C  CE  . MET A 1 155 ? 3.213   -2.034  15.480  1.00 30.15 ? 155 MET A CE  1 
ATOM   1219 N  N   . GLU A 1 156 ? -2.620  -2.938  15.072  1.00 47.63 ? 156 GLU A N   1 
ATOM   1220 C  CA  . GLU A 1 156 ? -3.683  -2.139  14.504  1.00 52.52 ? 156 GLU A CA  1 
ATOM   1221 C  C   . GLU A 1 156 ? -4.757  -1.858  15.544  1.00 53.17 ? 156 GLU A C   1 
ATOM   1222 O  O   . GLU A 1 156 ? -5.513  -0.890  15.448  1.00 53.79 ? 156 GLU A O   1 
ATOM   1223 C  CB  . GLU A 1 156 ? -4.230  -2.872  13.299  1.00 56.28 ? 156 GLU A CB  1 
ATOM   1224 C  CG  . GLU A 1 156 ? -3.213  -2.951  12.134  1.00 62.03 ? 156 GLU A CG  1 
ATOM   1225 C  CD  . GLU A 1 156 ? -3.773  -3.520  10.849  1.00 65.70 ? 156 GLU A CD  1 
ATOM   1226 O  OE1 . GLU A 1 156 ? -4.157  -4.712  10.868  1.00 65.99 ? 156 GLU A OE1 1 
ATOM   1227 O  OE2 . GLU A 1 156 ? -3.849  -2.751  9.848   1.00 68.61 ? 156 GLU A OE2 1 
ATOM   1228 N  N   . GLY A 1 157 ? -4.741  -2.681  16.576  1.00 55.34 ? 157 GLY A N   1 
ATOM   1229 C  CA  . GLY A 1 157 ? -5.676  -2.513  17.663  1.00 58.49 ? 157 GLY A CA  1 
ATOM   1230 C  C   . GLY A 1 157 ? -7.162  -2.294  17.432  1.00 59.77 ? 157 GLY A C   1 
ATOM   1231 O  O   . GLY A 1 157 ? -7.805  -1.748  18.380  1.00 59.76 ? 157 GLY A O   1 
HETATM 1232 CA CA  . CA  B 2 .   ? -4.002  11.184  -26.837 1.00 7.97  ? 160 CA  A CA  1 
HETATM 1233 CA CA  . CA  C 2 .   ? -12.858 6.456   -21.399 1.00 4.14  ? 161 CA  A CA  1 
HETATM 1234 CA CA  . CA  D 2 .   ? 10.939  -15.466 19.422  1.00 17.73 ? 162 CA  A CA  1 
HETATM 1235 CA CA  . CA  E 2 .   ? -0.457  -16.605 22.029  1.00 27.91 ? 163 CA  A CA  1 
HETATM 1236 CA CA  . CA  F 2 .   ? -4.566  22.759  -1.619  1.00 7.23  ? 164 CA  A CA  1 
HETATM 1237 O  O   . HOH G 3 .   ? -12.446 -0.008  -22.670 1.00 6.90  ? 165 HOH A O   1 
HETATM 1238 O  O   . HOH G 3 .   ? -5.205  21.039  -9.292  1.00 3.43  ? 166 HOH A O   1 
HETATM 1239 O  O   . HOH G 3 .   ? 14.860  7.587   26.117  1.00 11.90 ? 167 HOH A O   1 
HETATM 1240 O  O   . HOH G 3 .   ? -5.053  -9.856  -23.341 1.00 11.00 ? 168 HOH A O   1 
HETATM 1241 O  O   . HOH G 3 .   ? -4.410  3.249   -30.055 1.00 17.79 ? 169 HOH A O   1 
HETATM 1242 O  O   . HOH G 3 .   ? -8.285  22.268  -3.658  1.00 17.64 ? 170 HOH A O   1 
HETATM 1243 O  O   . HOH G 3 .   ? -5.717  -2.009  20.371  1.00 40.91 ? 171 HOH A O   1 
HETATM 1244 O  O   . HOH G 3 .   ? 2.554   -1.277  -27.962 1.00 20.68 ? 172 HOH A O   1 
HETATM 1245 O  O   . HOH G 3 .   ? -0.520  9.197   -29.883 1.00 12.42 ? 173 HOH A O   1 
HETATM 1246 O  O   . HOH G 3 .   ? 13.415  0.794   33.776  1.00 21.33 ? 174 HOH A O   1 
HETATM 1247 O  O   . HOH G 3 .   ? -13.034 8.627   -21.824 1.00 22.21 ? 175 HOH A O   1 
HETATM 1248 O  O   . HOH G 3 .   ? -5.619  20.793  -0.536  1.00 2.40  ? 176 HOH A O   1 
HETATM 1249 O  O   . HOH G 3 .   ? -2.603  22.945  -5.871  1.00 24.43 ? 177 HOH A O   1 
HETATM 1250 O  O   . HOH G 3 .   ? -12.444 8.808   -28.241 1.00 11.94 ? 178 HOH A O   1 
HETATM 1251 O  O   . HOH G 3 .   ? 2.842   -1.957  35.236  1.00 56.93 ? 179 HOH A O   1 
HETATM 1252 O  O   . HOH G 3 .   ? 14.115  -11.976 13.518  1.00 36.94 ? 180 HOH A O   1 
HETATM 1253 O  O   . HOH G 3 .   ? -14.867 10.517  -18.059 1.00 12.15 ? 181 HOH A O   1 
HETATM 1254 O  O   . HOH G 3 .   ? -6.409  12.227  -27.248 1.00 13.82 ? 182 HOH A O   1 
HETATM 1255 O  O   . HOH G 3 .   ? 2.791   18.014  -18.661 1.00 31.45 ? 183 HOH A O   1 
HETATM 1256 O  O   . HOH G 3 .   ? -4.048  5.198   1.948   1.00 43.62 ? 184 HOH A O   1 
HETATM 1257 O  O   . HOH G 3 .   ? 5.060   -1.187  -1.446  1.00 16.96 ? 185 HOH A O   1 
HETATM 1258 O  O   . HOH G 3 .   ? -11.821 11.810  -25.100 1.00 41.57 ? 186 HOH A O   1 
HETATM 1259 O  O   . HOH G 3 .   ? 3.162   7.743   -27.822 1.00 10.41 ? 187 HOH A O   1 
HETATM 1260 O  O   . HOH G 3 .   ? -11.186 14.403  -13.827 1.00 35.06 ? 188 HOH A O   1 
HETATM 1261 O  O   . HOH G 3 .   ? -17.575 7.757   -12.218 1.00 45.35 ? 189 HOH A O   1 
HETATM 1262 O  O   . HOH G 3 .   ? 9.771   -8.624  6.704   1.00 23.71 ? 190 HOH A O   1 
HETATM 1263 O  O   . HOH G 3 .   ? 18.426  -5.700  21.167  1.00 22.60 ? 191 HOH A O   1 
HETATM 1264 O  O   . HOH G 3 .   ? -8.224  17.098  -24.095 1.00 58.41 ? 192 HOH A O   1 
HETATM 1265 O  O   . HOH G 3 .   ? 2.081   2.430   7.747   1.00 31.35 ? 193 HOH A O   1 
HETATM 1266 O  O   . HOH G 3 .   ? -22.124 10.121  -9.265  1.00 15.53 ? 194 HOH A O   1 
HETATM 1267 O  O   . HOH G 3 .   ? -12.112 12.770  -28.328 1.00 19.72 ? 195 HOH A O   1 
HETATM 1268 O  O   . HOH G 3 .   ? 18.985  -3.861  26.194  1.00 26.33 ? 196 HOH A O   1 
HETATM 1269 O  O   . HOH G 3 .   ? -3.209  -8.779  -28.395 1.00 19.25 ? 197 HOH A O   1 
HETATM 1270 O  O   . HOH G 3 .   ? 1.419   20.294  -7.560  1.00 2.40  ? 198 HOH A O   1 
HETATM 1271 O  O   . HOH G 3 .   ? 15.055  -9.259  27.659  1.00 19.98 ? 199 HOH A O   1 
HETATM 1272 O  O   . HOH G 3 .   ? 12.317  -1.163  -23.795 1.00 31.26 ? 200 HOH A O   1 
HETATM 1273 O  O   . HOH G 3 .   ? 1.185   -20.736 17.140  1.00 27.61 ? 201 HOH A O   1 
HETATM 1274 O  O   . HOH G 3 .   ? 11.678  -8.547  8.736   1.00 45.79 ? 202 HOH A O   1 
HETATM 1275 O  O   . HOH G 3 .   ? 7.120   3.927   35.308  1.00 23.37 ? 203 HOH A O   1 
HETATM 1276 O  O   . HOH G 3 .   ? -9.061  -16.422 24.407  1.00 49.13 ? 204 HOH A O   1 
HETATM 1277 O  O   . HOH G 3 .   ? -6.324  12.606  -30.002 1.00 20.03 ? 205 HOH A O   1 
HETATM 1278 O  O   . HOH G 3 .   ? -8.771  15.836  0.253   1.00 53.48 ? 206 HOH A O   1 
HETATM 1279 O  O   . HOH G 3 .   ? -15.307 8.157   -17.570 1.00 18.99 ? 207 HOH A O   1 
HETATM 1280 O  O   . HOH G 3 .   ? 0.800   -13.702 24.176  1.00 38.92 ? 208 HOH A O   1 
HETATM 1281 O  O   . HOH G 3 .   ? -9.828  12.557  -28.177 1.00 17.04 ? 209 HOH A O   1 
HETATM 1282 O  O   . HOH G 3 .   ? -3.754  -10.063 20.311  1.00 50.74 ? 210 HOH A O   1 
HETATM 1283 O  O   . HOH G 3 .   ? -21.052 4.973   -20.925 1.00 33.88 ? 211 HOH A O   1 
HETATM 1284 O  O   . HOH G 3 .   ? -7.237  3.029   -27.403 1.00 25.25 ? 212 HOH A O   1 
HETATM 1285 O  O   . HOH G 3 .   ? 11.272  5.813   -21.613 1.00 37.15 ? 213 HOH A O   1 
HETATM 1286 O  O   . HOH G 3 .   ? 6.718   5.981   31.632  1.00 6.87  ? 214 HOH A O   1 
HETATM 1287 O  O   . HOH G 3 .   ? -4.397  9.228   -28.324 1.00 27.54 ? 215 HOH A O   1 
HETATM 1288 O  O   . HOH G 3 .   ? 22.418  -7.759  22.614  1.00 34.01 ? 216 HOH A O   1 
HETATM 1289 O  O   . HOH G 3 .   ? 14.936  -21.434 16.434  1.00 58.57 ? 217 HOH A O   1 
HETATM 1290 O  O   . HOH G 3 .   ? 18.108  -16.436 17.602  1.00 55.73 ? 218 HOH A O   1 
HETATM 1291 O  O   . HOH G 3 .   ? -3.201  21.974  0.273   1.00 56.42 ? 219 HOH A O   1 
HETATM 1292 O  O   . HOH G 3 .   ? -11.638 14.669  -21.914 1.00 41.89 ? 220 HOH A O   1 
HETATM 1293 O  O   . HOH G 3 .   ? 1.541   -3.417  -28.646 1.00 18.76 ? 221 HOH A O   1 
HETATM 1294 O  O   . HOH G 3 .   ? -5.538  -13.192 27.612  1.00 45.01 ? 222 HOH A O   1 
HETATM 1295 O  O   . HOH G 3 .   ? 7.080   6.702   27.780  1.00 34.40 ? 223 HOH A O   1 
HETATM 1296 O  O   . HOH G 3 .   ? 4.343   4.592   5.827   1.00 53.74 ? 224 HOH A O   1 
HETATM 1297 O  O   . HOH G 3 .   ? -10.163 -1.205  -23.598 1.00 29.75 ? 225 HOH A O   1 
HETATM 1298 O  O   . HOH G 3 .   ? -8.882  -3.817  18.611  1.00 34.91 ? 226 HOH A O   1 
HETATM 1299 O  O   . HOH G 3 .   ? -9.238  14.254  -20.221 1.00 2.40  ? 227 HOH A O   1 
HETATM 1300 O  O   . HOH G 3 .   ? 9.906   -2.406  -23.973 1.00 40.04 ? 228 HOH A O   1 
HETATM 1301 O  O   . HOH G 3 .   ? 0.547   -17.658 20.062  1.00 27.64 ? 229 HOH A O   1 
HETATM 1302 O  O   . HOH G 3 .   ? -18.483 4.760   -10.488 1.00 35.28 ? 230 HOH A O   1 
HETATM 1303 O  O   . HOH G 3 .   ? 10.654  -4.331  37.163  1.00 56.64 ? 231 HOH A O   1 
HETATM 1304 O  O   . HOH G 3 .   ? -1.808  -3.787  6.330   1.00 39.16 ? 232 HOH A O   1 
HETATM 1305 O  O   . HOH G 3 .   ? -13.924 0.628   -12.971 1.00 13.94 ? 233 HOH A O   1 
HETATM 1306 O  O   . HOH G 3 .   ? 8.941   1.655   21.141  1.00 44.79 ? 234 HOH A O   1 
HETATM 1307 O  O   . HOH G 3 .   ? 9.762   -19.663 22.945  1.00 41.27 ? 235 HOH A O   1 
HETATM 1308 O  O   . HOH G 3 .   ? -11.479 5.241   -6.512  1.00 34.78 ? 236 HOH A O   1 
HETATM 1309 O  O   . HOH G 3 .   ? -12.423 3.028   -7.784  1.00 55.26 ? 237 HOH A O   1 
HETATM 1310 O  O   . HOH G 3 .   ? 12.444  -3.629  28.518  1.00 31.11 ? 238 HOH A O   1 
HETATM 1311 O  O   . HOH G 3 .   ? 2.251   -7.711  -29.283 1.00 28.70 ? 239 HOH A O   1 
HETATM 1312 O  O   . HOH G 3 .   ? 13.101  -0.272  19.978  1.00 45.23 ? 240 HOH A O   1 
HETATM 1313 O  O   . HOH G 3 .   ? 4.509   -0.089  35.834  1.00 23.09 ? 241 HOH A O   1 
HETATM 1314 O  O   . HOH G 3 .   ? 17.391  -15.126 13.994  1.00 44.52 ? 242 HOH A O   1 
HETATM 1315 O  O   . HOH G 3 .   ? 13.759  -8.691  21.148  1.00 24.66 ? 243 HOH A O   1 
HETATM 1316 O  O   . HOH G 3 .   ? -1.383  10.291  -32.727 1.00 28.19 ? 244 HOH A O   1 
HETATM 1317 O  O   . HOH G 3 .   ? 8.568   -3.839  -2.185  1.00 37.25 ? 245 HOH A O   1 
HETATM 1318 O  O   . HOH G 3 .   ? 22.768  -11.595 21.042  1.00 33.18 ? 246 HOH A O   1 
HETATM 1319 O  O   . HOH G 3 .   ? 2.738   7.806   -24.557 1.00 39.33 ? 247 HOH A O   1 
HETATM 1320 O  O   . HOH G 3 .   ? -8.669  9.799   -28.503 1.00 54.69 ? 248 HOH A O   1 
HETATM 1321 O  O   . HOH G 3 .   ? 3.393   -16.574 14.713  1.00 38.38 ? 249 HOH A O   1 
HETATM 1322 O  O   . HOH G 3 .   ? -2.711  -14.369 28.716  1.00 44.78 ? 250 HOH A O   1 
HETATM 1323 O  O   . HOH G 3 .   ? 7.487   0.521   -0.807  1.00 39.89 ? 251 HOH A O   1 
HETATM 1324 O  O   . HOH G 3 .   ? -1.960  2.490   4.805   1.00 42.21 ? 252 HOH A O   1 
HETATM 1325 O  O   . HOH G 3 .   ? 20.228  -1.644  21.354  1.00 56.80 ? 253 HOH A O   1 
HETATM 1326 O  O   . HOH G 3 .   ? -8.704  -16.017 29.030  1.00 59.67 ? 254 HOH A O   1 
HETATM 1327 O  O   . HOH G 3 .   ? 15.550  -20.045 14.594  1.00 34.39 ? 255 HOH A O   1 
HETATM 1328 O  O   . HOH G 3 .   ? 4.229   17.804  -21.322 1.00 64.33 ? 256 HOH A O   1 
HETATM 1329 O  O   . HOH G 3 .   ? 4.687   -4.629  -26.850 1.00 36.44 ? 257 HOH A O   1 
HETATM 1330 O  O   . HOH G 3 .   ? -0.898  -19.375 16.156  1.00 15.10 ? 258 HOH A O   1 
HETATM 1331 O  O   . HOH G 3 .   ? 4.202   -20.621 13.495  1.00 24.00 ? 259 HOH A O   1 
HETATM 1332 O  O   . HOH G 3 .   ? 5.115   16.128  -10.371 1.00 50.45 ? 260 HOH A O   1 
HETATM 1333 O  O   . HOH G 3 .   ? -8.701  22.686  -13.060 1.00 51.77 ? 261 HOH A O   1 
HETATM 1334 O  O   . HOH G 3 .   ? 1.469   -5.954  -4.944  1.00 44.28 ? 262 HOH A O   1 
HETATM 1335 O  O   . HOH G 3 .   ? -0.524  -4.322  -23.127 1.00 64.62 ? 263 HOH A O   1 
HETATM 1336 O  O   . HOH G 3 .   ? 11.687  -4.371  31.089  1.00 17.63 ? 264 HOH A O   1 
HETATM 1337 O  O   . HOH G 3 .   ? -3.286  -17.821 17.884  1.00 29.86 ? 265 HOH A O   1 
HETATM 1338 O  O   . HOH G 3 .   ? 1.884   19.678  -11.423 1.00 68.71 ? 266 HOH A O   1 
HETATM 1339 O  O   . HOH G 3 .   ? -17.892 6.590   -25.239 1.00 28.80 ? 267 HOH A O   1 
HETATM 1340 O  O   . HOH G 3 .   ? 4.045   -7.426  1.917   1.00 51.71 ? 268 HOH A O   1 
HETATM 1341 O  O   . HOH G 3 .   ? -11.338 -7.667  -19.869 1.00 57.88 ? 269 HOH A O   1 
HETATM 1342 O  O   . HOH G 3 .   ? 8.577   -6.136  5.509   1.00 31.25 ? 270 HOH A O   1 
HETATM 1343 O  O   . HOH G 3 .   ? -7.941  -7.286  -16.794 1.00 33.40 ? 271 HOH A O   1 
HETATM 1344 O  O   . HOH G 3 .   ? 7.325   -11.176 9.405   1.00 33.70 ? 272 HOH A O   1 
HETATM 1345 O  O   . HOH G 3 .   ? 16.136  -11.500 29.050  1.00 57.90 ? 273 HOH A O   1 
HETATM 1346 O  O   . HOH G 3 .   ? 19.602  0.128   22.784  1.00 43.37 ? 274 HOH A O   1 
HETATM 1347 O  O   . HOH G 3 .   ? 3.215   -9.974  -23.476 1.00 45.75 ? 275 HOH A O   1 
HETATM 1348 O  O   . HOH G 3 .   ? -3.896  1.971   1.620   1.00 56.08 ? 276 HOH A O   1 
HETATM 1349 O  O   . HOH G 3 .   ? -18.858 9.046   -14.814 1.00 56.20 ? 277 HOH A O   1 
HETATM 1350 O  O   . HOH G 3 .   ? 15.401  -17.760 24.075  1.00 46.37 ? 278 HOH A O   1 
HETATM 1351 O  O   . HOH G 3 .   ? -1.628  4.620   13.412  1.00 49.30 ? 279 HOH A O   1 
HETATM 1352 O  O   . HOH G 3 .   ? 18.273  -14.198 19.311  1.00 41.81 ? 280 HOH A O   1 
HETATM 1353 O  O   . HOH G 3 .   ? 20.059  -2.973  24.327  1.00 42.62 ? 281 HOH A O   1 
HETATM 1354 O  O   . HOH G 3 .   ? -5.944  1.754   16.301  1.00 55.32 ? 282 HOH A O   1 
HETATM 1355 O  O   . HOH G 3 .   ? -7.288  -3.961  28.976  1.00 57.02 ? 283 HOH A O   1 
HETATM 1356 O  O   . HOH G 3 .   ? 12.165  -17.517 31.258  1.00 31.80 ? 284 HOH A O   1 
HETATM 1357 O  O   . HOH G 3 .   ? 14.750  -14.764 21.851  1.00 33.34 ? 285 HOH A O   1 
HETATM 1358 O  O   . HOH G 3 .   ? 4.044   -16.435 17.226  1.00 58.26 ? 286 HOH A O   1 
HETATM 1359 O  O   . HOH G 3 .   ? -9.880  10.744  -11.319 1.00 64.30 ? 287 HOH A O   1 
HETATM 1360 O  O   . HOH G 3 .   ? -3.311  19.691  -26.237 1.00 40.23 ? 288 HOH A O   1 
HETATM 1361 O  O   . HOH G 3 .   ? -4.875  -3.869  -31.276 1.00 57.40 ? 289 HOH A O   1 
HETATM 1362 O  O   . HOH G 3 .   ? -24.320 10.566  -9.407  1.00 58.04 ? 290 HOH A O   1 
HETATM 1363 O  O   . HOH G 3 .   ? -2.465  0.887   18.096  1.00 49.54 ? 291 HOH A O   1 
HETATM 1364 O  O   . HOH G 3 .   ? 21.826  -9.787  25.375  1.00 51.09 ? 292 HOH A O   1 
HETATM 1365 O  O   . HOH G 3 .   ? -15.647 14.199  -10.593 1.00 42.00 ? 293 HOH A O   1 
HETATM 1366 O  O   . HOH G 3 .   ? -7.518  -7.687  16.460  1.00 26.64 ? 294 HOH A O   1 
HETATM 1367 O  O   . HOH G 3 .   ? 3.155   -22.627 26.003  1.00 32.62 ? 295 HOH A O   1 
HETATM 1368 O  O   . HOH G 3 .   ? -0.709  2.658   -15.603 1.00 42.43 ? 296 HOH A O   1 
HETATM 1369 O  O   . HOH G 3 .   ? 15.728  -17.349 14.249  1.00 38.28 ? 297 HOH A O   1 
HETATM 1370 O  O   . HOH G 3 .   ? -1.438  10.393  -18.061 1.00 59.62 ? 298 HOH A O   1 
HETATM 1371 O  O   . HOH G 3 .   ? 3.485   18.922  -9.418  1.00 43.04 ? 299 HOH A O   1 
HETATM 1372 O  O   . HOH G 3 .   ? -2.608  -12.382 -20.960 1.00 42.28 ? 300 HOH A O   1 
HETATM 1373 O  O   . HOH G 3 .   ? -0.846  20.921  -14.337 1.00 34.16 ? 301 HOH A O   1 
HETATM 1374 O  O   . HOH G 3 .   ? -10.181 15.460  -25.006 1.00 35.18 ? 302 HOH A O   1 
HETATM 1375 O  O   . HOH G 3 .   ? -11.989 18.241  -7.153  1.00 51.75 ? 303 HOH A O   1 
HETATM 1376 O  O   . HOH G 3 .   ? 1.375   1.353   -5.175  1.00 35.62 ? 304 HOH A O   1 
HETATM 1377 O  O   . HOH G 3 .   ? -1.653  1.881   15.295  1.00 25.95 ? 305 HOH A O   1 
HETATM 1378 O  O   . HOH G 3 .   ? 2.328   3.315   4.874   1.00 48.35 ? 306 HOH A O   1 
HETATM 1379 O  O   . HOH G 3 .   ? -3.283  -0.493  -11.056 1.00 40.20 ? 307 HOH A O   1 
HETATM 1380 O  O   . HOH G 3 .   ? -3.572  -3.150  -3.969  1.00 30.19 ? 308 HOH A O   1 
HETATM 1381 O  O   . HOH G 3 .   ? -14.822 -0.053  -15.686 1.00 22.22 ? 309 HOH A O   1 
HETATM 1382 O  O   . HOH G 3 .   ? 6.842   6.709   34.760  1.00 64.73 ? 310 HOH A O   1 
HETATM 1383 O  O   . HOH G 3 .   ? 5.134   -7.064  4.191   1.00 50.92 ? 311 HOH A O   1 
HETATM 1384 O  O   . HOH G 3 .   ? 2.220   -10.483 -19.299 1.00 61.12 ? 312 HOH A O   1 
HETATM 1385 O  O   . HOH G 3 .   ? 15.751  -6.968  27.902  1.00 21.74 ? 313 HOH A O   1 
HETATM 1386 O  O   . HOH G 3 .   ? -20.893 6.524   -25.375 1.00 38.39 ? 314 HOH A O   1 
HETATM 1387 O  O   . HOH G 3 .   ? -4.832  -7.118  20.603  1.00 60.74 ? 315 HOH A O   1 
HETATM 1388 O  O   . HOH G 3 .   ? 4.106   -3.277  -14.081 1.00 47.06 ? 316 HOH A O   1 
HETATM 1389 O  O   . HOH G 3 .   ? 13.271  -9.982  29.644  1.00 51.60 ? 317 HOH A O   1 
HETATM 1390 O  O   . HOH G 3 .   ? 5.427   -9.132  34.215  1.00 42.79 ? 318 HOH A O   1 
HETATM 1391 O  O   . HOH G 3 .   ? 10.553  -4.720  -0.934  1.00 33.53 ? 319 HOH A O   1 
HETATM 1392 O  O   . HOH G 3 .   ? -6.698  -1.648  12.377  1.00 56.70 ? 320 HOH A O   1 
HETATM 1393 O  O   . HOH G 3 .   ? -2.702  -11.017 -25.007 1.00 32.70 ? 321 HOH A O   1 
HETATM 1394 O  O   . HOH G 3 .   ? -3.649  -2.101  21.330  1.00 63.15 ? 322 HOH A O   1 
HETATM 1395 O  O   . HOH G 3 .   ? 8.180   -21.128 12.705  1.00 49.71 ? 323 HOH A O   1 
HETATM 1396 O  O   . HOH G 3 .   ? 12.678  0.045   -18.925 1.00 37.92 ? 324 HOH A O   1 
HETATM 1397 O  O   . HOH G 3 .   ? -4.240  23.243  -8.519  1.00 31.95 ? 325 HOH A O   1 
HETATM 1398 O  O   . HOH G 3 .   ? 18.218  -12.751 6.782   1.00 41.45 ? 326 HOH A O   1 
HETATM 1399 O  O   . HOH G 3 .   ? -6.277  9.323   -29.709 1.00 68.46 ? 327 HOH A O   1 
HETATM 1400 O  O   . HOH G 3 .   ? -9.613  0.812   -0.409  1.00 60.80 ? 328 HOH A O   1 
HETATM 1401 O  O   . HOH G 3 .   ? 18.853  -7.801  27.808  1.00 46.26 ? 329 HOH A O   1 
HETATM 1402 O  O   . HOH G 3 .   ? -4.910  3.901   -23.823 1.00 56.97 ? 330 HOH A O   1 
HETATM 1403 O  O   . HOH G 3 .   ? -1.678  -7.963  21.024  1.00 15.28 ? 331 HOH A O   1 
HETATM 1404 O  O   . HOH G 3 .   ? 1.665   12.461  -5.114  1.00 46.01 ? 332 HOH A O   1 
HETATM 1405 O  O   . HOH G 3 .   ? 17.199  -12.100 26.943  1.00 57.01 ? 333 HOH A O   1 
HETATM 1406 O  O   . HOH G 3 .   ? -2.298  -6.184  33.846  1.00 62.72 ? 334 HOH A O   1 
HETATM 1407 O  O   . HOH G 3 .   ? -2.709  -3.017  3.379   1.00 66.03 ? 335 HOH A O   1 
HETATM 1408 O  O   . HOH G 3 .   ? 15.407  -19.890 22.387  1.00 54.87 ? 336 HOH A O   1 
HETATM 1409 O  O   . HOH G 3 .   ? 20.787  -6.807  25.998  1.00 55.58 ? 337 HOH A O   1 
HETATM 1410 O  O   . HOH G 3 .   ? -7.382  3.699   -23.542 1.00 44.74 ? 338 HOH A O   1 
HETATM 1411 O  O   . HOH G 3 .   ? 5.809   -9.424  31.739  1.00 45.13 ? 339 HOH A O   1 
HETATM 1412 O  O   . HOH G 3 .   ? -11.140 7.294   -1.807  1.00 57.33 ? 340 HOH A O   1 
HETATM 1413 O  O   . HOH G 3 .   ? 1.747   17.007  -29.043 1.00 57.52 ? 341 HOH A O   1 
HETATM 1414 O  O   . HOH G 3 .   ? 5.855   4.321   27.857  1.00 16.86 ? 342 HOH A O   1 
HETATM 1415 O  O   . HOH G 3 .   ? 12.660  -4.964  -21.961 1.00 46.97 ? 343 HOH A O   1 
HETATM 1416 O  O   . HOH G 3 .   ? -11.837 11.325  -11.129 1.00 45.90 ? 344 HOH A O   1 
HETATM 1417 O  O   . HOH G 3 .   ? 2.336   -2.482  -19.329 1.00 41.04 ? 345 HOH A O   1 
HETATM 1418 O  O   . HOH G 3 .   ? 4.111   -4.363  -0.028  1.00 68.83 ? 346 HOH A O   1 
HETATM 1419 O  O   . HOH G 3 .   ? 9.514   -6.808  38.699  1.00 57.45 ? 347 HOH A O   1 
HETATM 1420 O  O   . HOH G 3 .   ? 18.869  -12.097 15.527  1.00 63.20 ? 348 HOH A O   1 
HETATM 1421 O  O   . HOH G 3 .   ? -9.667  -18.648 26.280  1.00 73.52 ? 349 HOH A O   1 
HETATM 1422 O  O   . HOH G 3 .   ? -0.457  -15.755 13.455  1.00 62.97 ? 350 HOH A O   1 
HETATM 1423 O  O   . HOH G 3 .   ? 7.841   4.497   26.488  1.00 61.65 ? 351 HOH A O   1 
HETATM 1424 O  O   . HOH G 3 .   ? -20.212 10.200  -5.191  1.00 31.37 ? 352 HOH A O   1 
HETATM 1425 O  O   . HOH G 3 .   ? -3.113  -4.560  -0.909  1.00 51.86 ? 353 HOH A O   1 
HETATM 1426 O  O   . HOH G 3 .   ? 17.785  -14.390 9.748   1.00 57.99 ? 354 HOH A O   1 
HETATM 1427 O  O   . HOH G 3 .   ? 20.697  -15.432 22.903  1.00 75.48 ? 355 HOH A O   1 
HETATM 1428 O  O   . HOH G 3 .   ? -8.340  -14.446 26.102  1.00 57.01 ? 356 HOH A O   1 
HETATM 1429 O  O   . HOH G 3 .   ? 4.512   16.457  -29.259 1.00 58.06 ? 357 HOH A O   1 
HETATM 1430 O  O   . HOH G 3 .   ? 16.786  -11.353 24.612  1.00 41.25 ? 358 HOH A O   1 
HETATM 1431 O  O   . HOH G 3 .   ? 20.493  -12.367 19.131  1.00 65.87 ? 359 HOH A O   1 
HETATM 1432 O  O   . HOH G 3 .   ? -4.653  -16.931 15.380  1.00 65.43 ? 360 HOH A O   1 
HETATM 1433 O  O   . HOH G 3 .   ? -0.179  -7.760  34.397  1.00 53.94 ? 361 HOH A O   1 
# 
